data_7C3F
#
_entry.id   7C3F
#
_cell.length_a   174.262
_cell.length_b   137.209
_cell.length_c   192.457
_cell.angle_alpha   90.000
_cell.angle_beta   90.210
_cell.angle_gamma   90.000
#
_symmetry.space_group_name_H-M   'C 1 2 1'
#
loop_
_entity.id
_entity.type
_entity.pdbx_description
1 polymer 'Ferredoxin-thioredoxin reductase catalytic chain, chloroplastic'
2 polymer 'Ferredoxin-thioredoxin reductase variable chain, chloroplastic'
3 polymer 'Thioredoxin M2, chloroplastic'
4 non-polymer 'IRON/SULFUR CLUSTER'
5 non-polymer 'SODIUM ION'
6 water water
#
loop_
_entity_poly.entity_id
_entity_poly.type
_entity_poly.pdbx_seq_one_letter_code
_entity_poly.pdbx_strand_id
1 'polypeptide(L)'
;AKTEPSEKSVEIMRKFSEQYARRSGTYFCVDKGVTSVVIKGLAEHKDSYGAPLCPCRHYDDKAAEVGQGFWNCPCVPMRE
RKECHCMLFLTPDNDFAGKDQTITSDEIKETTANM
;
A,D,G,J,M,P,S,V
2 'polypeptide(L)'
;DIAVKSAASVDADADLSSSTSLETEEDEKAKEKIGARVRVTVPLKVYHVVRVPEVELMGMEGFIKDYVVLWKGKKISANL
PFKVQFVKEIEGRGPVKFFTHLKEDEFELIDP
;
B,E,H,K,N,Q,T
3 'polypeptide(L)'
;CEAQETTTDIQVVNDSTWDSLVLKATGPVVVDFWAPWCGPSKMIDPLVNDLAQHYTGKIKFYKLNTDESPNTPGQYGVRS
IPTIMIFVGGEKKDTIIGAVPKTTLTSSLDKFLP
;
C,F,I,L,O,R,U,W
#
loop_
_chem_comp.id
_chem_comp.type
_chem_comp.name
_chem_comp.formula
NA non-polymer 'SODIUM ION' 'Na 1'
SF4 non-polymer 'IRON/SULFUR CLUSTER' 'Fe4 S4'
#
# COMPACT_ATOMS: atom_id res chain seq x y z
N THR A 3 -2.90 30.77 5.32
CA THR A 3 -1.94 31.80 5.70
C THR A 3 -2.36 33.16 5.17
N GLU A 4 -2.95 33.18 3.98
CA GLU A 4 -3.36 34.47 3.44
C GLU A 4 -4.83 34.71 3.70
N PRO A 5 -5.23 35.92 4.09
CA PRO A 5 -6.63 36.17 4.40
C PRO A 5 -7.47 36.25 3.15
N SER A 6 -8.72 35.79 3.27
CA SER A 6 -9.67 35.90 2.17
C SER A 6 -9.98 37.36 1.87
N GLU A 7 -10.32 37.64 0.62
CA GLU A 7 -10.62 39.01 0.23
C GLU A 7 -11.89 39.52 0.87
N LYS A 8 -12.75 38.62 1.37
CA LYS A 8 -13.95 39.06 2.08
C LYS A 8 -13.59 39.69 3.42
N SER A 9 -12.62 39.12 4.13
CA SER A 9 -12.23 39.68 5.42
C SER A 9 -11.38 40.93 5.27
N VAL A 10 -10.54 40.98 4.23
CA VAL A 10 -9.72 42.17 3.98
C VAL A 10 -10.61 43.36 3.67
N GLU A 11 -11.62 43.16 2.81
CA GLU A 11 -12.50 44.26 2.44
C GLU A 11 -13.33 44.74 3.62
N ILE A 12 -13.74 43.83 4.51
CA ILE A 12 -14.44 44.24 5.72
C ILE A 12 -13.55 45.12 6.59
N MET A 13 -12.32 44.65 6.85
CA MET A 13 -11.41 45.40 7.71
C MET A 13 -10.94 46.68 7.05
N ARG A 14 -10.79 46.68 5.72
CA ARG A 14 -10.44 47.92 5.03
C ARG A 14 -11.54 48.96 5.20
N LYS A 15 -12.80 48.55 5.04
CA LYS A 15 -13.91 49.49 5.18
C LYS A 15 -14.09 49.94 6.62
N PHE A 16 -13.83 49.04 7.58
CA PHE A 16 -13.91 49.44 8.98
C PHE A 16 -12.85 50.48 9.32
N SER A 17 -11.63 50.30 8.80
CA SER A 17 -10.52 51.19 9.16
C SER A 17 -10.75 52.58 8.59
N GLU A 18 -11.25 52.68 7.37
CA GLU A 18 -11.63 53.98 6.82
C GLU A 18 -12.71 54.62 7.68
N GLN A 19 -13.68 53.83 8.13
CA GLN A 19 -14.79 54.38 8.90
C GLN A 19 -14.36 54.69 10.33
N TYR A 20 -13.46 53.88 10.89
CA TYR A 20 -13.01 54.17 12.25
C TYR A 20 -12.06 55.36 12.28
N ALA A 21 -11.33 55.61 11.19
CA ALA A 21 -10.38 56.72 11.16
C ALA A 21 -11.08 58.08 11.22
N ARG A 22 -12.17 58.25 10.44
CA ARG A 22 -12.89 59.53 10.46
C ARG A 22 -13.60 59.72 11.76
N ARG A 23 -14.10 58.62 12.31
CA ARG A 23 -14.95 58.67 13.49
C ARG A 23 -14.12 58.90 14.75
N SER A 24 -12.85 58.49 14.74
CA SER A 24 -11.94 58.77 15.83
C SER A 24 -11.08 60.01 15.60
N GLY A 25 -11.16 60.63 14.43
CA GLY A 25 -10.27 61.74 14.13
C GLY A 25 -8.81 61.34 14.04
N THR A 26 -8.53 60.16 13.47
CA THR A 26 -7.17 59.65 13.31
C THR A 26 -6.87 59.44 11.84
N TYR A 27 -5.60 59.29 11.53
CA TYR A 27 -5.14 59.23 10.15
C TYR A 27 -4.17 58.06 9.97
N PHE A 28 -4.12 57.55 8.74
CA PHE A 28 -3.22 56.45 8.43
C PHE A 28 -1.77 56.95 8.37
N CYS A 29 -0.85 55.99 8.51
CA CYS A 29 0.57 56.31 8.59
C CYS A 29 1.10 56.73 7.23
N VAL A 30 2.17 57.52 7.22
CA VAL A 30 2.74 57.97 5.96
C VAL A 30 3.25 56.78 5.16
N ASP A 31 3.70 55.74 5.84
CA ASP A 31 4.02 54.45 5.22
C ASP A 31 2.72 53.67 5.08
N LYS A 32 2.14 53.68 3.89
CA LYS A 32 0.88 52.98 3.70
C LYS A 32 1.07 51.47 3.60
N GLY A 33 2.33 51.01 3.57
CA GLY A 33 2.58 49.59 3.73
C GLY A 33 2.23 49.09 5.13
N VAL A 34 2.49 49.91 6.14
CA VAL A 34 2.09 49.56 7.50
C VAL A 34 0.58 49.39 7.57
N THR A 35 -0.15 50.34 6.98
CA THR A 35 -1.61 50.28 7.00
C THR A 35 -2.13 49.01 6.33
N SER A 36 -1.64 48.71 5.13
CA SER A 36 -2.13 47.54 4.41
C SER A 36 -1.79 46.25 5.14
N VAL A 37 -0.56 46.14 5.65
CA VAL A 37 -0.13 44.93 6.32
C VAL A 37 -0.97 44.69 7.58
N VAL A 38 -1.19 45.75 8.37
CA VAL A 38 -1.97 45.59 9.60
C VAL A 38 -3.41 45.19 9.28
N ILE A 39 -4.01 45.81 8.27
CA ILE A 39 -5.36 45.46 7.87
C ILE A 39 -5.44 43.99 7.49
N LYS A 40 -4.45 43.51 6.71
CA LYS A 40 -4.42 42.10 6.35
C LYS A 40 -4.23 41.22 7.58
N GLY A 41 -3.46 41.69 8.56
CA GLY A 41 -3.30 40.92 9.78
C GLY A 41 -4.59 40.83 10.58
N LEU A 42 -5.35 41.92 10.64
CA LEU A 42 -6.67 41.88 11.24
C LEU A 42 -7.58 40.92 10.48
N ALA A 43 -7.55 40.96 9.15
CA ALA A 43 -8.39 40.09 8.35
C ALA A 43 -8.05 38.62 8.60
N GLU A 44 -6.76 38.29 8.67
CA GLU A 44 -6.37 36.90 8.89
C GLU A 44 -6.82 36.40 10.25
N HIS A 45 -6.67 37.24 11.29
CA HIS A 45 -7.12 36.82 12.61
C HIS A 45 -8.64 36.68 12.67
N LYS A 46 -9.37 37.53 11.94
CA LYS A 46 -10.82 37.39 11.90
C LYS A 46 -11.21 36.10 11.18
N ASP A 47 -10.43 35.71 10.16
CA ASP A 47 -10.69 34.45 9.48
C ASP A 47 -10.49 33.26 10.41
N SER A 48 -9.43 33.28 11.21
CA SER A 48 -9.06 32.09 11.97
C SER A 48 -9.77 32.00 13.32
N TYR A 49 -10.19 33.13 13.90
CA TYR A 49 -10.84 33.11 15.21
C TYR A 49 -12.16 33.87 15.27
N GLY A 50 -12.61 34.47 14.18
CA GLY A 50 -13.89 35.16 14.17
C GLY A 50 -13.86 36.59 14.66
N ALA A 51 -12.72 37.08 15.12
CA ALA A 51 -12.60 38.46 15.59
C ALA A 51 -11.26 39.01 15.14
N PRO A 52 -11.18 40.31 14.84
CA PRO A 52 -9.91 40.87 14.36
C PRO A 52 -8.96 41.17 15.52
N LEU A 53 -8.35 40.10 16.03
CA LEU A 53 -7.35 40.21 17.08
C LEU A 53 -6.18 41.06 16.58
N CYS A 54 -5.56 41.79 17.50
CA CYS A 54 -4.48 42.68 17.12
C CYS A 54 -3.33 41.89 16.53
N PRO A 55 -2.80 42.30 15.38
CA PRO A 55 -1.71 41.55 14.73
C PRO A 55 -0.31 41.92 15.19
N CYS A 56 -0.17 42.88 16.10
CA CYS A 56 1.13 43.25 16.63
C CYS A 56 1.24 42.90 18.11
N ARG A 57 0.53 41.86 18.53
CA ARG A 57 0.67 41.30 19.86
C ARG A 57 0.90 39.80 19.72
N HIS A 58 1.69 39.25 20.65
CA HIS A 58 1.86 37.80 20.75
C HIS A 58 0.99 37.29 21.89
N TYR A 59 0.20 36.25 21.61
CA TYR A 59 -0.73 35.71 22.59
C TYR A 59 -0.33 34.29 22.98
N ASP A 60 -0.71 33.92 24.20
CA ASP A 60 -0.62 32.54 24.65
C ASP A 60 -1.90 31.76 24.35
N ASP A 61 -3.05 32.44 24.38
CA ASP A 61 -4.35 31.80 24.26
C ASP A 61 -5.23 32.72 23.40
N LYS A 62 -5.14 32.53 22.07
CA LYS A 62 -5.84 33.42 21.15
C LYS A 62 -7.35 33.29 21.29
N ALA A 63 -7.85 32.08 21.55
CA ALA A 63 -9.30 31.90 21.73
C ALA A 63 -9.79 32.66 22.96
N ALA A 64 -9.03 32.61 24.06
CA ALA A 64 -9.42 33.35 25.25
C ALA A 64 -9.34 34.86 25.00
N GLU A 65 -8.32 35.32 24.27
CA GLU A 65 -8.21 36.73 23.96
C GLU A 65 -9.43 37.23 23.18
N VAL A 66 -9.85 36.45 22.17
CA VAL A 66 -11.04 36.81 21.41
C VAL A 66 -12.26 36.85 22.31
N GLY A 67 -12.35 35.91 23.27
CA GLY A 67 -13.50 35.86 24.14
C GLY A 67 -13.58 37.05 25.08
N GLN A 68 -12.45 37.38 25.73
CA GLN A 68 -12.43 38.54 26.62
C GLN A 68 -12.61 39.84 25.85
N GLY A 69 -11.92 39.98 24.70
CA GLY A 69 -12.16 41.08 23.80
C GLY A 69 -11.22 42.26 23.94
N PHE A 70 -10.32 42.26 24.92
CA PHE A 70 -9.42 43.39 25.13
C PHE A 70 -8.66 43.77 23.87
N TRP A 71 -8.13 42.77 23.15
CA TRP A 71 -7.30 43.02 21.97
C TRP A 71 -8.05 42.81 20.66
N ASN A 72 -9.37 42.70 20.69
CA ASN A 72 -10.14 42.71 19.46
C ASN A 72 -10.22 44.14 18.93
N CYS A 73 -9.85 44.33 17.67
CA CYS A 73 -9.73 45.67 17.13
C CYS A 73 -11.11 46.30 16.95
N PRO A 74 -11.32 47.56 17.36
CA PRO A 74 -10.35 48.41 18.08
C PRO A 74 -10.11 47.99 19.52
N CYS A 75 -8.85 47.66 19.85
CA CYS A 75 -8.45 47.34 21.21
C CYS A 75 -8.90 48.42 22.20
N VAL A 76 -9.15 47.99 23.43
CA VAL A 76 -9.36 48.85 24.60
C VAL A 76 -8.44 50.07 24.61
N PRO A 77 -7.11 49.93 24.48
CA PRO A 77 -6.27 51.14 24.47
C PRO A 77 -6.60 52.13 23.37
N MET A 78 -7.04 51.66 22.20
CA MET A 78 -7.42 52.57 21.14
C MET A 78 -8.78 53.20 21.42
N ARG A 79 -9.74 52.41 21.90
CA ARG A 79 -11.06 52.94 22.20
C ARG A 79 -11.01 53.97 23.33
N GLU A 80 -10.18 53.72 24.34
CA GLU A 80 -10.18 54.57 25.51
C GLU A 80 -9.15 55.70 25.40
N ARG A 81 -7.94 55.41 24.93
CA ARG A 81 -6.88 56.40 24.92
C ARG A 81 -6.42 56.81 23.53
N LYS A 82 -7.08 56.32 22.47
CA LYS A 82 -6.67 56.59 21.09
C LYS A 82 -5.22 56.17 20.84
N GLU A 83 -4.76 55.13 21.52
CA GLU A 83 -3.42 54.59 21.36
C GLU A 83 -3.49 53.33 20.50
N CYS A 84 -2.85 53.38 19.33
CA CYS A 84 -2.80 52.25 18.40
C CYS A 84 -1.34 51.95 18.10
N HIS A 85 -0.81 50.86 18.69
CA HIS A 85 0.61 50.55 18.57
C HIS A 85 0.95 49.78 17.30
N CYS A 86 -0.05 49.40 16.49
CA CYS A 86 0.24 48.91 15.15
C CYS A 86 0.37 50.03 14.15
N MET A 87 0.22 51.28 14.61
CA MET A 87 0.32 52.46 13.76
C MET A 87 -0.66 52.37 12.59
N LEU A 88 -1.84 51.82 12.88
CA LEU A 88 -2.95 51.86 11.92
C LEU A 88 -3.72 53.17 12.05
N PHE A 89 -4.11 53.54 13.26
CA PHE A 89 -4.82 54.78 13.54
C PHE A 89 -3.88 55.68 14.32
N LEU A 90 -3.47 56.79 13.72
CA LEU A 90 -2.51 57.72 14.31
C LEU A 90 -3.16 59.08 14.52
N THR A 91 -2.94 59.66 15.70
CA THR A 91 -3.42 61.00 15.97
C THR A 91 -2.62 62.02 15.16
N PRO A 92 -3.22 63.17 14.82
CA PRO A 92 -2.54 64.12 13.93
C PRO A 92 -1.21 64.64 14.46
N ASP A 93 -1.02 64.65 15.78
CA ASP A 93 0.24 65.11 16.37
C ASP A 93 1.36 64.06 16.28
N ASN A 94 1.07 62.90 15.72
CA ASN A 94 2.09 61.86 15.56
C ASN A 94 2.95 62.15 14.34
N ASP A 95 4.28 62.05 14.52
CA ASP A 95 5.20 62.35 13.43
C ASP A 95 5.02 61.44 12.22
N PHE A 96 4.43 60.27 12.40
CA PHE A 96 4.18 59.34 11.31
C PHE A 96 2.77 59.42 10.76
N ALA A 97 1.93 60.31 11.30
CA ALA A 97 0.58 60.45 10.79
C ALA A 97 0.59 61.15 9.45
N GLY A 98 -0.03 60.53 8.46
CA GLY A 98 -0.25 61.16 7.17
C GLY A 98 -1.45 62.09 7.22
N LYS A 99 -2.04 62.31 6.05
CA LYS A 99 -3.23 63.14 5.93
C LYS A 99 -4.42 62.40 5.35
N ASP A 100 -4.30 61.10 5.10
CA ASP A 100 -5.37 60.32 4.49
C ASP A 100 -6.15 59.56 5.55
N GLN A 101 -7.47 59.50 5.37
CA GLN A 101 -8.33 58.59 6.12
C GLN A 101 -8.96 57.56 5.20
N THR A 102 -8.37 57.34 4.04
CA THR A 102 -8.87 56.39 3.06
C THR A 102 -7.72 55.50 2.60
N ILE A 103 -8.05 54.27 2.26
CA ILE A 103 -7.10 53.37 1.63
C ILE A 103 -7.89 52.46 0.72
N THR A 104 -7.63 52.52 -0.58
CA THR A 104 -8.40 51.74 -1.53
C THR A 104 -7.95 50.29 -1.49
N SER A 105 -8.80 49.41 -2.04
CA SER A 105 -8.44 48.01 -2.13
C SER A 105 -7.30 47.82 -3.12
N ASP A 106 -7.16 48.72 -4.08
CA ASP A 106 -6.03 48.67 -5.00
C ASP A 106 -4.72 49.01 -4.29
N GLU A 107 -4.76 49.95 -3.34
CA GLU A 107 -3.55 50.30 -2.59
C GLU A 107 -3.05 49.11 -1.79
N ILE A 108 -3.95 48.37 -1.16
CA ILE A 108 -3.57 47.20 -0.39
C ILE A 108 -3.00 46.11 -1.29
N LYS A 109 -3.49 46.00 -2.53
CA LYS A 109 -3.06 44.90 -3.39
C LYS A 109 -1.67 45.12 -3.96
N GLU A 110 -1.33 46.36 -4.31
CA GLU A 110 -0.01 46.64 -4.84
C GLU A 110 1.03 46.78 -3.73
N THR A 111 0.62 47.29 -2.57
CA THR A 111 1.56 47.48 -1.47
C THR A 111 2.00 46.15 -0.87
N THR A 112 1.07 45.20 -0.75
CA THR A 112 1.38 43.90 -0.17
C THR A 112 1.78 42.86 -1.22
N ALA A 113 2.02 43.27 -2.45
CA ALA A 113 2.42 42.31 -3.48
C ALA A 113 3.77 41.69 -3.13
N ASN A 114 3.94 40.42 -3.52
CA ASN A 114 5.13 39.63 -3.24
C ASN A 114 5.40 39.44 -1.75
N MET A 115 4.39 39.60 -0.90
CA MET A 115 4.55 39.36 0.53
C MET A 115 4.16 37.93 0.90
N THR B 24 1.66 33.19 39.95
CA THR B 24 0.32 33.63 40.30
C THR B 24 0.37 34.46 41.58
N GLU B 25 1.57 34.88 41.93
CA GLU B 25 1.76 35.68 43.14
C GLU B 25 1.64 37.16 42.85
N GLU B 26 1.74 37.57 41.59
CA GLU B 26 1.34 38.92 41.20
C GLU B 26 -0.13 38.94 40.79
N ASP B 27 -0.67 37.81 40.37
CA ASP B 27 -2.10 37.76 40.08
C ASP B 27 -2.92 37.70 41.38
N GLU B 28 -2.40 37.03 42.42
CA GLU B 28 -3.12 36.96 43.68
C GLU B 28 -3.04 38.27 44.45
N LYS B 29 -1.91 38.96 44.34
CA LYS B 29 -1.77 40.32 44.84
C LYS B 29 -2.71 41.28 44.13
N ALA B 30 -2.92 41.08 42.83
CA ALA B 30 -3.75 42.01 42.09
C ALA B 30 -5.21 41.75 42.36
N LYS B 31 -5.56 40.48 42.50
CA LYS B 31 -6.94 40.13 42.79
C LYS B 31 -7.41 40.71 44.10
N GLU B 32 -6.50 40.87 45.08
CA GLU B 32 -6.88 41.43 46.36
C GLU B 32 -7.38 42.86 46.22
N LYS B 33 -6.86 43.60 45.25
CA LYS B 33 -7.21 45.00 45.07
C LYS B 33 -8.57 45.20 44.44
N ILE B 34 -9.24 44.14 43.99
CA ILE B 34 -10.57 44.29 43.41
C ILE B 34 -11.52 44.84 44.45
N GLY B 35 -12.30 45.85 44.06
CA GLY B 35 -13.21 46.51 44.98
C GLY B 35 -12.61 47.65 45.78
N ALA B 36 -11.29 47.81 45.77
CA ALA B 36 -10.66 48.86 46.54
C ALA B 36 -10.81 50.20 45.83
N ARG B 37 -10.84 51.26 46.64
CA ARG B 37 -10.97 52.61 46.09
C ARG B 37 -9.62 53.12 45.63
N VAL B 38 -9.61 53.77 44.47
CA VAL B 38 -8.38 54.27 43.87
C VAL B 38 -8.58 55.71 43.43
N ARG B 39 -7.45 56.39 43.18
CA ARG B 39 -7.46 57.73 42.63
C ARG B 39 -6.37 57.82 41.58
N VAL B 40 -6.67 58.49 40.47
CA VAL B 40 -5.74 58.57 39.36
C VAL B 40 -4.67 59.59 39.68
N THR B 41 -3.40 59.21 39.53
CA THR B 41 -2.27 60.04 39.93
C THR B 41 -1.52 60.64 38.76
N VAL B 42 -1.87 60.31 37.53
CA VAL B 42 -1.14 60.78 36.35
C VAL B 42 -2.13 61.41 35.38
N PRO B 43 -1.70 62.39 34.58
CA PRO B 43 -2.63 62.95 33.59
C PRO B 43 -2.95 61.91 32.54
N LEU B 44 -4.23 61.85 32.18
CA LEU B 44 -4.72 60.79 31.30
C LEU B 44 -6.07 61.20 30.75
N LYS B 45 -6.21 61.20 29.43
CA LYS B 45 -7.46 61.56 28.78
C LYS B 45 -8.06 60.34 28.09
N VAL B 46 -9.37 60.18 28.22
CA VAL B 46 -10.09 59.07 27.62
C VAL B 46 -11.21 59.62 26.76
N TYR B 47 -11.60 58.85 25.74
CA TYR B 47 -12.48 59.32 24.69
C TYR B 47 -13.73 58.46 24.49
N HIS B 48 -13.96 57.50 25.38
CA HIS B 48 -15.04 56.54 25.20
C HIS B 48 -16.27 56.84 26.07
N VAL B 49 -16.20 57.83 26.96
CA VAL B 49 -17.35 58.14 27.78
C VAL B 49 -18.47 58.60 26.88
N VAL B 50 -19.67 58.06 27.10
CA VAL B 50 -20.75 58.22 26.13
C VAL B 50 -21.19 59.68 26.08
N ARG B 51 -21.19 60.25 24.88
CA ARG B 51 -21.60 61.63 24.63
C ARG B 51 -20.78 62.64 25.43
N VAL B 52 -19.62 62.23 25.93
CA VAL B 52 -18.64 63.17 26.46
C VAL B 52 -17.38 62.94 25.63
N PRO B 53 -17.03 63.85 24.72
CA PRO B 53 -15.95 63.55 23.77
C PRO B 53 -14.59 63.37 24.41
N GLU B 54 -14.35 64.00 25.57
CA GLU B 54 -13.03 63.94 26.18
C GLU B 54 -13.18 64.14 27.69
N VAL B 55 -12.47 63.31 28.45
CA VAL B 55 -12.48 63.35 29.91
C VAL B 55 -11.06 63.26 30.41
N GLU B 56 -10.67 64.18 31.27
CA GLU B 56 -9.38 64.12 31.94
C GLU B 56 -9.58 63.41 33.28
N LEU B 57 -8.78 62.39 33.54
CA LEU B 57 -8.99 61.52 34.69
C LEU B 57 -8.05 61.81 35.84
N MET B 58 -7.16 62.80 35.70
CA MET B 58 -6.19 63.13 36.73
C MET B 58 -6.86 63.67 37.99
N GLY B 59 -6.94 62.85 39.02
CA GLY B 59 -7.44 63.29 40.30
C GLY B 59 -8.78 62.69 40.65
N MET B 60 -9.39 62.02 39.69
CA MET B 60 -10.70 61.43 39.88
C MET B 60 -10.57 60.17 40.73
N GLU B 61 -11.68 59.82 41.38
CA GLU B 61 -11.69 58.69 42.30
C GLU B 61 -12.77 57.71 41.87
N GLY B 62 -12.45 56.44 42.01
CA GLY B 62 -13.36 55.37 41.70
C GLY B 62 -12.93 54.15 42.45
N PHE B 63 -13.40 53.00 42.00
CA PHE B 63 -13.00 51.74 42.61
C PHE B 63 -12.79 50.70 41.53
N ILE B 64 -11.94 49.71 41.84
CA ILE B 64 -11.60 48.64 40.91
C ILE B 64 -12.75 47.65 40.85
N LYS B 65 -13.30 47.45 39.65
CA LYS B 65 -14.38 46.48 39.49
C LYS B 65 -13.89 45.12 39.01
N ASP B 66 -12.68 45.04 38.46
CA ASP B 66 -12.19 43.76 37.97
C ASP B 66 -10.71 43.83 37.65
N TYR B 67 -10.06 42.68 37.73
CA TYR B 67 -8.70 42.46 37.25
C TYR B 67 -8.85 41.60 35.99
N VAL B 68 -8.88 42.26 34.82
CA VAL B 68 -9.32 41.59 33.60
C VAL B 68 -8.28 40.65 33.01
N VAL B 69 -7.11 40.53 33.64
CA VAL B 69 -6.14 39.52 33.23
C VAL B 69 -6.72 38.13 33.41
N LEU B 70 -7.55 37.93 34.44
CA LEU B 70 -8.18 36.65 34.69
C LEU B 70 -9.59 36.69 34.12
N TRP B 71 -9.93 35.69 33.31
CA TRP B 71 -11.21 35.69 32.61
C TRP B 71 -11.64 34.24 32.44
N LYS B 72 -12.66 33.83 33.18
CA LYS B 72 -13.26 32.50 33.06
C LYS B 72 -12.21 31.40 33.16
N GLY B 73 -11.33 31.53 34.15
CA GLY B 73 -10.28 30.57 34.41
C GLY B 73 -9.07 30.68 33.52
N LYS B 74 -9.12 31.48 32.46
CA LYS B 74 -8.01 31.66 31.54
C LYS B 74 -7.32 33.00 31.78
N LYS B 75 -6.15 33.16 31.18
CA LYS B 75 -5.34 34.36 31.37
C LYS B 75 -5.26 35.15 30.07
N ILE B 76 -5.39 36.47 30.20
CA ILE B 76 -5.44 37.39 29.07
C ILE B 76 -4.24 38.32 29.19
N SER B 77 -3.65 38.69 28.05
CA SER B 77 -2.46 39.55 28.05
C SER B 77 -2.84 41.02 27.91
N ALA B 78 -3.64 41.50 28.85
CA ALA B 78 -4.10 42.89 28.80
C ALA B 78 -3.05 43.79 29.46
N ASN B 79 -2.65 44.84 28.75
CA ASN B 79 -1.64 45.75 29.27
C ASN B 79 -2.22 46.78 30.23
N LEU B 80 -3.55 46.95 30.26
CA LEU B 80 -4.23 47.82 31.21
C LEU B 80 -5.20 46.93 31.99
N PRO B 81 -4.70 46.21 33.00
CA PRO B 81 -5.47 45.08 33.55
C PRO B 81 -6.59 45.46 34.51
N PHE B 82 -6.59 46.66 35.08
CA PHE B 82 -7.57 47.02 36.11
C PHE B 82 -8.71 47.83 35.49
N LYS B 83 -9.88 47.20 35.41
CA LYS B 83 -11.10 47.87 34.96
C LYS B 83 -11.68 48.64 36.16
N VAL B 84 -11.67 49.96 36.08
CA VAL B 84 -12.03 50.83 37.19
C VAL B 84 -13.33 51.56 36.85
N GLN B 85 -14.28 51.53 37.76
CA GLN B 85 -15.55 52.24 37.60
C GLN B 85 -15.42 53.66 38.11
N PHE B 86 -15.83 54.61 37.26
CA PHE B 86 -15.87 56.02 37.61
C PHE B 86 -17.28 56.54 37.37
N VAL B 87 -17.68 57.51 38.18
CA VAL B 87 -18.89 58.28 37.93
C VAL B 87 -18.47 59.75 37.87
N LYS B 88 -18.90 60.45 36.84
CA LYS B 88 -18.54 61.85 36.67
C LYS B 88 -19.79 62.68 36.48
N GLU B 89 -19.79 63.86 37.07
CA GLU B 89 -20.93 64.74 37.07
C GLU B 89 -20.86 65.60 35.81
N ILE B 90 -21.94 65.57 35.03
CA ILE B 90 -21.99 66.33 33.77
C ILE B 90 -23.05 67.40 33.93
N GLU B 91 -22.67 68.63 33.63
CA GLU B 91 -23.57 69.77 33.81
C GLU B 91 -24.73 69.69 32.83
N GLY B 92 -25.95 69.87 33.35
CA GLY B 92 -27.12 69.77 32.51
C GLY B 92 -27.68 68.37 32.34
N ARG B 93 -27.02 67.35 32.86
CA ARG B 93 -27.42 65.98 32.53
C ARG B 93 -27.41 65.02 33.71
N GLY B 94 -26.44 65.14 34.62
CA GLY B 94 -26.40 64.22 35.73
C GLY B 94 -25.21 63.28 35.68
N PRO B 95 -25.02 62.50 36.73
CA PRO B 95 -23.85 61.62 36.80
C PRO B 95 -23.85 60.55 35.72
N VAL B 96 -22.79 60.53 34.92
CA VAL B 96 -22.55 59.49 33.92
C VAL B 96 -21.59 58.46 34.52
N LYS B 97 -21.96 57.19 34.43
CA LYS B 97 -21.12 56.09 34.88
C LYS B 97 -20.36 55.45 33.72
N PHE B 98 -19.07 55.16 33.93
CA PHE B 98 -18.25 54.58 32.89
C PHE B 98 -17.10 53.80 33.50
N PHE B 99 -16.50 52.93 32.68
CA PHE B 99 -15.30 52.17 33.04
C PHE B 99 -14.11 52.60 32.18
N THR B 100 -12.92 52.55 32.78
CA THR B 100 -11.66 52.74 32.08
C THR B 100 -10.61 51.82 32.68
N HIS B 101 -9.80 51.21 31.81
CA HIS B 101 -8.75 50.30 32.25
C HIS B 101 -7.48 51.07 32.58
N LEU B 102 -6.85 50.71 33.70
CA LEU B 102 -5.68 51.42 34.18
C LEU B 102 -4.56 50.45 34.54
N LYS B 103 -3.34 50.98 34.55
CA LYS B 103 -2.16 50.30 35.05
C LYS B 103 -1.89 50.65 36.50
N GLU B 104 -1.09 49.80 37.15
CA GLU B 104 -0.93 49.88 38.59
C GLU B 104 -0.28 51.20 38.98
N ASP B 105 0.66 51.68 38.17
CA ASP B 105 1.42 52.91 38.32
C ASP B 105 0.65 54.17 37.92
N GLU B 106 -0.61 54.05 37.52
CA GLU B 106 -1.40 55.21 37.11
C GLU B 106 -2.40 55.63 38.17
N PHE B 107 -2.47 54.90 39.28
CA PHE B 107 -3.39 55.24 40.35
C PHE B 107 -2.77 54.88 41.69
N GLU B 108 -3.33 55.46 42.74
CA GLU B 108 -2.99 55.12 44.11
C GLU B 108 -4.23 54.60 44.82
N LEU B 109 -4.03 53.67 45.75
CA LEU B 109 -5.13 53.24 46.58
C LEU B 109 -5.46 54.31 47.61
N ILE B 110 -6.72 54.36 48.02
CA ILE B 110 -7.16 55.30 49.03
C ILE B 110 -7.28 54.52 50.32
N ASP B 111 -6.95 55.18 51.44
CA ASP B 111 -6.80 54.58 52.78
C ASP B 111 -6.65 53.06 52.80
N THR C 7 24.46 40.30 -0.63
CA THR C 7 23.79 40.47 0.66
C THR C 7 23.70 39.14 1.41
N THR C 8 23.93 39.18 2.72
CA THR C 8 23.70 38.03 3.59
C THR C 8 22.65 38.44 4.62
N ASP C 9 21.49 37.80 4.57
CA ASP C 9 20.36 38.19 5.39
C ASP C 9 20.54 37.72 6.83
N ILE C 10 19.88 38.42 7.75
CA ILE C 10 20.06 38.14 9.16
C ILE C 10 19.62 36.72 9.47
N GLN C 11 20.40 36.02 10.29
CA GLN C 11 20.14 34.62 10.55
C GLN C 11 18.85 34.44 11.34
N VAL C 12 18.12 33.38 11.01
CA VAL C 12 16.87 33.03 11.69
C VAL C 12 17.19 32.24 12.96
N VAL C 13 16.42 32.50 14.02
CA VAL C 13 16.45 31.69 15.23
C VAL C 13 15.05 31.19 15.54
N ASN C 14 14.97 29.99 16.11
CA ASN C 14 13.69 29.33 16.39
C ASN C 14 13.69 28.80 17.82
N ASP C 15 12.53 28.26 18.22
CA ASP C 15 12.43 27.62 19.52
C ASP C 15 13.42 26.47 19.65
N SER C 16 13.54 25.66 18.59
CA SER C 16 14.45 24.51 18.64
C SER C 16 15.90 24.93 18.78
N THR C 17 16.28 26.07 18.19
CA THR C 17 17.66 26.51 18.15
C THR C 17 17.99 27.61 19.15
N TRP C 18 17.03 28.01 19.99
CA TRP C 18 17.25 29.13 20.90
C TRP C 18 18.41 28.87 21.85
N ASP C 19 18.45 27.67 22.43
CA ASP C 19 19.49 27.35 23.40
C ASP C 19 20.88 27.42 22.80
N SER C 20 21.06 26.79 21.64
CA SER C 20 22.40 26.70 21.04
C SER C 20 22.83 28.02 20.40
N LEU C 21 21.90 28.76 19.78
CA LEU C 21 22.28 29.96 19.05
C LEU C 21 22.33 31.22 19.92
N VAL C 22 21.50 31.31 20.96
CA VAL C 22 21.40 32.52 21.78
C VAL C 22 21.95 32.29 23.18
N LEU C 23 21.43 31.29 23.89
CA LEU C 23 21.80 31.11 25.30
C LEU C 23 23.25 30.69 25.45
N LYS C 24 23.76 29.87 24.53
CA LYS C 24 25.12 29.37 24.60
C LYS C 24 26.09 30.16 23.74
N ALA C 25 25.68 31.32 23.23
CA ALA C 25 26.56 32.13 22.40
C ALA C 25 27.56 32.90 23.27
N THR C 26 28.65 33.33 22.64
CA THR C 26 29.64 34.17 23.28
C THR C 26 29.53 35.58 22.71
N GLY C 27 29.51 36.57 23.60
CA GLY C 27 29.35 37.95 23.18
C GLY C 27 27.89 38.32 23.10
N PRO C 28 27.61 39.61 22.83
CA PRO C 28 26.23 40.07 22.79
C PRO C 28 25.47 39.50 21.60
N VAL C 29 24.21 39.16 21.83
CA VAL C 29 23.31 38.67 20.79
C VAL C 29 22.06 39.52 20.83
N VAL C 30 21.64 40.02 19.67
CA VAL C 30 20.42 40.80 19.52
C VAL C 30 19.39 39.93 18.81
N VAL C 31 18.17 39.90 19.35
CA VAL C 31 17.09 39.13 18.76
C VAL C 31 15.95 40.08 18.42
N ASP C 32 15.52 40.05 17.17
CA ASP C 32 14.41 40.86 16.68
C ASP C 32 13.18 39.97 16.63
N PHE C 33 12.23 40.22 17.52
CA PHE C 33 10.98 39.48 17.55
C PHE C 33 9.97 40.14 16.63
N TRP C 34 9.57 39.43 15.58
CA TRP C 34 8.72 40.00 14.54
C TRP C 34 7.58 39.04 14.22
N ALA C 35 6.62 39.53 13.45
CA ALA C 35 5.46 38.77 13.02
C ALA C 35 5.10 39.17 11.59
N PRO C 36 4.62 38.23 10.77
CA PRO C 36 4.47 38.50 9.34
C PRO C 36 3.46 39.59 9.00
N TRP C 37 2.44 39.79 9.83
CA TRP C 37 1.41 40.78 9.53
C TRP C 37 1.45 41.98 10.48
N CYS C 38 2.60 42.26 11.09
CA CYS C 38 2.76 43.42 11.96
C CYS C 38 3.50 44.49 11.16
N GLY C 39 2.80 45.56 10.81
CA GLY C 39 3.34 46.64 10.02
C GLY C 39 4.59 47.28 10.59
N PRO C 40 4.54 47.74 11.84
CA PRO C 40 5.73 48.37 12.43
C PRO C 40 6.94 47.46 12.46
N SER C 41 6.72 46.14 12.47
CA SER C 41 7.84 45.21 12.43
C SER C 41 8.49 45.19 11.06
N LYS C 42 7.72 45.42 10.00
CA LYS C 42 8.31 45.47 8.67
C LYS C 42 9.02 46.79 8.41
N MET C 43 8.60 47.87 9.06
CA MET C 43 9.21 49.17 8.80
C MET C 43 10.58 49.31 9.45
N ILE C 44 10.91 48.51 10.47
CA ILE C 44 12.24 48.54 11.05
C ILE C 44 13.17 47.50 10.44
N ASP C 45 12.69 46.69 9.50
CA ASP C 45 13.54 45.67 8.88
C ASP C 45 14.79 46.26 8.23
N PRO C 46 14.71 47.33 7.42
CA PRO C 46 15.96 47.91 6.89
C PRO C 46 16.87 48.45 7.99
N LEU C 47 16.30 48.93 9.09
CA LEU C 47 17.13 49.43 10.19
C LEU C 47 17.88 48.31 10.88
N VAL C 48 17.22 47.16 11.10
CA VAL C 48 17.88 46.05 11.76
C VAL C 48 18.93 45.44 10.84
N ASN C 49 18.65 45.40 9.53
CA ASN C 49 19.67 44.95 8.58
C ASN C 49 20.84 45.91 8.56
N ASP C 50 20.56 47.22 8.70
CA ASP C 50 21.63 48.22 8.72
C ASP C 50 22.53 48.01 9.93
N LEU C 51 21.94 47.82 11.11
CA LEU C 51 22.74 47.69 12.32
C LEU C 51 23.47 46.36 12.38
N ALA C 52 22.90 45.30 11.82
CA ALA C 52 23.61 44.03 11.74
C ALA C 52 24.91 44.19 10.96
N GLN C 53 24.89 44.97 9.88
CA GLN C 53 26.10 45.24 9.12
C GLN C 53 27.07 46.12 9.92
N HIS C 54 26.55 47.15 10.57
CA HIS C 54 27.41 48.06 11.32
C HIS C 54 28.15 47.36 12.46
N TYR C 55 27.55 46.32 13.05
CA TYR C 55 28.12 45.65 14.21
C TYR C 55 28.66 44.26 13.88
N THR C 56 28.97 43.99 12.62
CA THR C 56 29.46 42.67 12.24
C THR C 56 30.73 42.33 13.02
N GLY C 57 30.79 41.10 13.53
CA GLY C 57 31.91 40.64 14.33
C GLY C 57 31.92 41.13 15.76
N LYS C 58 31.03 42.05 16.12
CA LYS C 58 30.93 42.56 17.48
C LYS C 58 29.61 42.24 18.16
N ILE C 59 28.50 42.25 17.41
CA ILE C 59 27.19 41.86 17.93
C ILE C 59 26.52 40.97 16.90
N LYS C 60 25.99 39.83 17.34
CA LYS C 60 25.31 38.89 16.45
C LYS C 60 23.81 39.14 16.50
N PHE C 61 23.18 39.17 15.33
CA PHE C 61 21.76 39.46 15.20
C PHE C 61 21.00 38.21 14.76
N TYR C 62 19.81 38.02 15.32
CA TYR C 62 18.91 36.96 14.89
C TYR C 62 17.51 37.52 14.76
N LYS C 63 16.71 36.88 13.92
CA LYS C 63 15.29 37.20 13.76
C LYS C 63 14.45 36.00 14.16
N LEU C 64 13.42 36.23 14.95
CA LEU C 64 12.52 35.18 15.41
C LEU C 64 11.09 35.54 15.05
N ASN C 65 10.46 34.71 14.22
CA ASN C 65 9.05 34.85 13.87
C ASN C 65 8.21 34.34 15.05
N THR C 66 7.56 35.25 15.76
CA THR C 66 6.79 34.87 16.94
C THR C 66 5.57 34.02 16.61
N ASP C 67 5.16 33.98 15.34
CA ASP C 67 4.06 33.10 14.96
C ASP C 67 4.51 31.66 14.75
N GLU C 68 5.71 31.47 14.20
CA GLU C 68 6.23 30.14 13.95
C GLU C 68 6.99 29.56 15.13
N SER C 69 7.48 30.41 16.03
CA SER C 69 8.19 29.96 17.22
C SER C 69 7.57 30.67 18.41
N PRO C 70 6.41 30.18 18.89
CA PRO C 70 5.69 30.91 19.95
C PRO C 70 6.27 30.72 21.34
N ASN C 71 7.09 29.71 21.58
CA ASN C 71 7.46 29.38 22.95
C ASN C 71 8.51 30.33 23.51
N THR C 72 9.43 30.80 22.67
CA THR C 72 10.46 31.72 23.17
C THR C 72 9.87 33.07 23.57
N PRO C 73 9.06 33.74 22.76
CA PRO C 73 8.45 35.00 23.24
C PRO C 73 7.56 34.79 24.45
N GLY C 74 6.88 33.65 24.55
CA GLY C 74 6.14 33.34 25.76
C GLY C 74 7.03 33.27 26.97
N GLN C 75 8.21 32.68 26.84
CA GLN C 75 9.12 32.55 27.97
C GLN C 75 9.64 33.90 28.46
N TYR C 76 9.87 34.85 27.54
CA TYR C 76 10.48 36.12 27.90
C TYR C 76 9.48 37.27 27.98
N GLY C 77 8.19 36.97 27.92
CA GLY C 77 7.19 38.02 28.08
C GLY C 77 7.08 38.95 26.90
N VAL C 78 7.50 38.53 25.71
CA VAL C 78 7.35 39.36 24.53
C VAL C 78 5.86 39.47 24.19
N ARG C 79 5.34 40.69 24.26
CA ARG C 79 3.92 40.93 24.02
C ARG C 79 3.72 41.84 22.81
N SER C 80 4.10 43.11 22.89
CA SER C 80 4.01 43.98 21.73
C SER C 80 5.07 43.60 20.70
N ILE C 81 4.68 43.65 19.43
CA ILE C 81 5.59 43.41 18.31
C ILE C 81 5.71 44.72 17.55
N PRO C 82 6.93 45.16 17.19
CA PRO C 82 8.21 44.47 17.43
C PRO C 82 8.77 44.64 18.84
N THR C 83 9.61 43.68 19.23
CA THR C 83 10.40 43.76 20.44
C THR C 83 11.82 43.33 20.09
N ILE C 84 12.79 44.09 20.58
CA ILE C 84 14.20 43.75 20.42
C ILE C 84 14.78 43.49 21.80
N MET C 85 15.47 42.37 21.96
CA MET C 85 16.08 42.00 23.23
C MET C 85 17.55 41.68 23.00
N ILE C 86 18.39 42.08 23.95
CA ILE C 86 19.83 41.86 23.90
C ILE C 86 20.19 40.84 24.96
N PHE C 87 20.98 39.84 24.57
CA PHE C 87 21.40 38.77 25.45
C PHE C 87 22.92 38.73 25.58
N VAL C 88 23.38 38.46 26.81
CA VAL C 88 24.79 38.24 27.08
C VAL C 88 24.90 37.04 28.02
N GLY C 89 25.67 36.04 27.63
CA GLY C 89 25.84 34.85 28.45
C GLY C 89 24.55 34.16 28.82
N GLY C 90 23.56 34.17 27.92
CA GLY C 90 22.30 33.52 28.18
C GLY C 90 21.35 34.27 29.09
N GLU C 91 21.59 35.56 29.34
CA GLU C 91 20.73 36.35 30.22
C GLU C 91 20.25 37.59 29.49
N LYS C 92 18.98 37.94 29.72
CA LYS C 92 18.39 39.13 29.11
C LYS C 92 18.96 40.39 29.76
N LYS C 93 19.55 41.25 28.95
CA LYS C 93 20.18 42.48 29.44
C LYS C 93 19.44 43.74 29.05
N ASP C 94 18.73 43.75 27.91
CA ASP C 94 17.99 44.93 27.51
C ASP C 94 16.78 44.54 26.69
N THR C 95 15.78 45.41 26.68
CA THR C 95 14.53 45.22 25.95
C THR C 95 14.12 46.55 25.35
N ILE C 96 13.90 46.56 24.03
CA ILE C 96 13.42 47.74 23.32
C ILE C 96 12.12 47.35 22.63
N ILE C 97 11.04 48.04 22.97
CA ILE C 97 9.70 47.69 22.49
C ILE C 97 9.26 48.72 21.46
N GLY C 98 8.82 48.23 20.31
CA GLY C 98 8.24 49.07 19.28
C GLY C 98 9.26 49.62 18.30
N ALA C 99 8.73 50.22 17.24
CA ALA C 99 9.58 50.88 16.24
C ALA C 99 10.26 52.09 16.87
N VAL C 100 11.58 52.11 16.83
CA VAL C 100 12.36 53.21 17.41
C VAL C 100 13.31 53.74 16.34
N PRO C 101 13.74 54.99 16.46
CA PRO C 101 14.66 55.55 15.46
C PRO C 101 16.05 54.96 15.61
N LYS C 102 16.85 55.15 14.57
CA LYS C 102 18.19 54.56 14.52
C LYS C 102 19.05 55.02 15.68
N THR C 103 18.89 56.26 16.11
CA THR C 103 19.76 56.78 17.17
C THR C 103 19.45 56.13 18.51
N THR C 104 18.18 55.83 18.77
CA THR C 104 17.83 55.10 20.00
C THR C 104 18.44 53.71 19.99
N LEU C 105 18.39 53.01 18.85
CA LEU C 105 18.91 51.65 18.80
C LEU C 105 20.43 51.63 18.88
N THR C 106 21.10 52.48 18.10
CA THR C 106 22.55 52.61 18.19
C THR C 106 23.02 52.84 19.62
N SER C 107 22.37 53.75 20.35
CA SER C 107 22.79 54.09 21.70
C SER C 107 22.65 52.91 22.66
N SER C 108 21.52 52.20 22.59
CA SER C 108 21.33 51.02 23.45
C SER C 108 22.32 49.91 23.09
N LEU C 109 22.58 49.72 21.80
CA LEU C 109 23.49 48.67 21.37
C LEU C 109 24.95 49.01 21.68
N ASP C 110 25.30 50.30 21.66
CA ASP C 110 26.68 50.69 21.92
C ASP C 110 27.11 50.31 23.33
N LYS C 111 26.18 50.27 24.28
CA LYS C 111 26.50 49.95 25.67
C LYS C 111 27.04 48.53 25.84
N PHE C 112 26.93 47.69 24.81
CA PHE C 112 27.47 46.34 24.84
C PHE C 112 28.76 46.22 24.03
N LEU C 113 29.45 47.35 23.80
CA LEU C 113 30.74 47.37 23.11
C LEU C 113 30.60 46.88 21.67
N LYS D 2 27.05 11.61 23.42
CA LYS D 2 26.51 12.14 22.18
C LYS D 2 27.54 12.10 21.06
N THR D 3 27.32 11.18 20.11
CA THR D 3 28.20 11.04 18.97
C THR D 3 27.72 11.93 17.82
N GLU D 4 28.67 12.37 17.00
CA GLU D 4 28.28 13.23 15.90
C GLU D 4 28.13 12.41 14.62
N PRO D 5 27.10 12.66 13.82
CA PRO D 5 26.90 11.86 12.62
C PRO D 5 27.93 12.21 11.56
N SER D 6 28.27 11.21 10.74
CA SER D 6 29.19 11.43 9.64
C SER D 6 28.57 12.38 8.63
N GLU D 7 29.43 13.15 7.94
CA GLU D 7 28.91 14.06 6.92
C GLU D 7 28.40 13.30 5.71
N LYS D 8 28.86 12.06 5.53
CA LYS D 8 28.35 11.25 4.43
C LYS D 8 26.93 10.79 4.70
N SER D 9 26.61 10.45 5.96
CA SER D 9 25.26 10.01 6.28
C SER D 9 24.29 11.18 6.34
N VAL D 10 24.76 12.35 6.79
CA VAL D 10 23.92 13.54 6.82
C VAL D 10 23.49 13.91 5.41
N GLU D 11 24.44 13.91 4.47
CA GLU D 11 24.12 14.28 3.10
C GLU D 11 23.19 13.26 2.44
N ILE D 12 23.36 11.98 2.76
CA ILE D 12 22.44 10.96 2.24
C ILE D 12 21.03 11.21 2.76
N MET D 13 20.88 11.39 4.08
CA MET D 13 19.56 11.61 4.64
C MET D 13 18.99 12.96 4.25
N ARG D 14 19.84 13.98 4.10
CA ARG D 14 19.38 15.27 3.62
C ARG D 14 18.78 15.15 2.22
N LYS D 15 19.48 14.45 1.33
CA LYS D 15 18.97 14.28 -0.02
C LYS D 15 17.73 13.39 -0.04
N PHE D 16 17.69 12.38 0.84
CA PHE D 16 16.52 11.52 0.91
C PHE D 16 15.28 12.30 1.36
N SER D 17 15.45 13.20 2.33
CA SER D 17 14.28 13.91 2.86
C SER D 17 13.72 14.88 1.85
N GLU D 18 14.59 15.55 1.09
CA GLU D 18 14.11 16.38 -0.02
C GLU D 18 13.36 15.55 -1.03
N GLN D 19 13.87 14.35 -1.35
CA GLN D 19 13.22 13.52 -2.36
C GLN D 19 11.97 12.86 -1.82
N TYR D 20 11.96 12.52 -0.53
CA TYR D 20 10.75 11.92 0.02
C TYR D 20 9.67 12.96 0.27
N ALA D 21 10.06 14.21 0.55
CA ALA D 21 9.07 15.26 0.70
C ALA D 21 8.33 15.52 -0.61
N ARG D 22 9.06 15.51 -1.74
CA ARG D 22 8.44 15.72 -3.03
C ARG D 22 7.57 14.53 -3.43
N ARG D 23 7.96 13.31 -3.08
CA ARG D 23 7.19 12.16 -3.51
C ARG D 23 5.93 11.97 -2.67
N SER D 24 5.95 12.37 -1.41
CA SER D 24 4.79 12.23 -0.54
C SER D 24 3.90 13.47 -0.52
N GLY D 25 4.31 14.55 -1.17
CA GLY D 25 3.54 15.78 -1.11
C GLY D 25 3.50 16.38 0.28
N THR D 26 4.60 16.32 1.01
CA THR D 26 4.70 16.87 2.35
C THR D 26 5.80 17.93 2.36
N TYR D 27 5.79 18.74 3.42
CA TYR D 27 6.67 19.90 3.50
C TYR D 27 7.40 19.92 4.84
N PHE D 28 8.57 20.55 4.84
CA PHE D 28 9.35 20.67 6.06
C PHE D 28 8.71 21.68 7.02
N CYS D 29 9.10 21.57 8.29
CA CYS D 29 8.51 22.38 9.34
C CYS D 29 8.96 23.83 9.24
N VAL D 30 8.14 24.74 9.76
CA VAL D 30 8.51 26.15 9.74
C VAL D 30 9.76 26.39 10.58
N ASP D 31 9.94 25.58 11.62
CA ASP D 31 11.16 25.55 12.42
C ASP D 31 12.14 24.62 11.70
N LYS D 32 13.06 25.21 10.93
CA LYS D 32 13.99 24.36 10.20
C LYS D 32 15.07 23.79 11.11
N GLY D 33 15.10 24.22 12.38
CA GLY D 33 15.91 23.52 13.36
C GLY D 33 15.39 22.14 13.64
N VAL D 34 14.06 21.98 13.67
CA VAL D 34 13.46 20.67 13.83
C VAL D 34 13.91 19.76 12.68
N THR D 35 13.85 20.28 11.46
CA THR D 35 14.21 19.50 10.28
C THR D 35 15.67 19.07 10.33
N SER D 36 16.58 20.01 10.62
CA SER D 36 18.00 19.68 10.62
C SER D 36 18.34 18.69 11.73
N VAL D 37 17.80 18.90 12.92
CA VAL D 37 18.09 18.02 14.05
C VAL D 37 17.64 16.60 13.76
N VAL D 38 16.43 16.45 13.22
CA VAL D 38 15.92 15.11 12.93
C VAL D 38 16.75 14.43 11.85
N ILE D 39 17.14 15.17 10.81
CA ILE D 39 17.98 14.61 9.75
C ILE D 39 19.29 14.11 10.33
N LYS D 40 19.92 14.89 11.21
CA LYS D 40 21.16 14.45 11.84
C LYS D 40 20.94 13.23 12.70
N GLY D 41 19.79 13.15 13.37
CA GLY D 41 19.49 11.97 14.18
C GLY D 41 19.28 10.73 13.34
N LEU D 42 18.63 10.88 12.19
CA LEU D 42 18.54 9.76 11.25
C LEU D 42 19.92 9.35 10.76
N ALA D 43 20.77 10.34 10.45
CA ALA D 43 22.11 10.05 10.00
C ALA D 43 22.92 9.34 11.09
N GLU D 44 22.78 9.80 12.34
CA GLU D 44 23.52 9.18 13.43
C GLU D 44 23.08 7.74 13.65
N HIS D 45 21.77 7.48 13.57
CA HIS D 45 21.27 6.11 13.72
C HIS D 45 21.74 5.24 12.56
N LYS D 46 21.82 5.80 11.36
CA LYS D 46 22.29 5.03 10.21
C LYS D 46 23.76 4.66 10.36
N ASP D 47 24.56 5.53 10.97
CA ASP D 47 25.96 5.21 11.22
C ASP D 47 26.11 4.06 12.20
N SER D 48 25.34 4.07 13.28
CA SER D 48 25.58 3.11 14.37
C SER D 48 24.83 1.80 14.19
N TYR D 49 23.74 1.79 13.43
CA TYR D 49 22.96 0.57 13.25
C TYR D 49 22.68 0.20 11.81
N GLY D 50 23.15 1.00 10.84
CA GLY D 50 22.99 0.67 9.44
C GLY D 50 21.66 1.04 8.81
N ALA D 51 20.72 1.57 9.58
CA ALA D 51 19.43 2.00 9.07
C ALA D 51 19.02 3.28 9.80
N PRO D 52 18.28 4.17 9.13
CA PRO D 52 17.90 5.43 9.81
C PRO D 52 16.69 5.24 10.72
N LEU D 53 16.97 4.66 11.88
CA LEU D 53 15.96 4.49 12.92
C LEU D 53 15.41 5.85 13.34
N CYS D 54 14.13 5.86 13.72
CA CYS D 54 13.48 7.11 14.08
C CYS D 54 14.18 7.70 15.31
N PRO D 55 14.55 8.98 15.28
CA PRO D 55 15.28 9.58 16.41
C PRO D 55 14.39 10.14 17.50
N CYS D 56 13.06 10.05 17.36
CA CYS D 56 12.12 10.54 18.37
C CYS D 56 11.34 9.39 19.01
N ARG D 57 11.96 8.21 19.09
CA ARG D 57 11.40 7.08 19.81
C ARG D 57 12.44 6.54 20.79
N HIS D 58 11.95 6.00 21.89
CA HIS D 58 12.81 5.27 22.81
C HIS D 58 12.65 3.78 22.55
N TYR D 59 13.77 3.09 22.36
CA TYR D 59 13.77 1.67 22.02
C TYR D 59 14.40 0.86 23.14
N ASP D 60 13.98 -0.40 23.23
CA ASP D 60 14.66 -1.36 24.09
C ASP D 60 15.77 -2.11 23.36
N ASP D 61 15.58 -2.38 22.07
CA ASP D 61 16.51 -3.20 21.28
C ASP D 61 16.63 -2.58 19.90
N LYS D 62 17.58 -1.66 19.74
CA LYS D 62 17.72 -0.93 18.48
C LYS D 62 18.08 -1.86 17.34
N ALA D 63 18.90 -2.87 17.61
CA ALA D 63 19.27 -3.83 16.57
C ALA D 63 18.05 -4.59 16.07
N ALA D 64 17.16 -5.01 16.98
CA ALA D 64 15.94 -5.70 16.57
C ALA D 64 15.01 -4.76 15.80
N GLU D 65 14.90 -3.50 16.24
CA GLU D 65 14.05 -2.55 15.53
C GLU D 65 14.53 -2.36 14.10
N VAL D 66 15.84 -2.23 13.90
CA VAL D 66 16.39 -2.11 12.54
C VAL D 66 16.07 -3.36 11.74
N GLY D 67 16.13 -4.53 12.38
CA GLY D 67 15.87 -5.77 11.65
C GLY D 67 14.41 -5.89 11.22
N GLN D 68 13.49 -5.60 12.14
CA GLN D 68 12.07 -5.65 11.79
C GLN D 68 11.72 -4.53 10.82
N GLY D 69 12.22 -3.31 11.05
CA GLY D 69 12.11 -2.23 10.10
C GLY D 69 10.95 -1.28 10.31
N PHE D 70 10.07 -1.55 11.28
CA PHE D 70 8.89 -0.71 11.48
C PHE D 70 9.25 0.76 11.63
N TRP D 71 10.30 1.07 12.40
CA TRP D 71 10.68 2.43 12.69
C TRP D 71 11.88 2.89 11.88
N ASN D 72 12.26 2.16 10.83
CA ASN D 72 13.26 2.64 9.91
C ASN D 72 12.61 3.67 8.98
N CYS D 73 13.23 4.84 8.89
CA CYS D 73 12.62 5.93 8.16
C CYS D 73 12.65 5.65 6.66
N PRO D 74 11.53 5.90 5.95
CA PRO D 74 10.21 6.31 6.47
C PRO D 74 9.48 5.19 7.22
N CYS D 75 9.18 5.43 8.50
CA CYS D 75 8.40 4.51 9.32
C CYS D 75 7.09 4.12 8.65
N VAL D 76 6.61 2.92 8.99
CA VAL D 76 5.27 2.43 8.68
C VAL D 76 4.21 3.53 8.83
N PRO D 77 4.12 4.24 9.97
CA PRO D 77 3.10 5.29 10.07
C PRO D 77 3.22 6.37 9.00
N MET D 78 4.44 6.71 8.58
CA MET D 78 4.60 7.70 7.52
C MET D 78 4.29 7.12 6.15
N ARG D 79 4.75 5.89 5.89
CA ARG D 79 4.49 5.27 4.59
C ARG D 79 3.01 5.04 4.37
N GLU D 80 2.28 4.64 5.41
CA GLU D 80 0.88 4.26 5.24
C GLU D 80 -0.06 5.42 5.52
N ARG D 81 0.16 6.19 6.59
CA ARG D 81 -0.79 7.22 6.99
C ARG D 81 -0.25 8.64 6.86
N LYS D 82 0.98 8.82 6.34
CA LYS D 82 1.62 10.14 6.27
C LYS D 82 1.70 10.80 7.64
N GLU D 83 1.85 10.02 8.69
CA GLU D 83 1.99 10.52 10.05
C GLU D 83 3.47 10.50 10.41
N CYS D 84 4.04 11.68 10.63
CA CYS D 84 5.43 11.84 11.00
C CYS D 84 5.48 12.62 12.31
N HIS D 85 5.72 11.92 13.42
CA HIS D 85 5.71 12.55 14.73
C HIS D 85 7.04 13.21 15.05
N CYS D 86 8.03 13.07 14.17
CA CYS D 86 9.24 13.87 14.28
C CYS D 86 9.08 15.22 13.59
N MET D 87 7.91 15.48 12.99
CA MET D 87 7.64 16.72 12.29
C MET D 87 8.71 17.02 11.24
N LEU D 88 9.20 15.94 10.61
CA LEU D 88 10.09 16.07 9.46
C LEU D 88 9.27 16.24 8.19
N PHE D 89 8.29 15.37 7.97
CA PHE D 89 7.41 15.43 6.81
C PHE D 89 6.02 15.83 7.29
N LEU D 90 5.58 17.02 6.90
CA LEU D 90 4.31 17.57 7.35
C LEU D 90 3.37 17.78 6.17
N THR D 91 2.13 17.35 6.32
CA THR D 91 1.11 17.58 5.30
C THR D 91 0.72 19.06 5.27
N PRO D 92 0.27 19.56 4.12
CA PRO D 92 0.01 21.01 4.01
C PRO D 92 -1.03 21.54 4.98
N ASP D 93 -1.95 20.70 5.44
CA ASP D 93 -2.95 21.16 6.39
C ASP D 93 -2.40 21.26 7.81
N ASN D 94 -1.14 20.90 8.03
CA ASN D 94 -0.54 21.02 9.35
C ASN D 94 -0.10 22.45 9.57
N ASP D 95 -0.48 23.01 10.71
CA ASP D 95 -0.16 24.40 11.02
C ASP D 95 1.34 24.65 11.14
N PHE D 96 2.14 23.59 11.33
CA PHE D 96 3.58 23.73 11.42
C PHE D 96 4.27 23.46 10.09
N ALA D 97 3.52 23.15 9.05
CA ALA D 97 4.10 22.93 7.73
C ALA D 97 4.50 24.26 7.10
N GLY D 98 5.75 24.36 6.67
CA GLY D 98 6.19 25.46 5.84
C GLY D 98 5.80 25.22 4.39
N LYS D 99 6.49 25.93 3.50
CA LYS D 99 6.23 25.80 2.07
C LYS D 99 7.38 25.17 1.31
N ASP D 100 8.45 24.79 1.99
CA ASP D 100 9.65 24.28 1.34
C ASP D 100 9.68 22.76 1.36
N GLN D 101 10.18 22.18 0.26
CA GLN D 101 10.54 20.78 0.19
C GLN D 101 12.05 20.61 0.00
N THR D 102 12.81 21.64 0.35
CA THR D 102 14.26 21.64 0.20
C THR D 102 14.91 22.11 1.49
N ILE D 103 16.11 21.59 1.74
CA ILE D 103 16.94 22.09 2.83
C ILE D 103 18.39 21.91 2.40
N THR D 104 19.12 23.02 2.32
CA THR D 104 20.49 22.94 1.84
C THR D 104 21.38 22.37 2.93
N SER D 105 22.56 21.90 2.53
CA SER D 105 23.49 21.39 3.52
C SER D 105 24.01 22.51 4.42
N ASP D 106 24.09 23.73 3.90
CA ASP D 106 24.49 24.87 4.72
C ASP D 106 23.45 25.21 5.77
N GLU D 107 22.16 25.03 5.45
CA GLU D 107 21.12 25.27 6.44
C GLU D 107 21.30 24.33 7.63
N ILE D 108 21.64 23.07 7.37
CA ILE D 108 21.86 22.12 8.45
C ILE D 108 23.08 22.48 9.27
N LYS D 109 24.13 22.99 8.63
CA LYS D 109 25.35 23.22 9.41
C LYS D 109 25.21 24.47 10.27
N GLU D 110 24.48 25.47 9.77
CA GLU D 110 24.30 26.68 10.55
C GLU D 110 23.23 26.51 11.61
N THR D 111 22.18 25.76 11.32
CA THR D 111 21.09 25.62 12.28
C THR D 111 21.49 24.73 13.46
N THR D 112 22.22 23.65 13.20
CA THR D 112 22.63 22.74 14.26
C THR D 112 24.00 23.09 14.84
N ALA D 113 24.55 24.25 14.50
CA ALA D 113 25.85 24.61 15.03
C ALA D 113 25.75 24.75 16.55
N ASN D 114 26.91 24.87 17.19
CA ASN D 114 27.02 24.95 18.66
C ASN D 114 26.05 24.03 19.41
N MET D 115 25.57 22.94 18.79
CA MET D 115 24.67 22.01 19.49
C MET D 115 25.45 20.88 20.15
N GLU E 23 1.06 -7.63 30.10
CA GLU E 23 2.37 -8.25 30.07
C GLU E 23 2.48 -9.18 28.86
N THR E 24 2.93 -10.41 29.08
CA THR E 24 2.84 -11.43 28.04
C THR E 24 1.38 -11.77 27.71
N GLU E 25 0.45 -11.46 28.61
CA GLU E 25 -0.95 -11.81 28.41
C GLU E 25 -1.72 -10.74 27.65
N GLU E 26 -1.15 -9.54 27.47
CA GLU E 26 -1.71 -8.67 26.44
C GLU E 26 -1.12 -9.05 25.10
N ASP E 27 0.09 -9.62 25.11
CA ASP E 27 0.72 -10.15 23.90
C ASP E 27 0.14 -11.51 23.53
N GLU E 28 -0.20 -12.34 24.53
CA GLU E 28 -0.79 -13.64 24.23
C GLU E 28 -2.23 -13.49 23.79
N LYS E 29 -2.93 -12.49 24.33
CA LYS E 29 -4.28 -12.20 23.84
C LYS E 29 -4.24 -11.65 22.42
N ALA E 30 -3.22 -10.84 22.10
CA ALA E 30 -3.08 -10.35 20.74
C ALA E 30 -2.63 -11.46 19.79
N LYS E 31 -1.74 -12.35 20.27
CA LYS E 31 -1.32 -13.47 19.43
C LYS E 31 -2.49 -14.38 19.09
N GLU E 32 -3.48 -14.47 20.00
CA GLU E 32 -4.65 -15.30 19.75
C GLU E 32 -5.42 -14.82 18.54
N LYS E 33 -5.41 -13.51 18.28
CA LYS E 33 -6.17 -12.90 17.20
C LYS E 33 -5.53 -13.06 15.81
N ILE E 34 -4.31 -13.60 15.72
CA ILE E 34 -3.71 -13.77 14.41
C ILE E 34 -4.57 -14.70 13.57
N GLY E 35 -4.84 -14.30 12.33
CA GLY E 35 -5.72 -15.05 11.46
C GLY E 35 -7.19 -14.73 11.58
N ALA E 36 -7.59 -13.96 12.60
CA ALA E 36 -9.00 -13.64 12.80
C ALA E 36 -9.44 -12.53 11.86
N ARG E 37 -10.72 -12.56 11.51
CA ARG E 37 -11.30 -11.57 10.61
C ARG E 37 -11.62 -10.29 11.36
N VAL E 38 -11.35 -9.15 10.71
CA VAL E 38 -11.56 -7.85 11.33
C VAL E 38 -12.30 -6.94 10.37
N ARG E 39 -12.84 -5.86 10.92
CA ARG E 39 -13.46 -4.79 10.15
C ARG E 39 -13.06 -3.46 10.74
N VAL E 40 -12.74 -2.50 9.88
CA VAL E 40 -12.25 -1.20 10.36
C VAL E 40 -13.43 -0.37 10.84
N THR E 41 -13.31 0.17 12.05
CA THR E 41 -14.41 0.87 12.70
C THR E 41 -14.22 2.38 12.75
N VAL E 42 -13.08 2.88 12.32
CA VAL E 42 -12.81 4.32 12.42
C VAL E 42 -12.37 4.84 11.05
N PRO E 43 -12.64 6.10 10.72
CA PRO E 43 -12.18 6.64 9.43
C PRO E 43 -10.66 6.73 9.41
N LEU E 44 -10.08 6.32 8.29
CA LEU E 44 -8.62 6.23 8.16
C LEU E 44 -8.27 6.11 6.70
N LYS E 45 -7.36 6.96 6.23
CA LYS E 45 -6.91 6.93 4.84
C LYS E 45 -5.46 6.47 4.79
N VAL E 46 -5.16 5.62 3.82
CA VAL E 46 -3.82 5.10 3.63
C VAL E 46 -3.38 5.41 2.21
N TYR E 47 -2.06 5.53 2.03
CA TYR E 47 -1.49 6.06 0.79
C TYR E 47 -0.47 5.13 0.17
N HIS E 48 -0.33 3.89 0.68
CA HIS E 48 0.72 2.98 0.26
C HIS E 48 0.23 1.89 -0.69
N VAL E 49 -1.08 1.81 -0.96
CA VAL E 49 -1.58 0.78 -1.87
C VAL E 49 -1.06 1.02 -3.27
N VAL E 50 -0.64 -0.05 -3.94
CA VAL E 50 0.12 0.07 -5.17
C VAL E 50 -0.75 0.68 -6.26
N ARG E 51 -0.26 1.76 -6.86
CA ARG E 51 -0.91 2.49 -7.96
C ARG E 51 -2.31 2.99 -7.61
N VAL E 52 -2.66 3.01 -6.33
CA VAL E 52 -3.88 3.69 -5.89
C VAL E 52 -3.48 4.74 -4.86
N PRO E 53 -3.54 6.03 -5.20
CA PRO E 53 -2.96 7.06 -4.31
C PRO E 53 -3.63 7.18 -2.95
N GLU E 54 -4.91 6.80 -2.83
CA GLU E 54 -5.60 7.01 -1.57
C GLU E 54 -6.71 5.97 -1.41
N VAL E 55 -6.78 5.40 -0.22
CA VAL E 55 -7.78 4.37 0.10
C VAL E 55 -8.36 4.69 1.47
N GLU E 56 -9.69 4.76 1.54
CA GLU E 56 -10.38 4.91 2.82
C GLU E 56 -10.74 3.52 3.33
N LEU E 57 -10.40 3.24 4.58
CA LEU E 57 -10.52 1.90 5.13
C LEU E 57 -11.75 1.70 6.00
N MET E 58 -12.58 2.73 6.15
CA MET E 58 -13.75 2.63 7.01
C MET E 58 -14.69 1.56 6.48
N GLY E 59 -15.01 0.59 7.33
CA GLY E 59 -15.93 -0.47 6.97
C GLY E 59 -15.34 -1.60 6.19
N MET E 60 -14.07 -1.50 5.77
CA MET E 60 -13.47 -2.56 5.00
C MET E 60 -13.14 -3.74 5.91
N GLU E 61 -13.08 -4.92 5.32
CA GLU E 61 -12.90 -6.14 6.08
C GLU E 61 -11.68 -6.91 5.59
N GLY E 62 -10.98 -7.51 6.53
CA GLY E 62 -9.81 -8.30 6.23
C GLY E 62 -9.56 -9.23 7.37
N PHE E 63 -8.34 -9.74 7.46
CA PHE E 63 -7.97 -10.60 8.57
C PHE E 63 -6.56 -10.24 9.02
N ILE E 64 -6.29 -10.53 10.29
CA ILE E 64 -4.99 -10.21 10.89
C ILE E 64 -3.95 -11.20 10.37
N LYS E 65 -2.91 -10.67 9.74
CA LYS E 65 -1.85 -11.52 9.21
C LYS E 65 -0.68 -11.65 10.17
N ASP E 66 -0.54 -10.75 11.14
CA ASP E 66 0.58 -10.82 12.07
C ASP E 66 0.38 -9.83 13.21
N TYR E 67 0.97 -10.16 14.34
CA TYR E 67 1.13 -9.25 15.47
C TYR E 67 2.62 -8.93 15.49
N VAL E 68 2.99 -7.84 14.82
CA VAL E 68 4.39 -7.58 14.49
C VAL E 68 5.20 -7.11 15.68
N VAL E 69 4.59 -6.98 16.86
CA VAL E 69 5.35 -6.64 18.06
C VAL E 69 6.38 -7.72 18.37
N LEU E 70 6.06 -8.98 18.08
CA LEU E 70 6.99 -10.08 18.30
C LEU E 70 7.63 -10.44 16.97
N TRP E 71 8.95 -10.51 16.94
CA TRP E 71 9.69 -10.69 15.69
C TRP E 71 10.97 -11.48 15.99
N LYS E 72 10.99 -12.74 15.54
CA LYS E 72 12.18 -13.59 15.63
C LYS E 72 12.72 -13.66 17.07
N GLY E 73 11.81 -13.89 18.01
CA GLY E 73 12.16 -14.00 19.40
C GLY E 73 12.38 -12.70 20.14
N LYS E 74 12.48 -11.58 19.42
CA LYS E 74 12.67 -10.27 20.02
C LYS E 74 11.35 -9.51 20.00
N LYS E 75 11.30 -8.43 20.78
CA LYS E 75 10.10 -7.62 20.89
C LYS E 75 10.34 -6.25 20.28
N ILE E 76 9.35 -5.77 19.54
CA ILE E 76 9.44 -4.54 18.76
C ILE E 76 8.43 -3.54 19.32
N SER E 77 8.81 -2.27 19.32
CA SER E 77 7.96 -1.21 19.87
C SER E 77 7.12 -0.55 18.78
N ALA E 78 6.31 -1.38 18.11
CA ALA E 78 5.45 -0.90 17.04
C ALA E 78 4.15 -0.37 17.63
N ASN E 79 3.79 0.87 17.27
CA ASN E 79 2.56 1.46 17.78
C ASN E 79 1.32 1.04 17.01
N LEU E 80 1.49 0.46 15.81
CA LEU E 80 0.38 -0.11 15.03
C LEU E 80 0.69 -1.60 14.88
N PRO E 81 0.41 -2.41 15.90
CA PRO E 81 1.00 -3.76 15.97
C PRO E 81 0.35 -4.81 15.08
N PHE E 82 -0.88 -4.59 14.61
CA PHE E 82 -1.63 -5.60 13.86
C PHE E 82 -1.49 -5.35 12.37
N LYS E 83 -0.75 -6.22 11.68
CA LYS E 83 -0.66 -6.16 10.22
C LYS E 83 -1.86 -6.90 9.65
N VAL E 84 -2.75 -6.17 8.98
CA VAL E 84 -4.02 -6.70 8.51
C VAL E 84 -4.00 -6.78 6.99
N GLN E 85 -4.38 -7.93 6.46
CA GLN E 85 -4.47 -8.13 5.02
C GLN E 85 -5.82 -7.68 4.50
N PHE E 86 -5.81 -6.84 3.46
CA PHE E 86 -7.02 -6.38 2.81
C PHE E 86 -6.92 -6.69 1.32
N VAL E 87 -8.05 -7.00 0.71
CA VAL E 87 -8.17 -7.05 -0.74
C VAL E 87 -9.28 -6.09 -1.11
N LYS E 88 -9.00 -5.21 -2.06
CA LYS E 88 -9.95 -4.20 -2.48
C LYS E 88 -10.08 -4.22 -3.99
N GLU E 89 -11.30 -4.03 -4.46
CA GLU E 89 -11.60 -4.12 -5.87
C GLU E 89 -11.34 -2.75 -6.48
N ILE E 90 -10.50 -2.72 -7.50
CA ILE E 90 -10.16 -1.47 -8.19
C ILE E 90 -10.75 -1.58 -9.59
N GLU E 91 -11.54 -0.59 -9.96
CA GLU E 91 -12.24 -0.63 -11.23
C GLU E 91 -11.25 -0.53 -12.38
N GLY E 92 -11.48 -1.32 -13.42
CA GLY E 92 -10.56 -1.33 -14.53
C GLY E 92 -9.37 -2.23 -14.36
N ARG E 93 -9.19 -2.86 -13.19
CA ARG E 93 -7.94 -3.55 -12.90
C ARG E 93 -8.12 -4.90 -12.21
N GLY E 94 -8.96 -4.98 -11.18
CA GLY E 94 -9.09 -6.23 -10.47
C GLY E 94 -8.73 -6.11 -9.01
N PRO E 95 -8.91 -7.20 -8.26
CA PRO E 95 -8.65 -7.15 -6.81
C PRO E 95 -7.18 -6.87 -6.50
N VAL E 96 -6.95 -5.80 -5.74
CA VAL E 96 -5.63 -5.46 -5.23
C VAL E 96 -5.52 -5.93 -3.79
N LYS E 97 -4.50 -6.72 -3.49
CA LYS E 97 -4.22 -7.16 -2.13
C LYS E 97 -3.12 -6.31 -1.50
N PHE E 98 -3.32 -5.93 -0.24
CA PHE E 98 -2.34 -5.10 0.45
C PHE E 98 -2.44 -5.32 1.95
N PHE E 99 -1.40 -4.87 2.65
CA PHE E 99 -1.33 -4.89 4.10
C PHE E 99 -1.37 -3.46 4.64
N THR E 100 -2.00 -3.30 5.80
CA THR E 100 -1.93 -2.04 6.53
C THR E 100 -1.95 -2.35 8.01
N HIS E 101 -1.13 -1.63 8.77
CA HIS E 101 -1.00 -1.85 10.21
C HIS E 101 -2.06 -1.06 10.98
N LEU E 102 -2.67 -1.71 11.97
CA LEU E 102 -3.77 -1.13 12.72
C LEU E 102 -3.55 -1.29 14.21
N LYS E 103 -4.20 -0.41 14.98
CA LYS E 103 -4.31 -0.53 16.43
C LYS E 103 -5.62 -1.22 16.79
N GLU E 104 -5.65 -1.77 18.01
CA GLU E 104 -6.80 -2.58 18.43
C GLU E 104 -8.08 -1.76 18.47
N ASP E 105 -7.99 -0.48 18.83
CA ASP E 105 -9.15 0.40 18.91
C ASP E 105 -9.61 0.90 17.55
N GLU E 106 -8.99 0.44 16.46
CA GLU E 106 -9.36 0.87 15.11
C GLU E 106 -10.13 -0.20 14.35
N PHE E 107 -10.35 -1.37 14.95
CA PHE E 107 -11.08 -2.43 14.27
C PHE E 107 -11.88 -3.23 15.29
N GLU E 108 -12.87 -3.95 14.78
CA GLU E 108 -13.62 -4.93 15.56
C GLU E 108 -13.46 -6.30 14.92
N LEU E 109 -13.52 -7.33 15.76
CA LEU E 109 -13.51 -8.70 15.24
C LEU E 109 -14.88 -9.04 14.67
N ILE E 110 -14.89 -9.94 13.68
CA ILE E 110 -16.14 -10.36 13.04
C ILE E 110 -16.54 -11.71 13.60
N ASP E 111 -17.85 -11.90 13.74
CA ASP E 111 -18.49 -13.04 14.44
C ASP E 111 -17.58 -13.80 15.41
N THR F 7 18.76 33.20 35.64
CA THR F 7 17.98 32.00 35.34
C THR F 7 18.86 30.76 35.39
N THR F 8 18.58 29.86 36.33
CA THR F 8 19.28 28.59 36.40
C THR F 8 18.52 27.55 35.60
N ASP F 9 19.27 26.65 34.94
CA ASP F 9 18.66 25.65 34.09
C ASP F 9 17.74 24.74 34.89
N ILE F 10 16.89 24.03 34.17
CA ILE F 10 16.09 22.97 34.79
C ILE F 10 17.02 21.84 35.20
N GLN F 11 16.81 21.30 36.39
CA GLN F 11 17.70 20.30 36.94
C GLN F 11 17.63 19.01 36.12
N VAL F 12 18.77 18.36 35.95
CA VAL F 12 18.84 17.08 35.26
C VAL F 12 18.49 15.97 36.24
N VAL F 13 17.77 14.97 35.75
CA VAL F 13 17.53 13.73 36.50
C VAL F 13 17.98 12.56 35.65
N ASN F 14 18.49 11.53 36.32
CA ASN F 14 19.09 10.36 35.69
C ASN F 14 18.52 9.10 36.30
N ASP F 15 18.92 7.95 35.73
CA ASP F 15 18.53 6.66 36.31
C ASP F 15 19.02 6.53 37.74
N SER F 16 20.27 6.92 38.00
CA SER F 16 20.84 6.80 39.33
C SER F 16 20.11 7.66 40.36
N THR F 17 19.64 8.84 39.95
CA THR F 17 19.04 9.79 40.87
C THR F 17 17.53 9.79 40.83
N TRP F 18 16.92 8.88 40.06
CA TRP F 18 15.48 8.88 39.89
C TRP F 18 14.77 8.67 41.23
N ASP F 19 15.23 7.70 42.02
CA ASP F 19 14.58 7.40 43.29
C ASP F 19 14.62 8.59 44.24
N SER F 20 15.81 9.18 44.41
CA SER F 20 15.97 10.24 45.41
C SER F 20 15.35 11.55 44.96
N LEU F 21 15.41 11.86 43.66
CA LEU F 21 14.92 13.14 43.17
C LEU F 21 13.44 13.13 42.81
N VAL F 22 12.91 11.99 42.37
CA VAL F 22 11.52 11.92 41.88
C VAL F 22 10.65 11.08 42.81
N LEU F 23 11.05 9.83 43.08
CA LEU F 23 10.18 8.93 43.83
C LEU F 23 10.00 9.37 45.27
N LYS F 24 11.05 9.93 45.88
CA LYS F 24 10.98 10.37 47.26
C LYS F 24 10.74 11.87 47.39
N ALA F 25 10.37 12.54 46.31
CA ALA F 25 10.13 13.97 46.40
C ALA F 25 8.77 14.25 47.03
N THR F 26 8.63 15.46 47.56
CA THR F 26 7.37 15.94 48.12
C THR F 26 6.79 16.99 47.18
N GLY F 27 5.50 16.85 46.87
CA GLY F 27 4.83 17.75 45.96
C GLY F 27 4.92 17.25 44.53
N PRO F 28 4.24 17.94 43.61
CA PRO F 28 4.22 17.49 42.21
C PRO F 28 5.59 17.64 41.55
N VAL F 29 5.92 16.66 40.72
CA VAL F 29 7.17 16.64 39.97
C VAL F 29 6.85 16.43 38.50
N VAL F 30 7.40 17.28 37.64
CA VAL F 30 7.26 17.16 36.19
C VAL F 30 8.60 16.74 35.62
N VAL F 31 8.58 15.72 34.77
CA VAL F 31 9.78 15.22 34.11
C VAL F 31 9.59 15.31 32.60
N ASP F 32 10.52 15.98 31.94
CA ASP F 32 10.52 16.14 30.49
C ASP F 32 11.49 15.11 29.90
N PHE F 33 10.94 14.11 29.22
CA PHE F 33 11.75 13.08 28.57
C PHE F 33 12.13 13.54 27.17
N TRP F 34 13.41 13.74 26.95
CA TRP F 34 13.92 14.29 25.69
C TRP F 34 15.09 13.45 25.20
N ALA F 35 15.50 13.72 23.97
CA ALA F 35 16.63 13.07 23.33
C ALA F 35 17.34 14.10 22.46
N PRO F 36 18.68 14.02 22.36
CA PRO F 36 19.43 15.13 21.73
C PRO F 36 19.11 15.34 20.26
N TRP F 37 18.69 14.30 19.54
CA TRP F 37 18.42 14.44 18.13
C TRP F 37 16.92 14.38 17.84
N CYS F 38 16.07 14.70 18.81
CA CYS F 38 14.62 14.79 18.55
C CYS F 38 14.28 16.26 18.43
N GLY F 39 13.96 16.67 17.21
CA GLY F 39 13.63 18.03 16.89
C GLY F 39 12.50 18.59 17.74
N PRO F 40 11.36 17.90 17.75
CA PRO F 40 10.22 18.43 18.53
C PRO F 40 10.48 18.58 20.02
N SER F 41 11.37 17.78 20.60
CA SER F 41 11.68 17.96 22.02
C SER F 41 12.54 19.19 22.23
N LYS F 42 13.33 19.58 21.23
CA LYS F 42 14.10 20.83 21.34
C LYS F 42 13.22 22.05 21.15
N MET F 43 12.13 21.93 20.39
CA MET F 43 11.25 23.07 20.15
C MET F 43 10.36 23.40 21.35
N ILE F 44 10.15 22.45 22.27
CA ILE F 44 9.37 22.75 23.47
C ILE F 44 10.25 23.20 24.63
N ASP F 45 11.57 23.27 24.44
CA ASP F 45 12.46 23.67 25.51
C ASP F 45 12.13 25.05 26.08
N PRO F 46 11.94 26.11 25.28
CA PRO F 46 11.53 27.39 25.89
C PRO F 46 10.21 27.31 26.61
N LEU F 47 9.31 26.44 26.15
CA LEU F 47 8.03 26.29 26.83
C LEU F 47 8.21 25.60 28.19
N VAL F 48 9.07 24.59 28.25
CA VAL F 48 9.29 23.91 29.52
C VAL F 48 10.03 24.81 30.50
N ASN F 49 10.97 25.63 29.99
CA ASN F 49 11.64 26.61 30.84
C ASN F 49 10.65 27.66 31.32
N ASP F 50 9.70 28.04 30.48
CA ASP F 50 8.70 29.04 30.87
C ASP F 50 7.85 28.52 32.02
N LEU F 51 7.38 27.28 31.90
CA LEU F 51 6.49 26.74 32.93
C LEU F 51 7.24 26.44 34.23
N ALA F 52 8.51 26.04 34.14
CA ALA F 52 9.30 25.84 35.35
C ALA F 52 9.39 27.14 36.14
N GLN F 53 9.58 28.27 35.46
CA GLN F 53 9.62 29.56 36.13
C GLN F 53 8.24 29.93 36.66
N HIS F 54 7.20 29.72 35.86
CA HIS F 54 5.85 30.09 36.26
C HIS F 54 5.40 29.33 37.50
N TYR F 55 5.89 28.09 37.70
CA TYR F 55 5.46 27.24 38.80
C TYR F 55 6.52 27.10 39.88
N THR F 56 7.43 28.07 39.99
CA THR F 56 8.49 27.98 40.98
C THR F 56 7.93 27.83 42.37
N GLY F 57 8.49 26.90 43.15
CA GLY F 57 8.04 26.62 44.50
C GLY F 57 6.77 25.81 44.62
N LYS F 58 6.07 25.55 43.52
CA LYS F 58 4.84 24.77 43.54
C LYS F 58 4.94 23.47 42.78
N ILE F 59 5.67 23.42 41.67
CA ILE F 59 5.93 22.20 40.94
C ILE F 59 7.41 22.18 40.56
N LYS F 60 8.08 21.07 40.84
CA LYS F 60 9.50 20.92 40.53
C LYS F 60 9.66 20.24 39.18
N PHE F 61 10.56 20.79 38.36
CA PHE F 61 10.77 20.33 36.99
C PHE F 61 12.12 19.62 36.88
N TYR F 62 12.14 18.53 36.10
CA TYR F 62 13.37 17.84 35.75
C TYR F 62 13.35 17.50 34.26
N LYS F 63 14.55 17.38 33.69
CA LYS F 63 14.73 16.91 32.32
C LYS F 63 15.54 15.63 32.34
N LEU F 64 15.11 14.63 31.55
CA LEU F 64 15.79 13.34 31.47
C LEU F 64 16.14 13.04 30.01
N ASN F 65 17.44 12.89 29.75
CA ASN F 65 17.94 12.46 28.44
C ASN F 65 17.72 10.96 28.30
N THR F 66 16.77 10.56 27.46
CA THR F 66 16.45 9.14 27.32
C THR F 66 17.58 8.34 26.68
N ASP F 67 18.55 9.01 26.04
CA ASP F 67 19.69 8.29 25.50
C ASP F 67 20.72 7.96 26.57
N GLU F 68 20.88 8.84 27.54
CA GLU F 68 21.83 8.62 28.62
C GLU F 68 21.24 7.86 29.80
N SER F 69 19.92 7.87 29.96
CA SER F 69 19.25 7.15 31.03
C SER F 69 18.10 6.35 30.42
N PRO F 70 18.39 5.18 29.86
CA PRO F 70 17.34 4.42 29.17
C PRO F 70 16.40 3.67 30.10
N ASN F 71 16.78 3.46 31.35
CA ASN F 71 16.02 2.55 32.20
C ASN F 71 14.75 3.18 32.75
N THR F 72 14.77 4.48 33.06
CA THR F 72 13.56 5.13 33.58
C THR F 72 12.46 5.20 32.52
N PRO F 73 12.71 5.66 31.29
CA PRO F 73 11.64 5.63 30.28
C PRO F 73 11.14 4.22 30.01
N GLY F 74 12.02 3.22 30.06
CA GLY F 74 11.57 1.85 29.95
C GLY F 74 10.61 1.46 31.05
N GLN F 75 10.87 1.91 32.28
CA GLN F 75 10.00 1.54 33.39
C GLN F 75 8.61 2.12 33.24
N TYR F 76 8.49 3.33 32.69
CA TYR F 76 7.20 4.00 32.61
C TYR F 76 6.60 3.97 31.21
N GLY F 77 7.17 3.18 30.30
CA GLY F 77 6.58 3.03 28.99
C GLY F 77 6.72 4.23 28.06
N VAL F 78 7.71 5.09 28.29
CA VAL F 78 7.94 6.21 27.39
C VAL F 78 8.39 5.69 26.04
N ARG F 79 7.65 6.06 24.99
CA ARG F 79 8.00 5.62 23.63
C ARG F 79 8.22 6.81 22.72
N SER F 80 7.21 7.63 22.47
CA SER F 80 7.40 8.82 21.66
C SER F 80 8.13 9.90 22.44
N ILE F 81 9.10 10.52 21.80
CA ILE F 81 9.83 11.68 22.33
C ILE F 81 9.34 12.92 21.60
N PRO F 82 8.99 14.01 22.29
CA PRO F 82 9.03 14.18 23.76
C PRO F 82 7.82 13.58 24.49
N THR F 83 8.03 13.28 25.77
CA THR F 83 6.96 12.89 26.67
C THR F 83 7.14 13.64 27.97
N ILE F 84 6.04 14.16 28.51
CA ILE F 84 6.04 14.84 29.81
C ILE F 84 5.18 14.02 30.76
N MET F 85 5.71 13.72 31.93
CA MET F 85 5.00 12.95 32.94
C MET F 85 5.02 13.70 34.26
N ILE F 86 3.92 13.62 35.00
CA ILE F 86 3.78 14.25 36.30
C ILE F 86 3.73 13.15 37.35
N PHE F 87 4.54 13.31 38.40
CA PHE F 87 4.61 12.35 39.49
C PHE F 87 4.25 13.03 40.81
N VAL F 88 3.48 12.32 41.63
CA VAL F 88 3.16 12.77 42.99
C VAL F 88 3.30 11.57 43.91
N GLY F 89 4.08 11.73 44.98
CA GLY F 89 4.32 10.62 45.90
C GLY F 89 4.90 9.39 45.24
N GLY F 90 5.76 9.58 44.24
CA GLY F 90 6.40 8.47 43.56
C GLY F 90 5.52 7.69 42.60
N GLU F 91 4.37 8.22 42.20
CA GLU F 91 3.45 7.52 41.32
C GLU F 91 3.12 8.40 40.13
N LYS F 92 3.05 7.77 38.95
CA LYS F 92 2.73 8.49 37.72
C LYS F 92 1.26 8.93 37.72
N LYS F 93 1.04 10.23 37.55
CA LYS F 93 -0.31 10.78 37.58
C LYS F 93 -0.82 11.26 36.24
N ASP F 94 0.06 11.75 35.35
CA ASP F 94 -0.38 12.21 34.04
C ASP F 94 0.74 12.02 33.03
N THR F 95 0.36 11.95 31.75
CA THR F 95 1.28 11.77 30.66
C THR F 95 0.83 12.66 29.50
N ILE F 96 1.74 13.49 29.00
CA ILE F 96 1.48 14.33 27.84
C ILE F 96 2.51 13.99 26.77
N ILE F 97 2.05 13.53 25.62
CA ILE F 97 2.91 13.00 24.56
C ILE F 97 2.98 14.02 23.43
N GLY F 98 4.21 14.35 23.02
CA GLY F 98 4.45 15.18 21.87
C GLY F 98 4.52 16.67 22.21
N ALA F 99 4.92 17.44 21.21
CA ALA F 99 4.94 18.90 21.36
C ALA F 99 3.51 19.39 21.45
N VAL F 100 3.19 20.09 22.53
CA VAL F 100 1.83 20.58 22.76
C VAL F 100 1.92 22.08 23.02
N PRO F 101 0.83 22.81 22.76
CA PRO F 101 0.85 24.26 22.99
C PRO F 101 0.81 24.59 24.48
N LYS F 102 1.19 25.82 24.78
CA LYS F 102 1.31 26.27 26.17
C LYS F 102 0.00 26.14 26.93
N THR F 103 -1.13 26.37 26.25
CA THR F 103 -2.42 26.33 26.95
C THR F 103 -2.76 24.91 27.37
N THR F 104 -2.41 23.92 26.55
CA THR F 104 -2.62 22.53 26.94
C THR F 104 -1.78 22.16 28.16
N LEU F 105 -0.52 22.59 28.19
CA LEU F 105 0.37 22.22 29.30
C LEU F 105 -0.03 22.91 30.60
N THR F 106 -0.27 24.22 30.54
CA THR F 106 -0.78 24.95 31.71
C THR F 106 -2.02 24.28 32.30
N SER F 107 -2.96 23.88 31.44
CA SER F 107 -4.18 23.26 31.93
C SER F 107 -3.92 21.93 32.62
N SER F 108 -3.00 21.13 32.07
CA SER F 108 -2.67 19.85 32.70
C SER F 108 -1.93 20.06 34.02
N LEU F 109 -1.03 21.05 34.06
CA LEU F 109 -0.24 21.28 35.27
C LEU F 109 -1.05 21.97 36.36
N ASP F 110 -2.02 22.81 35.98
CA ASP F 110 -2.84 23.49 36.98
C ASP F 110 -3.62 22.50 37.83
N LYS F 111 -3.99 21.35 37.25
CA LYS F 111 -4.72 20.32 37.97
C LYS F 111 -3.99 19.79 39.20
N PHE F 112 -2.69 20.08 39.33
CA PHE F 112 -1.90 19.66 40.47
C PHE F 112 -1.57 20.81 41.40
N LEU F 113 -2.51 21.75 41.54
CA LEU F 113 -2.36 22.93 42.38
C LEU F 113 -1.20 23.79 41.91
N LYS G 2 -1.02 -24.84 -7.45
CA LYS G 2 -1.66 -25.25 -6.21
C LYS G 2 -0.79 -24.91 -4.98
N THR G 3 -1.35 -24.16 -4.03
CA THR G 3 -0.65 -23.71 -2.83
C THR G 3 -0.90 -24.67 -1.65
N GLU G 4 0.15 -24.93 -0.80
CA GLU G 4 -0.19 -25.80 0.33
C GLU G 4 -0.61 -24.99 1.53
N PRO G 5 -1.62 -25.46 2.25
CA PRO G 5 -2.13 -24.72 3.39
C PRO G 5 -1.13 -24.85 4.50
N SER G 6 -1.06 -23.83 5.34
CA SER G 6 -0.18 -23.87 6.48
C SER G 6 -0.62 -24.95 7.45
N GLU G 7 0.34 -25.49 8.21
CA GLU G 7 -0.01 -26.51 9.18
C GLU G 7 -0.80 -25.93 10.35
N LYS G 8 -0.73 -24.61 10.55
CA LYS G 8 -1.57 -23.99 11.57
C LYS G 8 -3.04 -23.99 11.13
N SER G 9 -3.28 -23.75 9.84
CA SER G 9 -4.66 -23.74 9.36
C SER G 9 -5.21 -25.15 9.22
N VAL G 10 -4.35 -26.11 8.85
CA VAL G 10 -4.79 -27.50 8.75
C VAL G 10 -5.22 -28.03 10.11
N GLU G 11 -4.41 -27.78 11.15
CA GLU G 11 -4.75 -28.27 12.47
C GLU G 11 -5.98 -27.57 13.05
N ILE G 12 -6.14 -26.28 12.76
CA ILE G 12 -7.34 -25.57 13.19
C ILE G 12 -8.58 -26.19 12.56
N MET G 13 -8.54 -26.40 11.25
CA MET G 13 -9.70 -26.96 10.55
C MET G 13 -9.91 -28.42 10.89
N ARG G 14 -8.83 -29.18 11.12
CA ARG G 14 -8.98 -30.57 11.53
C ARG G 14 -9.71 -30.70 12.86
N LYS G 15 -9.30 -29.91 13.86
CA LYS G 15 -9.93 -30.00 15.17
C LYS G 15 -11.35 -29.44 15.12
N PHE G 16 -11.58 -28.41 14.30
CA PHE G 16 -12.94 -27.93 14.13
C PHE G 16 -13.83 -28.99 13.51
N SER G 17 -13.30 -29.75 12.54
CA SER G 17 -14.12 -30.72 11.84
C SER G 17 -14.53 -31.87 12.75
N GLU G 18 -13.61 -32.31 13.62
CA GLU G 18 -13.96 -33.31 14.62
C GLU G 18 -15.05 -32.79 15.55
N GLN G 19 -14.94 -31.52 15.96
CA GLN G 19 -15.89 -30.97 16.91
C GLN G 19 -17.24 -30.69 16.27
N TYR G 20 -17.25 -30.28 15.00
CA TYR G 20 -18.53 -30.02 14.35
C TYR G 20 -19.22 -31.33 13.98
N ALA G 21 -18.46 -32.37 13.71
CA ALA G 21 -19.08 -33.67 13.47
C ALA G 21 -19.80 -34.15 14.72
N ARG G 22 -19.20 -33.93 15.89
CA ARG G 22 -19.86 -34.29 17.13
C ARG G 22 -21.07 -33.39 17.39
N ARG G 23 -21.01 -32.11 16.99
CA ARG G 23 -22.14 -31.20 17.23
C ARG G 23 -23.28 -31.43 16.25
N SER G 24 -23.00 -31.85 15.02
CA SER G 24 -24.09 -32.08 14.08
C SER G 24 -24.58 -33.52 14.08
N GLY G 25 -23.92 -34.41 14.83
CA GLY G 25 -24.30 -35.81 14.76
C GLY G 25 -24.03 -36.37 13.38
N THR G 26 -22.93 -35.97 12.76
CA THR G 26 -22.52 -36.43 11.45
C THR G 26 -21.18 -37.12 11.54
N TYR G 27 -20.83 -37.86 10.49
CA TYR G 27 -19.64 -38.69 10.50
C TYR G 27 -18.82 -38.47 9.25
N PHE G 28 -17.52 -38.74 9.37
CA PHE G 28 -16.61 -38.58 8.23
C PHE G 28 -16.84 -39.71 7.21
N CYS G 29 -16.37 -39.46 6.01
CA CYS G 29 -16.60 -40.37 4.89
C CYS G 29 -15.74 -41.62 5.04
N VAL G 30 -16.20 -42.73 4.44
CA VAL G 30 -15.44 -43.96 4.51
C VAL G 30 -14.11 -43.83 3.78
N ASP G 31 -14.07 -43.04 2.71
CA ASP G 31 -12.85 -42.65 2.03
C ASP G 31 -12.31 -41.40 2.73
N LYS G 32 -11.35 -41.56 3.65
CA LYS G 32 -10.86 -40.37 4.36
C LYS G 32 -9.81 -39.60 3.57
N GLY G 33 -9.43 -40.05 2.37
CA GLY G 33 -8.70 -39.13 1.50
C GLY G 33 -9.59 -37.96 1.18
N VAL G 34 -10.89 -38.24 1.04
CA VAL G 34 -11.89 -37.19 0.86
C VAL G 34 -11.88 -36.23 2.05
N THR G 35 -11.91 -36.78 3.27
CA THR G 35 -11.94 -35.95 4.46
C THR G 35 -10.70 -35.07 4.56
N SER G 36 -9.52 -35.67 4.38
CA SER G 36 -8.27 -34.92 4.50
C SER G 36 -8.17 -33.84 3.43
N VAL G 37 -8.51 -34.18 2.18
CA VAL G 37 -8.39 -33.22 1.08
C VAL G 37 -9.27 -32.00 1.33
N VAL G 38 -10.52 -32.23 1.75
CA VAL G 38 -11.42 -31.11 1.99
C VAL G 38 -10.90 -30.24 3.14
N ILE G 39 -10.40 -30.89 4.20
CA ILE G 39 -9.83 -30.15 5.32
C ILE G 39 -8.69 -29.27 4.86
N LYS G 40 -7.81 -29.79 4.02
CA LYS G 40 -6.72 -28.99 3.48
C LYS G 40 -7.25 -27.87 2.59
N GLY G 41 -8.33 -28.13 1.85
CA GLY G 41 -8.90 -27.09 1.02
C GLY G 41 -9.54 -25.99 1.84
N LEU G 42 -10.23 -26.36 2.92
CA LEU G 42 -10.71 -25.35 3.86
C LEU G 42 -9.55 -24.60 4.48
N ALA G 43 -8.47 -25.31 4.82
CA ALA G 43 -7.32 -24.67 5.44
C ALA G 43 -6.68 -23.64 4.53
N GLU G 44 -6.52 -23.95 3.24
CA GLU G 44 -5.89 -22.99 2.33
C GLU G 44 -6.74 -21.74 2.17
N HIS G 45 -8.07 -21.90 2.09
CA HIS G 45 -8.94 -20.74 1.98
C HIS G 45 -8.87 -19.88 3.23
N LYS G 46 -8.71 -20.49 4.40
CA LYS G 46 -8.53 -19.72 5.62
C LYS G 46 -7.21 -18.94 5.59
N ASP G 47 -6.17 -19.53 4.99
CA ASP G 47 -4.91 -18.82 4.83
C ASP G 47 -5.08 -17.60 3.94
N SER G 48 -5.80 -17.73 2.84
CA SER G 48 -5.84 -16.68 1.83
C SER G 48 -6.92 -15.63 2.09
N TYR G 49 -8.00 -16.00 2.80
CA TYR G 49 -9.08 -15.04 3.04
C TYR G 49 -9.52 -14.91 4.50
N GLY G 50 -8.94 -15.67 5.42
CA GLY G 50 -9.29 -15.55 6.82
C GLY G 50 -10.52 -16.33 7.23
N ALA G 51 -11.20 -17.00 6.31
CA ALA G 51 -12.36 -17.82 6.60
C ALA G 51 -12.30 -19.08 5.76
N PRO G 52 -12.80 -20.20 6.27
CA PRO G 52 -12.72 -21.46 5.50
C PRO G 52 -13.83 -21.57 4.45
N LEU G 53 -13.61 -20.87 3.35
CA LEU G 53 -14.54 -20.93 2.23
C LEU G 53 -14.62 -22.36 1.70
N CYS G 54 -15.80 -22.74 1.21
CA CYS G 54 -16.03 -24.10 0.76
C CYS G 54 -15.11 -24.43 -0.41
N PRO G 55 -14.37 -25.54 -0.38
CA PRO G 55 -13.44 -25.85 -1.46
C PRO G 55 -14.04 -26.60 -2.63
N CYS G 56 -15.35 -26.93 -2.62
CA CYS G 56 -16.00 -27.61 -3.73
C CYS G 56 -17.02 -26.70 -4.42
N ARG G 57 -16.74 -25.40 -4.43
CA ARG G 57 -17.52 -24.42 -5.17
C ARG G 57 -16.60 -23.59 -6.04
N HIS G 58 -17.11 -23.16 -7.19
CA HIS G 58 -16.41 -22.18 -8.00
C HIS G 58 -17.04 -20.81 -7.75
N TYR G 59 -16.20 -19.82 -7.46
CA TYR G 59 -16.65 -18.49 -7.11
C TYR G 59 -16.17 -17.48 -8.15
N ASP G 60 -16.93 -16.38 -8.27
CA ASP G 60 -16.48 -15.22 -9.02
C ASP G 60 -15.77 -14.20 -8.14
N ASP G 61 -16.20 -14.06 -6.89
CA ASP G 61 -15.74 -13.01 -5.98
C ASP G 61 -15.57 -13.63 -4.59
N LYS G 62 -14.38 -14.21 -4.36
CA LYS G 62 -14.14 -14.93 -3.11
C LYS G 62 -14.16 -14.00 -1.90
N ALA G 63 -13.66 -12.77 -2.06
CA ALA G 63 -13.70 -11.82 -0.95
C ALA G 63 -15.13 -11.52 -0.54
N ALA G 64 -16.01 -11.32 -1.53
CA ALA G 64 -17.42 -11.09 -1.22
C ALA G 64 -18.06 -12.31 -0.59
N GLU G 65 -17.70 -13.51 -1.07
CA GLU G 65 -18.24 -14.74 -0.49
C GLU G 65 -17.88 -14.84 0.98
N VAL G 66 -16.61 -14.57 1.31
CA VAL G 66 -16.19 -14.60 2.70
C VAL G 66 -16.95 -13.58 3.52
N GLY G 67 -17.20 -12.41 2.93
CA GLY G 67 -17.88 -11.35 3.66
C GLY G 67 -19.32 -11.70 3.98
N GLN G 68 -20.06 -12.18 2.98
CA GLN G 68 -21.44 -12.58 3.23
C GLN G 68 -21.51 -13.81 4.13
N GLY G 69 -20.67 -14.81 3.87
CA GLY G 69 -20.52 -15.94 4.77
C GLY G 69 -21.33 -17.16 4.40
N PHE G 70 -22.17 -17.11 3.37
CA PHE G 70 -23.01 -18.24 3.00
C PHE G 70 -22.20 -19.51 2.84
N TRP G 71 -21.05 -19.42 2.16
CA TRP G 71 -20.23 -20.59 1.86
C TRP G 71 -19.03 -20.71 2.77
N ASN G 72 -18.99 -19.98 3.88
CA ASN G 72 -17.98 -20.20 4.90
C ASN G 72 -18.37 -21.44 5.70
N CYS G 73 -17.46 -22.38 5.83
CA CYS G 73 -17.81 -23.65 6.46
C CYS G 73 -18.00 -23.45 7.95
N PRO G 74 -19.07 -24.00 8.56
CA PRO G 74 -20.15 -24.72 7.89
C PRO G 74 -21.09 -23.82 7.08
N CYS G 75 -21.13 -24.06 5.77
CA CYS G 75 -22.07 -23.38 4.88
C CYS G 75 -23.51 -23.46 5.38
N VAL G 76 -24.31 -22.46 5.00
CA VAL G 76 -25.77 -22.45 5.18
C VAL G 76 -26.43 -23.81 4.92
N PRO G 77 -26.21 -24.48 3.78
CA PRO G 77 -26.85 -25.80 3.60
C PRO G 77 -26.51 -26.82 4.67
N MET G 78 -25.28 -26.77 5.22
CA MET G 78 -24.93 -27.69 6.28
C MET G 78 -25.56 -27.28 7.61
N ARG G 79 -25.59 -25.97 7.89
CA ARG G 79 -26.17 -25.51 9.14
C ARG G 79 -27.66 -25.80 9.20
N GLU G 80 -28.37 -25.61 8.09
CA GLU G 80 -29.83 -25.70 8.13
C GLU G 80 -30.33 -27.09 7.76
N ARG G 81 -29.79 -27.72 6.71
CA ARG G 81 -30.32 -28.98 6.21
C ARG G 81 -29.36 -30.14 6.37
N LYS G 82 -28.21 -29.94 7.01
CA LYS G 82 -27.17 -30.97 7.13
C LYS G 82 -26.72 -31.50 5.77
N GLU G 83 -26.74 -30.64 4.75
CA GLU G 83 -26.30 -31.01 3.41
C GLU G 83 -24.88 -30.50 3.22
N CYS G 84 -23.93 -31.43 3.07
CA CYS G 84 -22.54 -31.10 2.83
C CYS G 84 -22.11 -31.81 1.56
N HIS G 85 -21.98 -31.06 0.47
CA HIS G 85 -21.67 -31.68 -0.82
C HIS G 85 -20.18 -31.92 -1.01
N CYS G 86 -19.35 -31.53 -0.04
CA CYS G 86 -17.94 -31.93 -0.02
C CYS G 86 -17.76 -33.30 0.62
N MET G 87 -18.84 -33.90 1.10
CA MET G 87 -18.80 -35.19 1.78
C MET G 87 -17.81 -35.15 2.94
N LEU G 88 -17.75 -34.00 3.62
CA LEU G 88 -17.00 -33.88 4.86
C LEU G 88 -17.84 -34.32 6.06
N PHE G 89 -19.06 -33.82 6.17
CA PHE G 89 -19.99 -34.19 7.23
C PHE G 89 -21.14 -34.97 6.60
N LEU G 90 -21.25 -36.25 6.96
CA LEU G 90 -22.25 -37.15 6.39
C LEU G 90 -23.21 -37.63 7.46
N THR G 91 -24.50 -37.61 7.15
CA THR G 91 -25.51 -38.15 8.05
C THR G 91 -25.39 -39.68 8.08
N PRO G 92 -25.79 -40.31 9.19
CA PRO G 92 -25.56 -41.76 9.33
C PRO G 92 -26.24 -42.59 8.25
N ASP G 93 -27.33 -42.10 7.67
CA ASP G 93 -28.04 -42.83 6.62
C ASP G 93 -27.36 -42.72 5.25
N ASN G 94 -26.23 -42.00 5.16
CA ASN G 94 -25.51 -41.90 3.91
C ASN G 94 -24.68 -43.15 3.69
N ASP G 95 -24.77 -43.72 2.48
CA ASP G 95 -24.08 -44.95 2.18
C ASP G 95 -22.57 -44.82 2.26
N PHE G 96 -22.03 -43.60 2.16
CA PHE G 96 -20.61 -43.37 2.26
C PHE G 96 -20.18 -42.86 3.63
N ALA G 97 -21.12 -42.72 4.57
CA ALA G 97 -20.76 -42.32 5.91
C ALA G 97 -20.11 -43.48 6.64
N GLY G 98 -18.93 -43.25 7.19
CA GLY G 98 -18.31 -44.20 8.09
C GLY G 98 -18.92 -44.06 9.47
N LYS G 99 -18.19 -44.54 10.48
CA LYS G 99 -18.64 -44.44 11.86
C LYS G 99 -17.65 -43.68 12.73
N ASP G 100 -16.66 -43.01 12.13
CA ASP G 100 -15.70 -42.23 12.88
C ASP G 100 -16.08 -40.76 12.85
N GLN G 101 -15.90 -40.08 13.98
CA GLN G 101 -15.97 -38.63 14.07
C GLN G 101 -14.61 -38.03 14.41
N THR G 102 -13.54 -38.76 14.13
CA THR G 102 -12.18 -38.33 14.43
C THR G 102 -11.35 -38.49 13.18
N ILE G 103 -10.34 -37.62 13.04
CA ILE G 103 -9.36 -37.75 11.98
C ILE G 103 -8.04 -37.24 12.55
N THR G 104 -7.04 -38.11 12.62
CA THR G 104 -5.80 -37.68 13.21
C THR G 104 -5.00 -36.84 12.22
N SER G 105 -4.06 -36.05 12.76
CA SER G 105 -3.21 -35.25 11.88
C SER G 105 -2.26 -36.14 11.09
N ASP G 106 -1.92 -37.31 11.61
CA ASP G 106 -1.11 -38.25 10.86
C ASP G 106 -1.90 -38.84 9.69
N GLU G 107 -3.19 -39.11 9.90
CA GLU G 107 -4.02 -39.63 8.81
C GLU G 107 -4.14 -38.63 7.67
N ILE G 108 -4.26 -37.33 7.99
CA ILE G 108 -4.33 -36.32 6.93
C ILE G 108 -3.03 -36.31 6.13
N LYS G 109 -1.91 -36.57 6.78
CA LYS G 109 -0.62 -36.49 6.11
C LYS G 109 -0.33 -37.72 5.25
N GLU G 110 -0.85 -38.90 5.61
CA GLU G 110 -0.59 -40.06 4.76
C GLU G 110 -1.48 -40.06 3.53
N THR G 111 -2.74 -39.66 3.67
CA THR G 111 -3.65 -39.72 2.53
C THR G 111 -3.33 -38.65 1.50
N THR G 112 -2.93 -37.46 1.94
CA THR G 112 -2.62 -36.37 1.03
C THR G 112 -1.16 -36.36 0.62
N ALA G 113 -0.39 -37.39 0.97
CA ALA G 113 1.01 -37.41 0.59
C ALA G 113 1.12 -37.49 -0.93
N ASN G 114 2.23 -36.97 -1.45
CA ASN G 114 2.48 -36.91 -2.90
C ASN G 114 1.27 -36.41 -3.71
N MET G 115 0.40 -35.61 -3.09
CA MET G 115 -0.73 -35.03 -3.81
C MET G 115 -0.37 -33.67 -4.40
N THR H 24 -28.21 -9.28 -13.30
CA THR H 24 -29.14 -8.93 -14.37
C THR H 24 -30.41 -8.39 -13.71
N GLU H 25 -31.57 -8.51 -14.36
CA GLU H 25 -32.82 -8.00 -13.80
C GLU H 25 -33.55 -9.04 -12.95
N GLU H 26 -33.02 -10.28 -12.87
CA GLU H 26 -33.55 -11.23 -11.92
C GLU H 26 -33.20 -10.83 -10.49
N ASP H 27 -32.14 -10.01 -10.34
CA ASP H 27 -31.80 -9.48 -9.03
C ASP H 27 -32.80 -8.42 -8.59
N GLU H 28 -33.31 -7.63 -9.55
CA GLU H 28 -34.30 -6.61 -9.21
C GLU H 28 -35.65 -7.24 -8.94
N LYS H 29 -35.97 -8.34 -9.61
CA LYS H 29 -37.19 -9.08 -9.34
C LYS H 29 -37.14 -9.74 -7.97
N ALA H 30 -35.96 -10.23 -7.58
CA ALA H 30 -35.82 -10.82 -6.25
C ALA H 30 -35.89 -9.76 -5.16
N LYS H 31 -35.35 -8.57 -5.45
CA LYS H 31 -35.41 -7.48 -4.47
C LYS H 31 -36.84 -7.08 -4.18
N GLU H 32 -37.73 -7.15 -5.18
CA GLU H 32 -39.13 -6.78 -4.98
C GLU H 32 -39.82 -7.69 -3.98
N LYS H 33 -39.42 -8.97 -3.91
CA LYS H 33 -40.08 -9.93 -3.03
C LYS H 33 -39.67 -9.76 -1.58
N ILE H 34 -38.69 -8.91 -1.28
CA ILE H 34 -38.29 -8.70 0.10
C ILE H 34 -39.46 -8.13 0.89
N GLY H 35 -39.71 -8.71 2.07
CA GLY H 35 -40.83 -8.32 2.89
C GLY H 35 -42.14 -9.02 2.59
N ALA H 36 -42.20 -9.78 1.49
CA ALA H 36 -43.44 -10.45 1.07
C ALA H 36 -43.66 -11.75 1.84
N ARG H 37 -44.94 -12.12 1.98
CA ARG H 37 -45.30 -13.36 2.65
C ARG H 37 -45.16 -14.53 1.67
N VAL H 38 -44.58 -15.63 2.15
CA VAL H 38 -44.40 -16.82 1.34
C VAL H 38 -44.78 -18.04 2.18
N ARG H 39 -44.98 -19.16 1.49
CA ARG H 39 -45.28 -20.44 2.13
C ARG H 39 -44.51 -21.56 1.44
N VAL H 40 -44.02 -22.49 2.24
CA VAL H 40 -43.18 -23.57 1.73
C VAL H 40 -44.05 -24.62 1.05
N THR H 41 -43.67 -25.00 -0.17
CA THR H 41 -44.44 -25.91 -1.00
C THR H 41 -43.80 -27.28 -1.13
N VAL H 42 -42.63 -27.50 -0.54
CA VAL H 42 -41.92 -28.76 -0.71
C VAL H 42 -41.58 -29.32 0.67
N PRO H 43 -41.46 -30.64 0.84
CA PRO H 43 -41.04 -31.17 2.13
C PRO H 43 -39.61 -30.77 2.42
N LEU H 44 -39.35 -30.36 3.65
CA LEU H 44 -38.04 -29.81 4.00
C LEU H 44 -37.89 -29.81 5.50
N LYS H 45 -36.80 -30.41 5.98
CA LYS H 45 -36.50 -30.46 7.40
C LYS H 45 -35.26 -29.63 7.67
N VAL H 46 -35.29 -28.87 8.76
CA VAL H 46 -34.17 -28.04 9.16
C VAL H 46 -33.78 -28.41 10.58
N TYR H 47 -32.50 -28.22 10.88
CA TYR H 47 -31.92 -28.71 12.12
C TYR H 47 -31.25 -27.60 12.91
N HIS H 48 -31.39 -26.34 12.48
CA HIS H 48 -30.64 -25.24 13.06
C HIS H 48 -31.46 -24.34 13.97
N VAL H 49 -32.79 -24.46 14.00
CA VAL H 49 -33.55 -23.58 14.88
C VAL H 49 -33.24 -23.93 16.33
N VAL H 50 -32.98 -22.90 17.14
CA VAL H 50 -32.44 -23.09 18.47
C VAL H 50 -33.48 -23.79 19.35
N ARG H 51 -33.01 -24.76 20.13
CA ARG H 51 -33.76 -25.62 21.05
C ARG H 51 -34.78 -26.52 20.36
N VAL H 52 -34.73 -26.66 19.03
CA VAL H 52 -35.54 -27.69 18.37
C VAL H 52 -34.66 -28.54 17.44
N PRO H 53 -34.42 -29.82 17.77
CA PRO H 53 -33.48 -30.61 16.95
C PRO H 53 -33.92 -30.80 15.52
N GLU H 54 -35.22 -30.77 15.25
CA GLU H 54 -35.73 -31.03 13.91
C GLU H 54 -37.07 -30.33 13.71
N VAL H 55 -37.23 -29.65 12.58
CA VAL H 55 -38.45 -28.91 12.27
C VAL H 55 -38.80 -29.13 10.81
N GLU H 56 -40.05 -29.51 10.55
CA GLU H 56 -40.56 -29.60 9.19
C GLU H 56 -41.28 -28.30 8.82
N LEU H 57 -40.91 -27.73 7.68
CA LEU H 57 -41.40 -26.42 7.26
C LEU H 57 -42.46 -26.48 6.17
N MET H 58 -42.84 -27.67 5.72
CA MET H 58 -43.79 -27.82 4.62
C MET H 58 -45.19 -27.29 4.97
N GLY H 59 -45.49 -26.10 4.50
CA GLY H 59 -46.80 -25.49 4.66
C GLY H 59 -46.76 -24.26 5.53
N MET H 60 -45.63 -24.00 6.17
CA MET H 60 -45.46 -22.88 7.06
C MET H 60 -45.29 -21.59 6.27
N GLU H 61 -45.63 -20.48 6.92
CA GLU H 61 -45.60 -19.18 6.27
C GLU H 61 -44.73 -18.22 7.08
N GLY H 62 -44.04 -17.37 6.35
CA GLY H 62 -43.19 -16.35 6.93
C GLY H 62 -43.05 -15.25 5.91
N PHE H 63 -42.02 -14.43 6.07
CA PHE H 63 -41.78 -13.40 5.09
C PHE H 63 -40.30 -13.31 4.77
N ILE H 64 -40.01 -12.82 3.57
CA ILE H 64 -38.64 -12.69 3.07
C ILE H 64 -38.00 -11.50 3.76
N LYS H 65 -36.90 -11.74 4.47
CA LYS H 65 -36.16 -10.68 5.14
C LYS H 65 -34.98 -10.17 4.32
N ASP H 66 -34.52 -10.94 3.34
CA ASP H 66 -33.37 -10.53 2.55
C ASP H 66 -33.20 -11.45 1.35
N TYR H 67 -32.59 -10.90 0.29
CA TYR H 67 -32.12 -11.65 -0.86
C TYR H 67 -30.59 -11.61 -0.78
N VAL H 68 -30.01 -12.67 -0.18
CA VAL H 68 -28.62 -12.62 0.26
C VAL H 68 -27.61 -12.76 -0.89
N VAL H 69 -28.07 -12.90 -2.13
CA VAL H 69 -27.15 -12.86 -3.27
C VAL H 69 -26.43 -11.54 -3.35
N LEU H 70 -27.08 -10.45 -2.94
CA LEU H 70 -26.49 -9.11 -2.97
C LEU H 70 -25.96 -8.76 -1.59
N TRP H 71 -24.71 -8.29 -1.54
CA TRP H 71 -24.05 -8.03 -0.26
C TRP H 71 -23.09 -6.85 -0.45
N LYS H 72 -23.46 -5.69 0.12
CA LYS H 72 -22.61 -4.52 0.17
C LYS H 72 -22.07 -4.15 -1.21
N GLY H 73 -22.97 -4.13 -2.19
CA GLY H 73 -22.62 -3.80 -3.56
C GLY H 73 -22.04 -4.93 -4.38
N LYS H 74 -21.69 -6.05 -3.76
CA LYS H 74 -21.13 -7.19 -4.47
C LYS H 74 -22.17 -8.31 -4.60
N LYS H 75 -21.89 -9.27 -5.47
CA LYS H 75 -22.80 -10.37 -5.77
C LYS H 75 -22.23 -11.70 -5.30
N ILE H 76 -23.10 -12.53 -4.70
CA ILE H 76 -22.73 -13.78 -4.06
C ILE H 76 -23.41 -14.95 -4.77
N SER H 77 -22.71 -16.09 -4.83
CA SER H 77 -23.23 -17.29 -5.50
C SER H 77 -23.92 -18.22 -4.49
N ALA H 78 -24.95 -17.70 -3.83
CA ALA H 78 -25.70 -18.50 -2.87
C ALA H 78 -26.80 -19.29 -3.58
N ASN H 79 -26.85 -20.60 -3.30
CA ASN H 79 -27.84 -21.46 -3.95
C ASN H 79 -29.20 -21.42 -3.27
N LEU H 80 -29.28 -20.94 -2.04
CA LEU H 80 -30.55 -20.76 -1.32
C LEU H 80 -30.66 -19.28 -1.00
N PRO H 81 -31.06 -18.45 -1.99
CA PRO H 81 -30.86 -17.00 -1.87
C PRO H 81 -31.86 -16.28 -0.99
N PHE H 82 -33.01 -16.87 -0.69
CA PHE H 82 -34.07 -16.15 0.02
C PHE H 82 -34.02 -16.48 1.50
N LYS H 83 -33.59 -15.51 2.30
CA LYS H 83 -33.61 -15.61 3.75
C LYS H 83 -35.01 -15.27 4.24
N VAL H 84 -35.71 -16.27 4.78
CA VAL H 84 -37.12 -16.13 5.14
C VAL H 84 -37.23 -16.20 6.66
N GLN H 85 -37.94 -15.24 7.23
CA GLN H 85 -38.18 -15.21 8.67
C GLN H 85 -39.40 -16.07 8.97
N PHE H 86 -39.27 -16.97 9.92
CA PHE H 86 -40.34 -17.87 10.30
C PHE H 86 -40.66 -17.74 11.78
N VAL H 87 -41.93 -17.95 12.11
CA VAL H 87 -42.42 -18.09 13.47
C VAL H 87 -43.12 -19.43 13.58
N LYS H 88 -42.77 -20.21 14.59
CA LYS H 88 -43.48 -21.45 14.85
C LYS H 88 -43.85 -21.52 16.31
N GLU H 89 -45.06 -22.00 16.57
CA GLU H 89 -45.61 -22.07 17.91
C GLU H 89 -45.28 -23.44 18.47
N ILE H 90 -44.64 -23.47 19.62
CA ILE H 90 -44.35 -24.71 20.32
C ILE H 90 -45.01 -24.62 21.68
N GLU H 91 -45.88 -25.57 21.98
CA GLU H 91 -46.51 -25.57 23.28
C GLU H 91 -45.51 -26.06 24.31
N GLY H 92 -45.44 -25.34 25.44
CA GLY H 92 -44.48 -25.60 26.49
C GLY H 92 -43.37 -24.56 26.53
N ARG H 93 -43.26 -23.76 25.47
CA ARG H 93 -42.25 -22.72 25.33
C ARG H 93 -42.88 -21.58 24.54
N GLY H 94 -42.24 -20.41 24.56
CA GLY H 94 -42.73 -19.27 23.84
C GLY H 94 -42.46 -19.35 22.35
N PRO H 95 -43.01 -18.42 21.58
CA PRO H 95 -42.83 -18.45 20.12
C PRO H 95 -41.37 -18.23 19.73
N VAL H 96 -40.85 -19.16 18.93
CA VAL H 96 -39.48 -19.08 18.43
C VAL H 96 -39.49 -18.45 17.04
N LYS H 97 -38.67 -17.41 16.88
CA LYS H 97 -38.42 -16.79 15.58
C LYS H 97 -37.11 -17.33 15.04
N PHE H 98 -37.10 -17.65 13.75
CA PHE H 98 -35.88 -18.20 13.15
C PHE H 98 -35.83 -17.89 11.66
N PHE H 99 -34.65 -18.07 11.09
CA PHE H 99 -34.40 -17.89 9.67
C PHE H 99 -34.12 -19.23 9.01
N THR H 100 -34.56 -19.35 7.77
CA THR H 100 -34.18 -20.47 6.92
C THR H 100 -34.07 -19.96 5.49
N HIS H 101 -33.00 -20.37 4.81
CA HIS H 101 -32.76 -19.94 3.44
C HIS H 101 -33.47 -20.91 2.50
N LEU H 102 -34.14 -20.35 1.50
CA LEU H 102 -34.87 -21.15 0.55
C LEU H 102 -34.55 -20.70 -0.86
N LYS H 103 -34.69 -21.62 -1.79
CA LYS H 103 -34.71 -21.26 -3.18
C LYS H 103 -36.15 -21.14 -3.65
N GLU H 104 -36.30 -20.44 -4.76
CA GLU H 104 -37.59 -20.09 -5.35
C GLU H 104 -38.50 -21.29 -5.66
N ASP H 105 -37.94 -22.45 -6.03
CA ASP H 105 -38.87 -23.55 -6.28
C ASP H 105 -39.35 -24.22 -4.99
N GLU H 106 -39.00 -23.71 -3.82
CA GLU H 106 -39.39 -24.28 -2.55
C GLU H 106 -40.47 -23.49 -1.80
N PHE H 107 -40.92 -22.37 -2.34
CA PHE H 107 -41.92 -21.59 -1.63
C PHE H 107 -42.88 -20.95 -2.61
N GLU H 108 -44.01 -20.51 -2.07
CA GLU H 108 -45.07 -19.91 -2.85
C GLU H 108 -45.41 -18.54 -2.31
N LEU H 109 -45.72 -17.62 -3.23
CA LEU H 109 -46.13 -16.30 -2.82
C LEU H 109 -47.62 -16.28 -2.50
N ILE H 110 -47.97 -15.44 -1.54
CA ILE H 110 -49.35 -15.18 -1.16
C ILE H 110 -49.69 -13.79 -1.66
N ASP H 111 -50.95 -13.59 -2.01
CA ASP H 111 -51.42 -12.37 -2.70
C ASP H 111 -50.86 -12.33 -4.12
N THR I 8 -3.38 -43.88 -20.90
CA THR I 8 -2.78 -42.56 -20.71
C THR I 8 -3.75 -41.62 -20.00
N ASP I 9 -3.21 -40.57 -19.38
CA ASP I 9 -4.01 -39.67 -18.58
C ASP I 9 -4.95 -38.84 -19.46
N ILE I 10 -6.07 -38.42 -18.87
CA ILE I 10 -7.09 -37.68 -19.60
C ILE I 10 -6.56 -36.30 -19.95
N GLN I 11 -6.83 -35.85 -21.16
CA GLN I 11 -6.26 -34.59 -21.66
C GLN I 11 -6.81 -33.39 -20.91
N VAL I 12 -5.93 -32.41 -20.67
CA VAL I 12 -6.30 -31.17 -20.01
C VAL I 12 -6.87 -30.19 -21.04
N VAL I 13 -7.90 -29.44 -20.64
CA VAL I 13 -8.40 -28.31 -21.40
C VAL I 13 -8.41 -27.08 -20.50
N ASN I 14 -8.21 -25.92 -21.11
CA ASN I 14 -8.10 -24.65 -20.39
C ASN I 14 -9.00 -23.62 -21.07
N ASP I 15 -9.07 -22.43 -20.47
CA ASP I 15 -9.80 -21.33 -21.08
C ASP I 15 -9.24 -21.01 -22.46
N SER I 16 -7.91 -20.97 -22.59
CA SER I 16 -7.29 -20.65 -23.86
C SER I 16 -7.62 -21.66 -24.95
N THR I 17 -7.75 -22.93 -24.59
CA THR I 17 -7.95 -24.00 -25.56
C THR I 17 -9.39 -24.47 -25.65
N TRP I 18 -10.31 -23.84 -24.92
CA TRP I 18 -11.69 -24.31 -24.87
C TRP I 18 -12.34 -24.31 -26.25
N ASP I 19 -12.15 -23.22 -27.01
CA ASP I 19 -12.79 -23.10 -28.31
C ASP I 19 -12.31 -24.19 -29.27
N SER I 20 -10.99 -24.37 -29.37
CA SER I 20 -10.46 -25.29 -30.37
C SER I 20 -10.66 -26.75 -30.00
N LEU I 21 -10.54 -27.10 -28.72
CA LEU I 21 -10.62 -28.50 -28.32
C LEU I 21 -12.04 -28.98 -28.06
N VAL I 22 -12.94 -28.11 -27.62
CA VAL I 22 -14.29 -28.49 -27.22
C VAL I 22 -15.34 -27.95 -28.20
N LEU I 23 -15.36 -26.63 -28.41
CA LEU I 23 -16.43 -26.03 -29.20
C LEU I 23 -16.34 -26.41 -30.68
N LYS I 24 -15.13 -26.53 -31.21
CA LYS I 24 -14.92 -26.88 -32.61
C LYS I 24 -14.61 -28.35 -32.82
N ALA I 25 -14.87 -29.19 -31.81
CA ALA I 25 -14.59 -30.61 -31.90
C ALA I 25 -15.67 -31.33 -32.71
N THR I 26 -15.31 -32.53 -33.18
CA THR I 26 -16.23 -33.42 -33.87
C THR I 26 -16.60 -34.56 -32.94
N GLY I 27 -17.90 -34.85 -32.84
CA GLY I 27 -18.37 -35.89 -31.96
C GLY I 27 -18.60 -35.40 -30.55
N PRO I 28 -19.14 -36.27 -29.69
CA PRO I 28 -19.44 -35.85 -28.32
C PRO I 28 -18.18 -35.59 -27.52
N VAL I 29 -18.22 -34.56 -26.68
CA VAL I 29 -17.13 -34.21 -25.79
C VAL I 29 -17.68 -34.09 -24.38
N VAL I 30 -17.05 -34.79 -23.44
CA VAL I 30 -17.40 -34.71 -22.03
C VAL I 30 -16.26 -34.01 -21.31
N VAL I 31 -16.61 -33.06 -20.45
CA VAL I 31 -15.62 -32.28 -19.69
C VAL I 31 -15.89 -32.48 -18.21
N ASP I 32 -14.84 -32.85 -17.47
CA ASP I 32 -14.90 -33.06 -16.04
C ASP I 32 -14.36 -31.79 -15.36
N PHE I 33 -15.25 -31.05 -14.72
CA PHE I 33 -14.87 -29.84 -14.00
C PHE I 33 -14.47 -30.20 -12.58
N TRP I 34 -13.21 -29.98 -12.24
CA TRP I 34 -12.65 -30.41 -10.97
C TRP I 34 -11.84 -29.28 -10.34
N ALA I 35 -11.46 -29.50 -9.09
CA ALA I 35 -10.68 -28.55 -8.30
C ALA I 35 -9.70 -29.34 -7.43
N PRO I 36 -8.51 -28.79 -7.19
CA PRO I 36 -7.47 -29.61 -6.54
C PRO I 36 -7.78 -30.03 -5.12
N TRP I 37 -8.58 -29.27 -4.37
CA TRP I 37 -8.86 -29.55 -2.96
C TRP I 37 -10.31 -29.98 -2.72
N CYS I 38 -10.97 -30.49 -3.74
CA CYS I 38 -12.33 -31.01 -3.65
C CYS I 38 -12.28 -32.53 -3.56
N GLY I 39 -12.62 -33.07 -2.40
CA GLY I 39 -12.58 -34.50 -2.18
C GLY I 39 -13.40 -35.33 -3.15
N PRO I 40 -14.69 -35.02 -3.30
CA PRO I 40 -15.53 -35.79 -4.22
C PRO I 40 -15.04 -35.76 -5.66
N SER I 41 -14.32 -34.71 -6.03
CA SER I 41 -13.77 -34.65 -7.38
C SER I 41 -12.63 -35.63 -7.57
N LYS I 42 -11.88 -35.93 -6.50
CA LYS I 42 -10.85 -36.94 -6.58
C LYS I 42 -11.41 -38.36 -6.49
N MET I 43 -12.54 -38.54 -5.81
CA MET I 43 -13.10 -39.87 -5.65
C MET I 43 -13.75 -40.40 -6.93
N ILE I 44 -14.12 -39.52 -7.86
CA ILE I 44 -14.65 -39.97 -9.14
C ILE I 44 -13.56 -40.08 -10.21
N ASP I 45 -12.32 -39.72 -9.89
CA ASP I 45 -11.24 -39.81 -10.88
C ASP I 45 -11.09 -41.21 -11.47
N PRO I 46 -11.06 -42.29 -10.68
CA PRO I 46 -10.99 -43.63 -11.32
C PRO I 46 -12.21 -43.93 -12.17
N LEU I 47 -13.39 -43.41 -11.82
CA LEU I 47 -14.57 -43.63 -12.64
C LEU I 47 -14.48 -42.89 -13.97
N VAL I 48 -13.98 -41.65 -13.94
CA VAL I 48 -13.87 -40.89 -15.18
C VAL I 48 -12.78 -41.48 -16.08
N ASN I 49 -11.70 -41.99 -15.48
CA ASN I 49 -10.69 -42.69 -16.26
C ASN I 49 -11.25 -43.98 -16.84
N ASP I 50 -12.15 -44.63 -16.11
CA ASP I 50 -12.76 -45.87 -16.59
C ASP I 50 -13.60 -45.59 -17.84
N LEU I 51 -14.42 -44.54 -17.81
CA LEU I 51 -15.28 -44.25 -18.94
C LEU I 51 -14.50 -43.70 -20.13
N ALA I 52 -13.43 -42.94 -19.87
CA ALA I 52 -12.58 -42.47 -20.95
C ALA I 52 -12.00 -43.65 -21.73
N GLN I 53 -11.60 -44.70 -21.02
CA GLN I 53 -11.10 -45.90 -21.67
C GLN I 53 -12.23 -46.65 -22.39
N HIS I 54 -13.39 -46.77 -21.74
CA HIS I 54 -14.51 -47.50 -22.32
C HIS I 54 -15.01 -46.85 -23.61
N TYR I 55 -14.88 -45.53 -23.73
CA TYR I 55 -15.42 -44.80 -24.87
C TYR I 55 -14.35 -44.28 -25.83
N THR I 56 -13.16 -44.89 -25.84
CA THR I 56 -12.11 -44.41 -26.73
C THR I 56 -12.58 -44.43 -28.19
N GLY I 57 -12.30 -43.34 -28.89
CA GLY I 57 -12.71 -43.20 -30.28
C GLY I 57 -14.16 -42.87 -30.50
N LYS I 58 -14.98 -42.88 -29.45
CA LYS I 58 -16.40 -42.56 -29.57
C LYS I 58 -16.79 -41.31 -28.79
N ILE I 59 -16.20 -41.09 -27.63
CA ILE I 59 -16.41 -39.88 -26.83
C ILE I 59 -15.06 -39.42 -26.33
N LYS I 60 -14.76 -38.13 -26.52
CA LYS I 60 -13.49 -37.55 -26.11
C LYS I 60 -13.66 -36.90 -24.73
N PHE I 61 -12.72 -37.15 -23.84
CA PHE I 61 -12.77 -36.68 -22.47
C PHE I 61 -11.73 -35.60 -22.23
N TYR I 62 -12.10 -34.57 -21.48
CA TYR I 62 -11.18 -33.54 -21.03
C TYR I 62 -11.44 -33.25 -19.56
N LYS I 63 -10.39 -32.83 -18.85
CA LYS I 63 -10.49 -32.37 -17.48
C LYS I 63 -10.10 -30.91 -17.42
N LEU I 64 -10.88 -30.11 -16.71
CA LEU I 64 -10.63 -28.67 -16.57
C LEU I 64 -10.54 -28.32 -15.10
N ASN I 65 -9.39 -27.80 -14.68
CA ASN I 65 -9.18 -27.30 -13.32
C ASN I 65 -9.86 -25.94 -13.20
N THR I 66 -10.97 -25.89 -12.46
CA THR I 66 -11.73 -24.65 -12.34
C THR I 66 -10.98 -23.56 -11.59
N ASP I 67 -9.91 -23.91 -10.87
CA ASP I 67 -9.12 -22.88 -10.19
C ASP I 67 -8.14 -22.21 -11.14
N GLU I 68 -7.59 -22.94 -12.10
CA GLU I 68 -6.62 -22.38 -13.04
C GLU I 68 -7.26 -21.75 -14.26
N SER I 69 -8.48 -22.15 -14.61
CA SER I 69 -9.21 -21.59 -15.75
C SER I 69 -10.62 -21.24 -15.28
N PRO I 70 -10.79 -20.06 -14.67
CA PRO I 70 -12.11 -19.73 -14.08
C PRO I 70 -13.15 -19.29 -15.09
N ASN I 71 -12.77 -18.91 -16.30
CA ASN I 71 -13.73 -18.29 -17.21
C ASN I 71 -14.68 -19.29 -17.85
N THR I 72 -14.21 -20.52 -18.14
CA THR I 72 -15.10 -21.50 -18.75
C THR I 72 -16.20 -21.96 -17.79
N PRO I 73 -15.91 -22.36 -16.54
CA PRO I 73 -17.03 -22.70 -15.64
C PRO I 73 -17.94 -21.53 -15.38
N GLY I 74 -17.40 -20.31 -15.35
CA GLY I 74 -18.26 -19.14 -15.26
C GLY I 74 -19.22 -19.01 -16.44
N GLN I 75 -18.73 -19.32 -17.65
CA GLN I 75 -19.58 -19.18 -18.83
C GLN I 75 -20.74 -20.15 -18.80
N TYR I 76 -20.54 -21.35 -18.28
CA TYR I 76 -21.55 -22.40 -18.31
C TYR I 76 -22.25 -22.59 -16.97
N GLY I 77 -22.03 -21.68 -16.02
CA GLY I 77 -22.74 -21.73 -14.76
C GLY I 77 -22.31 -22.86 -13.84
N VAL I 78 -21.11 -23.39 -14.01
CA VAL I 78 -20.63 -24.42 -13.10
C VAL I 78 -20.41 -23.80 -11.71
N ARG I 79 -21.06 -24.38 -10.71
CA ARG I 79 -20.96 -23.90 -9.33
C ARG I 79 -20.44 -24.98 -8.40
N SER I 80 -21.17 -26.08 -8.24
CA SER I 80 -20.71 -27.18 -7.41
C SER I 80 -19.67 -28.00 -8.15
N ILE I 81 -18.67 -28.46 -7.42
CA ILE I 81 -17.61 -29.34 -7.94
C ILE I 81 -17.76 -30.69 -7.27
N PRO I 82 -17.71 -31.81 -8.01
CA PRO I 82 -17.51 -31.89 -9.46
C PRO I 82 -18.75 -31.65 -10.31
N THR I 83 -18.54 -31.24 -11.55
CA THR I 83 -19.60 -31.15 -12.55
C THR I 83 -19.08 -31.75 -13.84
N ILE I 84 -19.92 -32.56 -14.49
CA ILE I 84 -19.59 -33.17 -15.78
C ILE I 84 -20.58 -32.65 -16.82
N MET I 85 -20.05 -32.19 -17.95
CA MET I 85 -20.87 -31.66 -19.04
C MET I 85 -20.51 -32.35 -20.34
N ILE I 86 -21.51 -32.59 -21.18
CA ILE I 86 -21.33 -33.20 -22.49
C ILE I 86 -21.60 -32.13 -23.54
N PHE I 87 -20.70 -32.01 -24.51
CA PHE I 87 -20.83 -31.02 -25.57
C PHE I 87 -20.89 -31.71 -26.92
N VAL I 88 -21.78 -31.22 -27.78
CA VAL I 88 -21.91 -31.70 -29.15
C VAL I 88 -22.06 -30.49 -30.06
N GLY I 89 -21.22 -30.42 -31.09
CA GLY I 89 -21.29 -29.30 -32.01
C GLY I 89 -21.16 -27.96 -31.33
N GLY I 90 -20.35 -27.89 -30.28
CA GLY I 90 -20.14 -26.65 -29.55
C GLY I 90 -21.24 -26.25 -28.60
N GLU I 91 -22.16 -27.16 -28.25
CA GLU I 91 -23.27 -26.82 -27.38
C GLU I 91 -23.36 -27.78 -26.20
N LYS I 92 -23.70 -27.22 -25.04
CA LYS I 92 -23.93 -28.01 -23.84
C LYS I 92 -25.19 -28.84 -24.01
N LYS I 93 -25.07 -30.15 -23.91
CA LYS I 93 -26.20 -31.05 -24.11
C LYS I 93 -26.67 -31.73 -22.84
N ASP I 94 -25.78 -31.95 -21.88
CA ASP I 94 -26.16 -32.57 -20.61
C ASP I 94 -25.26 -32.04 -19.51
N THR I 95 -25.77 -32.12 -18.28
CA THR I 95 -25.05 -31.65 -17.10
C THR I 95 -25.31 -32.63 -15.96
N ILE I 96 -24.24 -33.13 -15.36
CA ILE I 96 -24.32 -34.01 -14.20
C ILE I 96 -23.53 -33.37 -13.08
N ILE I 97 -24.19 -33.07 -11.97
CA ILE I 97 -23.60 -32.35 -10.86
C ILE I 97 -23.37 -33.35 -9.72
N GLY I 98 -22.14 -33.43 -9.25
CA GLY I 98 -21.81 -34.25 -8.11
C GLY I 98 -21.42 -35.66 -8.51
N ALA I 99 -20.94 -36.40 -7.51
CA ALA I 99 -20.60 -37.81 -7.70
C ALA I 99 -21.85 -38.64 -7.96
N VAL I 100 -21.84 -39.38 -9.06
CA VAL I 100 -22.94 -40.28 -9.41
C VAL I 100 -22.35 -41.66 -9.64
N PRO I 101 -23.15 -42.71 -9.50
CA PRO I 101 -22.60 -44.07 -9.68
C PRO I 101 -22.29 -44.37 -11.13
N LYS I 102 -21.47 -45.41 -11.32
CA LYS I 102 -20.96 -45.73 -12.66
C LYS I 102 -22.09 -46.02 -13.64
N THR I 103 -23.14 -46.70 -13.19
CA THR I 103 -24.22 -47.05 -14.12
C THR I 103 -25.01 -45.82 -14.54
N THR I 104 -25.18 -44.86 -13.63
CA THR I 104 -25.85 -43.60 -13.99
C THR I 104 -25.03 -42.84 -15.02
N LEU I 105 -23.72 -42.78 -14.85
CA LEU I 105 -22.88 -42.03 -15.76
C LEU I 105 -22.79 -42.70 -17.12
N THR I 106 -22.56 -44.02 -17.13
CA THR I 106 -22.64 -44.79 -18.38
C THR I 106 -23.94 -44.53 -19.12
N SER I 107 -25.05 -44.52 -18.39
CA SER I 107 -26.35 -44.30 -19.02
C SER I 107 -26.44 -42.91 -19.64
N SER I 108 -25.95 -41.89 -18.91
CA SER I 108 -25.93 -40.54 -19.45
C SER I 108 -25.11 -40.44 -20.72
N LEU I 109 -23.97 -41.14 -20.76
CA LEU I 109 -23.05 -41.00 -21.88
C LEU I 109 -23.48 -41.85 -23.08
N ASP I 110 -24.17 -42.97 -22.84
CA ASP I 110 -24.61 -43.81 -23.95
C ASP I 110 -25.58 -43.09 -24.88
N LYS I 111 -26.39 -42.18 -24.34
CA LYS I 111 -27.36 -41.45 -25.14
C LYS I 111 -26.73 -40.62 -26.25
N PHE I 112 -25.40 -40.47 -26.24
CA PHE I 112 -24.68 -39.76 -27.29
C PHE I 112 -23.94 -40.71 -28.21
N LEU I 113 -24.39 -41.97 -28.28
CA LEU I 113 -23.78 -42.99 -29.14
C LEU I 113 -22.32 -43.26 -28.76
N THR J 3 -1.25 -18.51 -42.53
CA THR J 3 -0.01 -19.29 -42.63
C THR J 3 0.43 -19.62 -41.21
N GLU J 4 0.86 -20.87 -41.05
CA GLU J 4 1.32 -21.74 -39.98
C GLU J 4 2.82 -21.69 -39.87
N PRO J 5 3.27 -21.54 -38.64
CA PRO J 5 4.69 -21.29 -38.41
C PRO J 5 5.52 -22.55 -38.63
N SER J 6 6.76 -22.32 -39.06
CA SER J 6 7.65 -23.44 -39.31
C SER J 6 7.95 -24.21 -38.04
N GLU J 7 8.20 -25.50 -38.25
CA GLU J 7 8.43 -26.48 -37.20
C GLU J 7 9.84 -26.31 -36.65
N LYS J 8 10.71 -25.71 -37.46
CA LYS J 8 12.06 -25.33 -37.04
C LYS J 8 12.02 -24.13 -36.11
N SER J 9 11.15 -23.17 -36.40
CA SER J 9 11.06 -21.97 -35.58
C SER J 9 10.30 -22.23 -34.28
N VAL J 10 9.29 -23.10 -34.31
CA VAL J 10 8.60 -23.46 -33.07
C VAL J 10 9.58 -24.13 -32.12
N GLU J 11 10.39 -25.05 -32.63
CA GLU J 11 11.36 -25.74 -31.79
C GLU J 11 12.45 -24.80 -31.32
N ILE J 12 12.83 -23.82 -32.15
CA ILE J 12 13.79 -22.81 -31.71
C ILE J 12 13.20 -22.00 -30.55
N MET J 13 11.98 -21.51 -30.72
CA MET J 13 11.36 -20.69 -29.68
C MET J 13 10.97 -21.51 -28.46
N ARG J 14 10.60 -22.78 -28.64
CA ARG J 14 10.30 -23.63 -27.49
C ARG J 14 11.53 -23.79 -26.60
N LYS J 15 12.69 -24.10 -27.19
CA LYS J 15 13.89 -24.28 -26.40
C LYS J 15 14.39 -22.95 -25.83
N PHE J 16 14.21 -21.86 -26.56
CA PHE J 16 14.57 -20.56 -26.01
C PHE J 16 13.75 -20.25 -24.77
N SER J 17 12.45 -20.56 -24.81
CA SER J 17 11.57 -20.21 -23.70
C SER J 17 11.88 -21.04 -22.47
N GLU J 18 12.18 -22.33 -22.65
CA GLU J 18 12.62 -23.16 -21.53
C GLU J 18 13.92 -22.61 -20.94
N GLN J 19 14.85 -22.21 -21.81
CA GLN J 19 16.15 -21.75 -21.35
C GLN J 19 16.08 -20.36 -20.74
N TYR J 20 15.22 -19.49 -21.30
CA TYR J 20 15.10 -18.15 -20.74
C TYR J 20 14.29 -18.15 -19.45
N ALA J 21 13.35 -19.08 -19.31
CA ALA J 21 12.59 -19.17 -18.07
C ALA J 21 13.49 -19.51 -16.88
N ARG J 22 14.40 -20.47 -17.07
CA ARG J 22 15.32 -20.82 -15.98
C ARG J 22 16.34 -19.73 -15.72
N ARG J 23 16.76 -19.00 -16.76
CA ARG J 23 17.78 -17.98 -16.57
C ARG J 23 17.23 -16.75 -15.90
N SER J 24 15.94 -16.46 -16.09
CA SER J 24 15.29 -15.33 -15.47
C SER J 24 14.59 -15.70 -14.17
N GLY J 25 14.57 -16.98 -13.81
CA GLY J 25 13.84 -17.40 -12.63
C GLY J 25 12.34 -17.18 -12.75
N THR J 26 11.78 -17.42 -13.93
CA THR J 26 10.36 -17.26 -14.17
C THR J 26 9.77 -18.60 -14.57
N TYR J 27 8.45 -18.69 -14.52
CA TYR J 27 7.76 -19.94 -14.73
C TYR J 27 6.64 -19.76 -15.73
N PHE J 28 6.32 -20.84 -16.43
CA PHE J 28 5.25 -20.83 -17.41
C PHE J 28 3.88 -20.79 -16.74
N CYS J 29 2.88 -20.40 -17.53
CA CYS J 29 1.55 -20.19 -17.00
C CYS J 29 0.86 -21.51 -16.68
N VAL J 30 -0.08 -21.47 -15.73
CA VAL J 30 -0.84 -22.68 -15.38
C VAL J 30 -1.74 -23.08 -16.54
N ASP J 31 -2.24 -22.10 -17.30
CA ASP J 31 -2.98 -22.35 -18.52
C ASP J 31 -1.95 -22.60 -19.61
N LYS J 32 -1.71 -23.87 -19.93
CA LYS J 32 -0.63 -24.02 -20.89
C LYS J 32 -0.99 -23.89 -22.34
N GLY J 33 -2.25 -23.71 -22.70
CA GLY J 33 -2.48 -23.26 -24.05
C GLY J 33 -1.86 -21.89 -24.27
N VAL J 34 -1.84 -21.06 -23.21
CA VAL J 34 -1.25 -19.72 -23.32
C VAL J 34 0.22 -19.80 -23.72
N THR J 35 0.97 -20.67 -23.05
CA THR J 35 2.39 -20.81 -23.35
C THR J 35 2.61 -21.28 -24.78
N SER J 36 1.86 -22.30 -25.20
CA SER J 36 2.01 -22.84 -26.55
C SER J 36 1.64 -21.80 -27.60
N VAL J 37 0.53 -21.08 -27.39
CA VAL J 37 0.07 -20.10 -28.36
C VAL J 37 1.10 -18.98 -28.54
N VAL J 38 1.64 -18.47 -27.43
CA VAL J 38 2.61 -17.38 -27.51
C VAL J 38 3.87 -17.84 -28.22
N ILE J 39 4.34 -19.05 -27.91
CA ILE J 39 5.52 -19.59 -28.59
C ILE J 39 5.28 -19.69 -30.09
N LYS J 40 4.10 -20.18 -30.48
CA LYS J 40 3.78 -20.26 -31.91
C LYS J 40 3.72 -18.88 -32.53
N GLY J 41 3.24 -17.89 -31.79
CA GLY J 41 3.21 -16.53 -32.31
C GLY J 41 4.61 -15.95 -32.49
N LEU J 42 5.51 -16.26 -31.55
CA LEU J 42 6.91 -15.87 -31.70
C LEU J 42 7.54 -16.55 -32.91
N ALA J 43 7.28 -17.84 -33.11
CA ALA J 43 7.82 -18.56 -34.25
C ALA J 43 7.31 -17.98 -35.55
N GLU J 44 6.03 -17.62 -35.60
CA GLU J 44 5.46 -17.08 -36.83
C GLU J 44 6.13 -15.77 -37.21
N HIS J 45 6.40 -14.92 -36.22
CA HIS J 45 7.13 -13.67 -36.49
C HIS J 45 8.58 -13.93 -36.87
N LYS J 46 9.21 -14.94 -36.27
CA LYS J 46 10.59 -15.26 -36.65
C LYS J 46 10.66 -15.78 -38.07
N ASP J 47 9.63 -16.51 -38.50
CA ASP J 47 9.56 -16.95 -39.89
C ASP J 47 9.49 -15.76 -40.84
N SER J 48 8.71 -14.74 -40.47
CA SER J 48 8.42 -13.64 -41.38
C SER J 48 9.45 -12.51 -41.31
N TYR J 49 10.13 -12.34 -40.17
CA TYR J 49 11.09 -11.24 -40.05
C TYR J 49 12.46 -11.62 -39.50
N GLY J 50 12.70 -12.87 -39.15
CA GLY J 50 14.00 -13.23 -38.63
C GLY J 50 14.20 -12.94 -37.16
N ALA J 51 13.21 -12.36 -36.50
CA ALA J 51 13.27 -12.06 -35.08
C ALA J 51 11.91 -12.35 -34.46
N PRO J 52 11.87 -12.82 -33.22
CA PRO J 52 10.57 -13.15 -32.60
C PRO J 52 9.89 -11.91 -32.01
N LEU J 53 9.27 -11.12 -32.89
CA LEU J 53 8.49 -9.98 -32.44
C LEU J 53 7.36 -10.46 -31.53
N CYS J 54 7.02 -9.63 -30.54
CA CYS J 54 6.01 -10.00 -29.56
C CYS J 54 4.66 -10.22 -30.25
N PRO J 55 3.96 -11.34 -30.01
CA PRO J 55 2.69 -11.57 -30.70
C PRO J 55 1.48 -10.98 -30.01
N CYS J 56 1.64 -10.29 -28.86
CA CYS J 56 0.50 -9.67 -28.17
C CYS J 56 0.58 -8.14 -28.22
N ARG J 57 1.17 -7.61 -29.30
CA ARG J 57 1.19 -6.19 -29.58
C ARG J 57 0.69 -5.95 -30.99
N HIS J 58 0.07 -4.79 -31.21
CA HIS J 58 -0.27 -4.35 -32.55
C HIS J 58 0.75 -3.32 -33.00
N TYR J 59 1.30 -3.53 -34.19
CA TYR J 59 2.35 -2.68 -34.74
C TYR J 59 1.87 -1.98 -36.00
N ASP J 60 2.46 -0.81 -36.26
CA ASP J 60 2.30 -0.14 -37.55
C ASP J 60 3.40 -0.50 -38.54
N ASP J 61 4.62 -0.74 -38.06
CA ASP J 61 5.79 -0.94 -38.91
C ASP J 61 6.63 -2.07 -38.30
N LYS J 62 6.30 -3.30 -38.67
CA LYS J 62 6.94 -4.46 -38.06
C LYS J 62 8.44 -4.50 -38.38
N ALA J 63 8.81 -4.09 -39.59
CA ALA J 63 10.23 -4.07 -39.95
C ALA J 63 11.01 -3.12 -39.06
N ALA J 64 10.45 -1.94 -38.78
CA ALA J 64 11.10 -1.00 -37.87
C ALA J 64 11.18 -1.56 -36.45
N GLU J 65 10.12 -2.23 -35.99
CA GLU J 65 10.13 -2.83 -34.67
C GLU J 65 11.24 -3.88 -34.57
N VAL J 66 11.34 -4.75 -35.57
CA VAL J 66 12.40 -5.76 -35.58
C VAL J 66 13.77 -5.09 -35.61
N GLY J 67 13.89 -4.00 -36.36
CA GLY J 67 15.18 -3.34 -36.48
C GLY J 67 15.64 -2.68 -35.19
N GLN J 68 14.74 -1.93 -34.55
CA GLN J 68 15.09 -1.29 -33.28
C GLN J 68 15.25 -2.33 -32.18
N GLY J 69 14.37 -3.33 -32.13
CA GLY J 69 14.54 -4.46 -31.24
C GLY J 69 13.78 -4.40 -29.93
N PHE J 70 13.08 -3.30 -29.63
CA PHE J 70 12.39 -3.16 -28.36
C PHE J 70 11.44 -4.32 -28.07
N TRP J 71 10.66 -4.73 -29.07
CA TRP J 71 9.65 -5.76 -28.88
C TRP J 71 10.08 -7.11 -29.43
N ASN J 72 11.38 -7.27 -29.71
CA ASN J 72 11.93 -8.58 -30.03
C ASN J 72 12.08 -9.37 -28.74
N CYS J 73 11.56 -10.59 -28.73
CA CYS J 73 11.51 -11.35 -27.49
C CYS J 73 12.91 -11.86 -27.14
N PRO J 74 13.34 -11.74 -25.88
CA PRO J 74 12.63 -11.08 -24.76
C PRO J 74 12.60 -9.55 -24.88
N CYS J 75 11.40 -8.98 -24.94
CA CYS J 75 11.22 -7.52 -24.95
C CYS J 75 11.97 -6.85 -23.80
N VAL J 76 12.40 -5.62 -24.04
CA VAL J 76 12.93 -4.70 -23.04
C VAL J 76 12.19 -4.76 -21.71
N PRO J 77 10.86 -4.63 -21.66
CA PRO J 77 10.18 -4.73 -20.35
C PRO J 77 10.44 -6.03 -19.63
N MET J 78 10.62 -7.13 -20.34
CA MET J 78 10.93 -8.40 -19.69
C MET J 78 12.38 -8.45 -19.21
N ARG J 79 13.31 -7.97 -20.05
CA ARG J 79 14.71 -8.00 -19.65
C ARG J 79 14.96 -7.13 -18.43
N GLU J 80 14.32 -5.97 -18.38
CA GLU J 80 14.62 -5.02 -17.32
C GLU J 80 13.70 -5.17 -16.11
N ARG J 81 12.40 -5.37 -16.31
CA ARG J 81 11.44 -5.40 -15.22
C ARG J 81 10.79 -6.75 -15.01
N LYS J 82 11.19 -7.78 -15.78
CA LYS J 82 10.57 -9.11 -15.71
C LYS J 82 9.07 -9.05 -15.94
N GLU J 83 8.62 -8.10 -16.75
CA GLU J 83 7.22 -7.94 -17.09
C GLU J 83 6.98 -8.57 -18.46
N CYS J 84 6.16 -9.62 -18.50
CA CYS J 84 5.82 -10.31 -19.74
C CYS J 84 4.29 -10.32 -19.86
N HIS J 85 3.77 -9.46 -20.74
CA HIS J 85 2.33 -9.33 -20.86
C HIS J 85 1.70 -10.37 -21.77
N CYS J 86 2.49 -11.24 -22.37
CA CYS J 86 1.97 -12.43 -23.03
C CYS J 86 1.80 -13.58 -22.06
N MET J 87 2.16 -13.38 -20.79
CA MET J 87 2.09 -14.41 -19.77
C MET J 87 2.86 -15.65 -20.21
N LEU J 88 3.98 -15.42 -20.90
CA LEU J 88 4.92 -16.49 -21.23
C LEU J 88 5.88 -16.74 -20.07
N PHE J 89 6.49 -15.67 -19.56
CA PHE J 89 7.41 -15.74 -18.43
C PHE J 89 6.74 -15.06 -17.24
N LEU J 90 6.42 -15.83 -16.20
CA LEU J 90 5.71 -15.33 -15.04
C LEU J 90 6.58 -15.45 -13.81
N THR J 91 6.60 -14.39 -12.99
CA THR J 91 7.32 -14.43 -11.73
C THR J 91 6.60 -15.35 -10.75
N PRO J 92 7.33 -15.96 -9.80
CA PRO J 92 6.69 -16.93 -8.91
C PRO J 92 5.54 -16.36 -8.09
N ASP J 93 5.56 -15.05 -7.83
CA ASP J 93 4.49 -14.41 -7.08
C ASP J 93 3.25 -14.14 -7.92
N ASN J 94 3.26 -14.47 -9.21
CA ASN J 94 2.09 -14.28 -10.04
C ASN J 94 1.11 -15.43 -9.79
N ASP J 95 -0.16 -15.08 -9.56
CA ASP J 95 -1.16 -16.10 -9.24
C ASP J 95 -1.39 -17.07 -10.39
N PHE J 96 -1.03 -16.70 -11.61
CA PHE J 96 -1.18 -17.59 -12.75
C PHE J 96 0.13 -18.29 -13.09
N ALA J 97 1.18 -18.05 -12.33
CA ALA J 97 2.44 -18.77 -12.54
C ALA J 97 2.30 -20.20 -12.04
N GLY J 98 2.62 -21.15 -12.90
CA GLY J 98 2.73 -22.53 -12.50
C GLY J 98 4.07 -22.76 -11.81
N LYS J 99 4.47 -24.03 -11.77
CA LYS J 99 5.75 -24.39 -11.19
C LYS J 99 6.68 -25.07 -12.19
N ASP J 100 6.33 -25.06 -13.47
CA ASP J 100 7.16 -25.66 -14.50
C ASP J 100 7.94 -24.59 -15.26
N GLN J 101 9.18 -24.92 -15.61
CA GLN J 101 9.97 -24.14 -16.55
C GLN J 101 10.25 -24.95 -17.81
N THR J 102 9.44 -25.95 -18.08
CA THR J 102 9.61 -26.83 -19.23
C THR J 102 8.30 -26.94 -19.98
N ILE J 103 8.40 -27.14 -21.29
CA ILE J 103 7.23 -27.45 -22.11
C ILE J 103 7.66 -28.33 -23.27
N THR J 104 7.08 -29.52 -23.35
CA THR J 104 7.50 -30.43 -24.40
C THR J 104 6.90 -30.01 -25.74
N SER J 105 7.48 -30.54 -26.82
CA SER J 105 6.95 -30.28 -28.14
C SER J 105 5.60 -30.95 -28.34
N ASP J 106 5.36 -32.04 -27.61
CA ASP J 106 4.05 -32.70 -27.65
C ASP J 106 2.97 -31.84 -26.99
N GLU J 107 3.32 -31.12 -25.92
CA GLU J 107 2.35 -30.24 -25.26
C GLU J 107 1.91 -29.12 -26.19
N ILE J 108 2.86 -28.51 -26.91
CA ILE J 108 2.51 -27.45 -27.84
C ILE J 108 1.64 -28.00 -28.96
N LYS J 109 1.90 -29.24 -29.35
CA LYS J 109 1.19 -29.83 -30.48
C LYS J 109 -0.21 -30.28 -30.07
N GLU J 110 -0.40 -30.67 -28.81
CA GLU J 110 -1.72 -31.10 -28.35
C GLU J 110 -2.63 -29.92 -28.02
N THR J 111 -2.09 -28.86 -27.40
CA THR J 111 -2.95 -27.75 -27.00
C THR J 111 -3.39 -26.90 -28.18
N THR J 112 -2.50 -26.70 -29.16
CA THR J 112 -2.78 -25.93 -30.37
C THR J 112 -3.31 -26.79 -31.51
N ALA J 113 -3.79 -28.00 -31.20
CA ALA J 113 -4.09 -28.98 -32.23
C ALA J 113 -5.15 -28.50 -33.22
N ASN J 114 -6.27 -27.99 -32.74
CA ASN J 114 -7.37 -27.59 -33.63
C ASN J 114 -7.43 -26.09 -33.88
N MET J 115 -6.31 -25.38 -33.72
CA MET J 115 -6.30 -23.94 -33.97
C MET J 115 -5.92 -23.63 -35.41
N THR K 24 7.23 15.05 -35.46
CA THR K 24 6.00 15.19 -34.68
C THR K 24 6.18 16.12 -33.45
N GLU K 25 5.14 16.29 -32.63
CA GLU K 25 5.13 17.31 -31.59
C GLU K 25 5.26 16.69 -30.21
N GLU K 26 5.05 15.37 -30.16
CA GLU K 26 5.38 14.48 -29.07
C GLU K 26 6.83 14.04 -29.18
N ASP K 27 7.32 13.92 -30.42
CA ASP K 27 8.70 13.55 -30.67
C ASP K 27 9.64 14.72 -30.48
N GLU K 28 9.21 15.93 -30.86
CA GLU K 28 10.12 17.07 -30.73
C GLU K 28 10.30 17.50 -29.29
N LYS K 29 9.26 17.37 -28.46
CA LYS K 29 9.47 17.62 -27.03
C LYS K 29 10.31 16.52 -26.41
N ALA K 30 10.12 15.27 -26.85
CA ALA K 30 10.94 14.18 -26.35
C ALA K 30 12.36 14.28 -26.89
N LYS K 31 12.52 14.68 -28.15
CA LYS K 31 13.85 14.85 -28.71
C LYS K 31 14.64 15.90 -27.97
N GLU K 32 13.96 16.96 -27.50
CA GLU K 32 14.65 18.03 -26.77
C GLU K 32 15.24 17.53 -25.46
N LYS K 33 14.61 16.55 -24.83
CA LYS K 33 15.05 16.07 -23.52
C LYS K 33 16.28 15.18 -23.58
N ILE K 34 16.75 14.82 -24.78
CA ILE K 34 17.94 13.99 -24.90
C ILE K 34 19.13 14.72 -24.28
N GLY K 35 19.90 14.00 -23.46
CA GLY K 35 21.02 14.59 -22.78
C GLY K 35 20.71 15.25 -21.45
N ALA K 36 19.43 15.42 -21.13
CA ALA K 36 19.05 16.11 -19.90
C ALA K 36 19.18 15.18 -18.70
N ARG K 37 19.49 15.76 -17.55
CA ARG K 37 19.63 14.99 -16.33
C ARG K 37 18.25 14.69 -15.74
N VAL K 38 18.07 13.46 -15.25
CA VAL K 38 16.77 13.05 -14.74
C VAL K 38 16.84 12.33 -13.39
N ARG K 39 15.64 12.18 -12.79
CA ARG K 39 15.39 11.58 -11.49
C ARG K 39 14.22 10.60 -11.48
N VAL K 40 14.41 9.46 -10.87
CA VAL K 40 13.34 8.46 -10.86
C VAL K 40 12.36 8.80 -9.76
N THR K 41 11.07 8.91 -10.11
CA THR K 41 10.04 9.32 -9.17
C THR K 41 9.02 8.24 -8.80
N VAL K 42 9.02 7.07 -9.45
CA VAL K 42 8.03 6.02 -9.13
C VAL K 42 8.84 4.77 -8.84
N PRO K 43 8.41 3.90 -7.91
CA PRO K 43 9.24 2.75 -7.53
C PRO K 43 9.45 1.76 -8.67
N LEU K 44 10.67 1.25 -8.77
CA LEU K 44 11.05 0.44 -9.93
C LEU K 44 12.30 -0.36 -9.61
N LYS K 45 12.23 -1.67 -9.79
CA LYS K 45 13.36 -2.57 -9.64
C LYS K 45 13.71 -3.18 -10.99
N VAL K 46 15.00 -3.27 -11.29
CA VAL K 46 15.45 -3.81 -12.56
C VAL K 46 16.42 -4.95 -12.29
N TYR K 47 16.49 -5.89 -13.25
CA TYR K 47 17.20 -7.15 -13.07
C TYR K 47 18.25 -7.40 -14.14
N HIS K 48 18.54 -6.41 -14.98
CA HIS K 48 19.43 -6.58 -16.12
C HIS K 48 20.82 -6.01 -15.89
N VAL K 49 21.05 -5.32 -14.77
CA VAL K 49 22.37 -4.78 -14.49
C VAL K 49 23.32 -5.95 -14.29
N VAL K 50 24.52 -5.85 -14.86
CA VAL K 50 25.40 -7.01 -14.97
C VAL K 50 25.83 -7.46 -13.58
N ARG K 51 25.55 -8.73 -13.27
CA ARG K 51 25.88 -9.34 -11.98
C ARG K 51 25.32 -8.57 -10.79
N VAL K 52 24.33 -7.71 -11.01
CA VAL K 52 23.60 -7.22 -9.84
C VAL K 52 22.18 -7.72 -10.06
N PRO K 53 21.76 -8.75 -9.32
CA PRO K 53 20.48 -9.41 -9.63
C PRO K 53 19.29 -8.49 -9.50
N GLU K 54 19.38 -7.46 -8.67
CA GLU K 54 18.26 -6.57 -8.42
C GLU K 54 18.77 -5.20 -8.04
N VAL K 55 18.19 -4.16 -8.63
CA VAL K 55 18.55 -2.77 -8.36
C VAL K 55 17.27 -1.97 -8.23
N GLU K 56 17.15 -1.23 -7.12
CA GLU K 56 16.04 -0.29 -6.95
C GLU K 56 16.50 1.07 -7.46
N LEU K 57 15.70 1.69 -8.32
CA LEU K 57 16.14 2.89 -9.04
C LEU K 57 15.56 4.19 -8.50
N MET K 58 14.69 4.14 -7.49
CA MET K 58 14.09 5.36 -6.94
C MET K 58 15.12 6.23 -6.21
N GLY K 59 15.46 7.36 -6.80
CA GLY K 59 16.31 8.35 -6.17
C GLY K 59 17.62 8.50 -6.87
N MET K 60 17.91 7.59 -7.79
CA MET K 60 19.13 7.62 -8.55
C MET K 60 19.00 8.66 -9.66
N GLU K 61 20.14 9.17 -10.11
CA GLU K 61 20.16 10.21 -11.12
C GLU K 61 21.03 9.75 -12.28
N GLY K 62 20.59 10.12 -13.47
CA GLY K 62 21.31 9.81 -14.68
C GLY K 62 20.91 10.82 -15.72
N PHE K 63 21.15 10.49 -16.98
CA PHE K 63 20.76 11.38 -18.06
C PHE K 63 20.15 10.57 -19.20
N ILE K 64 19.30 11.23 -19.98
CA ILE K 64 18.64 10.62 -21.11
C ILE K 64 19.64 10.49 -22.25
N LYS K 65 19.89 9.27 -22.70
CA LYS K 65 20.80 9.04 -23.81
C LYS K 65 20.10 8.88 -25.15
N ASP K 66 18.80 8.59 -25.15
CA ASP K 66 18.10 8.38 -26.41
C ASP K 66 16.60 8.34 -26.16
N TYR K 67 15.85 8.73 -27.19
CA TYR K 67 14.40 8.59 -27.27
C TYR K 67 14.15 7.50 -28.32
N VAL K 68 13.99 6.25 -27.85
CA VAL K 68 14.06 5.09 -28.73
C VAL K 68 12.81 4.89 -29.58
N VAL K 69 11.82 5.77 -29.47
CA VAL K 69 10.66 5.72 -30.36
C VAL K 69 11.10 5.93 -31.81
N LEU K 70 12.11 6.75 -32.03
CA LEU K 70 12.61 7.06 -33.38
C LEU K 70 13.85 6.21 -33.68
N TRP K 71 13.85 5.58 -34.85
CA TRP K 71 14.91 4.64 -35.21
C TRP K 71 15.14 4.68 -36.71
N LYS K 72 16.27 5.23 -37.13
CA LYS K 72 16.68 5.25 -38.55
C LYS K 72 15.58 5.82 -39.44
N GLY K 73 15.00 6.95 -39.00
CA GLY K 73 13.95 7.60 -39.74
C GLY K 73 12.56 7.02 -39.59
N LYS K 74 12.42 5.84 -39.00
CA LYS K 74 11.13 5.21 -38.79
C LYS K 74 10.73 5.30 -37.31
N LYS K 75 9.45 5.05 -37.04
CA LYS K 75 8.90 5.16 -35.70
C LYS K 75 8.41 3.81 -35.17
N ILE K 76 8.74 3.52 -33.91
CA ILE K 76 8.42 2.26 -33.25
C ILE K 76 7.55 2.56 -32.02
N SER K 77 6.68 1.59 -31.68
CA SER K 77 5.70 1.74 -30.60
C SER K 77 6.21 1.21 -29.26
N ALA K 78 7.28 1.81 -28.76
CA ALA K 78 7.86 1.41 -27.47
C ALA K 78 7.15 2.13 -26.33
N ASN K 79 6.73 1.36 -25.31
CA ASN K 79 6.02 1.92 -24.18
C ASN K 79 6.93 2.55 -23.13
N LEU K 80 8.24 2.26 -23.18
CA LEU K 80 9.23 2.88 -22.29
C LEU K 80 10.23 3.61 -23.19
N PRO K 81 9.88 4.80 -23.66
CA PRO K 81 10.65 5.40 -24.78
C PRO K 81 11.97 6.02 -24.39
N PHE K 82 12.21 6.34 -23.12
CA PHE K 82 13.39 7.07 -22.71
C PHE K 82 14.45 6.11 -22.18
N LYS K 83 15.52 5.93 -22.96
CA LYS K 83 16.67 5.16 -22.54
C LYS K 83 17.58 6.05 -21.71
N VAL K 84 17.71 5.75 -20.41
CA VAL K 84 18.41 6.59 -19.47
C VAL K 84 19.66 5.86 -19.00
N GLN K 85 20.81 6.53 -19.08
CA GLN K 85 22.05 5.95 -18.61
C GLN K 85 22.21 6.24 -17.11
N PHE K 86 22.52 5.19 -16.35
CA PHE K 86 22.70 5.32 -14.91
C PHE K 86 24.10 4.86 -14.51
N VAL K 87 24.59 5.47 -13.43
CA VAL K 87 25.81 5.04 -12.76
C VAL K 87 25.45 4.68 -11.33
N LYS K 88 25.87 3.50 -10.89
CA LYS K 88 25.58 3.02 -9.55
C LYS K 88 26.87 2.58 -8.87
N GLU K 89 26.97 2.90 -7.58
CA GLU K 89 28.16 2.65 -6.79
C GLU K 89 28.07 1.29 -6.11
N ILE K 90 29.10 0.47 -6.34
CA ILE K 90 29.24 -0.85 -5.74
C ILE K 90 30.55 -0.86 -4.97
N GLU K 91 30.47 -1.21 -3.69
CA GLU K 91 31.71 -1.35 -2.90
C GLU K 91 32.55 -2.54 -3.31
N GLY K 92 32.02 -3.43 -4.12
CA GLY K 92 32.93 -4.51 -4.48
C GLY K 92 33.82 -4.15 -5.65
N ARG K 93 33.52 -3.08 -6.38
CA ARG K 93 34.22 -2.84 -7.63
C ARG K 93 33.89 -1.44 -8.14
N GLY K 94 34.40 -1.14 -9.32
CA GLY K 94 34.16 0.15 -9.94
C GLY K 94 32.69 0.31 -10.25
N PRO K 95 32.21 1.56 -10.21
CA PRO K 95 30.78 1.81 -10.39
C PRO K 95 30.24 1.37 -11.75
N VAL K 96 29.13 0.63 -11.70
CA VAL K 96 28.50 0.08 -12.89
C VAL K 96 27.77 1.16 -13.68
N LYS K 97 28.02 1.20 -14.99
CA LYS K 97 27.25 2.01 -15.91
C LYS K 97 26.22 1.10 -16.56
N PHE K 98 24.97 1.56 -16.65
CA PHE K 98 23.92 0.75 -17.25
C PHE K 98 22.81 1.63 -17.78
N PHE K 99 21.96 1.03 -18.61
CA PHE K 99 20.80 1.69 -19.18
C PHE K 99 19.51 1.10 -18.60
N THR K 100 18.50 1.95 -18.49
CA THR K 100 17.15 1.51 -18.17
C THR K 100 16.15 2.36 -18.93
N HIS K 101 15.13 1.72 -19.50
CA HIS K 101 14.11 2.42 -20.24
C HIS K 101 12.99 2.86 -19.31
N LEU K 102 12.55 4.10 -19.46
CA LEU K 102 11.50 4.67 -18.62
C LEU K 102 10.49 5.41 -19.48
N LYS K 103 9.27 5.54 -18.96
CA LYS K 103 8.28 6.44 -19.53
C LYS K 103 8.31 7.76 -18.77
N GLU K 104 7.72 8.79 -19.39
CA GLU K 104 7.87 10.16 -18.88
C GLU K 104 7.32 10.32 -17.47
N ASP K 105 6.27 9.57 -17.12
CA ASP K 105 5.68 9.70 -15.79
C ASP K 105 6.46 8.98 -14.70
N GLU K 106 7.62 8.41 -15.02
CA GLU K 106 8.43 7.70 -14.04
C GLU K 106 9.67 8.49 -13.62
N PHE K 107 9.91 9.65 -14.21
CA PHE K 107 11.06 10.45 -13.87
C PHE K 107 10.71 11.91 -13.99
N GLU K 108 11.59 12.75 -13.46
CA GLU K 108 11.40 14.19 -13.52
C GLU K 108 12.70 14.87 -13.95
N LEU K 109 12.53 16.02 -14.59
CA LEU K 109 13.68 16.74 -15.11
C LEU K 109 14.31 17.59 -14.01
N ILE K 110 15.64 17.71 -14.10
CA ILE K 110 16.43 18.53 -13.20
C ILE K 110 16.93 19.74 -13.97
N ASP K 111 17.17 20.83 -13.24
CA ASP K 111 17.56 22.13 -13.80
C ASP K 111 16.41 22.79 -14.56
N THR L 7 -26.54 -20.88 -28.70
CA THR L 7 -25.28 -20.17 -28.67
C THR L 7 -24.61 -20.12 -30.05
N THR L 8 -24.45 -18.91 -30.57
CA THR L 8 -23.67 -18.68 -31.78
C THR L 8 -22.66 -17.57 -31.51
N ASP L 9 -21.56 -17.59 -32.25
CA ASP L 9 -20.37 -16.84 -31.89
C ASP L 9 -20.63 -15.33 -31.86
N ILE L 10 -19.76 -14.62 -31.14
CA ILE L 10 -19.79 -13.17 -31.13
C ILE L 10 -19.51 -12.65 -32.54
N GLN L 11 -20.26 -11.62 -32.94
CA GLN L 11 -20.16 -11.11 -34.30
C GLN L 11 -18.79 -10.47 -34.56
N VAL L 12 -18.29 -10.66 -35.77
CA VAL L 12 -17.02 -10.08 -36.20
C VAL L 12 -17.26 -8.65 -36.67
N VAL L 13 -16.31 -7.75 -36.35
CA VAL L 13 -16.30 -6.41 -36.91
C VAL L 13 -14.94 -6.21 -37.58
N ASN L 14 -14.94 -5.42 -38.66
CA ASN L 14 -13.75 -5.18 -39.46
C ASN L 14 -13.59 -3.69 -39.72
N ASP L 15 -12.47 -3.35 -40.37
CA ASP L 15 -12.27 -1.96 -40.79
C ASP L 15 -13.38 -1.50 -41.72
N SER L 16 -13.79 -2.36 -42.66
CA SER L 16 -14.83 -1.99 -43.62
C SER L 16 -16.17 -1.73 -42.93
N THR L 17 -16.47 -2.47 -41.86
CA THR L 17 -17.76 -2.39 -41.20
C THR L 17 -17.72 -1.60 -39.89
N TRP L 18 -16.57 -1.01 -39.55
CA TRP L 18 -16.45 -0.34 -38.25
C TRP L 18 -17.45 0.80 -38.11
N ASP L 19 -17.57 1.64 -39.15
CA ASP L 19 -18.44 2.79 -39.07
C ASP L 19 -19.90 2.38 -38.89
N SER L 20 -20.37 1.44 -39.70
CA SER L 20 -21.79 1.07 -39.68
C SER L 20 -22.16 0.22 -38.47
N LEU L 21 -21.26 -0.67 -38.04
CA LEU L 21 -21.60 -1.58 -36.94
C LEU L 21 -21.32 -1.00 -35.56
N VAL L 22 -20.33 -0.12 -35.44
CA VAL L 22 -19.91 0.41 -34.14
C VAL L 22 -20.26 1.89 -33.99
N LEU L 23 -19.79 2.72 -34.92
CA LEU L 23 -19.94 4.16 -34.76
C LEU L 23 -21.38 4.61 -34.88
N LYS L 24 -22.15 3.98 -35.77
CA LYS L 24 -23.54 4.37 -35.99
C LYS L 24 -24.54 3.50 -35.24
N ALA L 25 -24.08 2.70 -34.28
CA ALA L 25 -24.97 1.85 -33.51
C ALA L 25 -25.66 2.65 -32.42
N THR L 26 -26.78 2.11 -31.94
CA THR L 26 -27.52 2.69 -30.81
C THR L 26 -27.31 1.81 -29.59
N GLY L 27 -27.01 2.45 -28.46
CA GLY L 27 -26.73 1.73 -27.23
C GLY L 27 -25.26 1.38 -27.13
N PRO L 28 -24.85 0.83 -25.99
CA PRO L 28 -23.43 0.53 -25.79
C PRO L 28 -22.97 -0.61 -26.69
N VAL L 29 -21.74 -0.49 -27.17
CA VAL L 29 -21.10 -1.50 -27.99
C VAL L 29 -19.75 -1.84 -27.36
N VAL L 30 -19.49 -3.13 -27.18
CA VAL L 30 -18.23 -3.61 -26.63
C VAL L 30 -17.44 -4.26 -27.77
N VAL L 31 -16.18 -3.90 -27.89
CA VAL L 31 -15.30 -4.44 -28.91
C VAL L 31 -14.11 -5.11 -28.25
N ASP L 32 -13.89 -6.37 -28.58
CA ASP L 32 -12.75 -7.15 -28.08
C ASP L 32 -11.69 -7.18 -29.18
N PHE L 33 -10.58 -6.50 -28.95
CA PHE L 33 -9.46 -6.50 -29.88
C PHE L 33 -8.56 -7.68 -29.58
N TRP L 34 -8.44 -8.61 -30.53
CA TRP L 34 -7.73 -9.87 -30.32
C TRP L 34 -6.78 -10.13 -31.48
N ALA L 35 -5.93 -11.12 -31.29
CA ALA L 35 -4.93 -11.54 -32.27
C ALA L 35 -4.81 -13.05 -32.24
N PRO L 36 -4.58 -13.69 -33.38
CA PRO L 36 -4.68 -15.16 -33.45
C PRO L 36 -3.66 -15.90 -32.61
N TRP L 37 -2.47 -15.32 -32.39
CA TRP L 37 -1.42 -15.99 -31.63
C TRP L 37 -1.14 -15.31 -30.29
N CYS L 38 -2.13 -14.61 -29.73
CA CYS L 38 -2.00 -13.98 -28.42
C CYS L 38 -2.69 -14.87 -27.40
N GLY L 39 -1.89 -15.53 -26.56
CA GLY L 39 -2.39 -16.46 -25.56
C GLY L 39 -3.40 -15.84 -24.62
N PRO L 40 -3.05 -14.73 -23.95
CA PRO L 40 -4.01 -14.11 -23.03
C PRO L 40 -5.29 -13.66 -23.71
N SER L 41 -5.26 -13.42 -25.02
CA SER L 41 -6.49 -13.08 -25.72
C SER L 41 -7.40 -14.29 -25.87
N LYS L 42 -6.83 -15.49 -25.96
CA LYS L 42 -7.64 -16.69 -26.01
C LYS L 42 -8.17 -17.10 -24.64
N MET L 43 -7.46 -16.73 -23.57
CA MET L 43 -7.88 -17.13 -22.23
C MET L 43 -9.10 -16.36 -21.73
N ILE L 44 -9.37 -15.17 -22.28
CA ILE L 44 -10.56 -14.42 -21.90
C ILE L 44 -11.74 -14.69 -22.81
N ASP L 45 -11.57 -15.51 -23.85
CA ASP L 45 -12.67 -15.78 -24.77
C ASP L 45 -13.91 -16.35 -24.08
N PRO L 46 -13.82 -17.37 -23.21
CA PRO L 46 -15.03 -17.80 -22.50
C PRO L 46 -15.65 -16.70 -21.64
N LEU L 47 -14.82 -15.80 -21.09
CA LEU L 47 -15.38 -14.70 -20.30
C LEU L 47 -16.12 -13.71 -21.19
N VAL L 48 -15.56 -13.39 -22.35
CA VAL L 48 -16.23 -12.45 -23.24
C VAL L 48 -17.48 -13.09 -23.82
N ASN L 49 -17.44 -14.39 -24.10
CA ASN L 49 -18.64 -15.11 -24.52
C ASN L 49 -19.68 -15.14 -23.39
N ASP L 50 -19.21 -15.26 -22.15
CA ASP L 50 -20.11 -15.28 -21.01
C ASP L 50 -20.85 -13.94 -20.88
N LEU L 51 -20.11 -12.84 -20.98
CA LEU L 51 -20.73 -11.54 -20.80
C LEU L 51 -21.61 -11.16 -21.99
N ALA L 52 -21.22 -11.57 -23.20
CA ALA L 52 -22.08 -11.33 -24.36
C ALA L 52 -23.45 -11.97 -24.18
N GLN L 53 -23.47 -13.19 -23.62
CA GLN L 53 -24.75 -13.84 -23.33
C GLN L 53 -25.47 -13.14 -22.19
N HIS L 54 -24.74 -12.77 -21.14
CA HIS L 54 -25.35 -12.12 -19.98
C HIS L 54 -26.03 -10.80 -20.34
N TYR L 55 -25.52 -10.09 -21.35
CA TYR L 55 -26.00 -8.77 -21.71
C TYR L 55 -26.78 -8.75 -23.02
N THR L 56 -27.35 -9.88 -23.44
CA THR L 56 -28.08 -9.90 -24.71
C THR L 56 -29.20 -8.88 -24.71
N GLY L 57 -29.31 -8.13 -25.80
CA GLY L 57 -30.31 -7.09 -25.95
C GLY L 57 -30.01 -5.79 -25.23
N LYS L 58 -28.97 -5.74 -24.40
CA LYS L 58 -28.62 -4.52 -23.69
C LYS L 58 -27.26 -3.96 -24.08
N ILE L 59 -26.28 -4.82 -24.34
CA ILE L 59 -24.96 -4.41 -24.82
C ILE L 59 -24.56 -5.35 -25.95
N LYS L 60 -24.14 -4.77 -27.07
CA LYS L 60 -23.75 -5.55 -28.25
C LYS L 60 -22.24 -5.76 -28.27
N PHE L 61 -21.82 -7.00 -28.55
CA PHE L 61 -20.41 -7.37 -28.52
C PHE L 61 -19.90 -7.65 -29.93
N TYR L 62 -18.67 -7.21 -30.21
CA TYR L 62 -17.99 -7.53 -31.44
C TYR L 62 -16.56 -7.94 -31.14
N LYS L 63 -16.00 -8.77 -32.02
CA LYS L 63 -14.58 -9.13 -31.98
C LYS L 63 -13.90 -8.61 -33.24
N LEU L 64 -12.72 -8.00 -33.07
CA LEU L 64 -11.94 -7.49 -34.19
C LEU L 64 -10.55 -8.12 -34.15
N ASN L 65 -10.22 -8.84 -35.21
CA ASN L 65 -8.88 -9.40 -35.40
C ASN L 65 -7.93 -8.29 -35.81
N THR L 66 -7.05 -7.89 -34.89
CA THR L 66 -6.15 -6.78 -35.17
C THR L 66 -5.12 -7.11 -36.25
N ASP L 67 -4.94 -8.39 -36.57
CA ASP L 67 -4.03 -8.74 -37.66
C ASP L 67 -4.67 -8.55 -39.02
N GLU L 68 -5.96 -8.85 -39.14
CA GLU L 68 -6.68 -8.73 -40.40
C GLU L 68 -7.31 -7.36 -40.59
N SER L 69 -7.52 -6.59 -39.53
CA SER L 69 -8.07 -5.25 -39.61
C SER L 69 -7.17 -4.32 -38.82
N PRO L 70 -6.05 -3.88 -39.41
CA PRO L 70 -5.08 -3.08 -38.65
C PRO L 70 -5.47 -1.62 -38.49
N ASN L 71 -6.39 -1.11 -39.30
CA ASN L 71 -6.62 0.34 -39.32
C ASN L 71 -7.41 0.80 -38.11
N THR L 72 -8.36 -0.01 -37.63
CA THR L 72 -9.15 0.41 -36.48
C THR L 72 -8.32 0.46 -35.20
N PRO L 73 -7.55 -0.57 -34.83
CA PRO L 73 -6.71 -0.42 -33.62
C PRO L 73 -5.69 0.70 -33.74
N GLY L 74 -5.17 0.93 -34.94
CA GLY L 74 -4.29 2.07 -35.15
C GLY L 74 -4.97 3.38 -34.84
N GLN L 75 -6.25 3.52 -35.23
CA GLN L 75 -6.97 4.76 -35.00
C GLN L 75 -7.18 5.05 -33.53
N TYR L 76 -7.42 4.02 -32.72
CA TYR L 76 -7.76 4.19 -31.32
C TYR L 76 -6.60 3.89 -30.38
N GLY L 77 -5.40 3.71 -30.91
CA GLY L 77 -4.23 3.51 -30.09
C GLY L 77 -4.14 2.16 -29.41
N VAL L 78 -4.79 1.14 -29.95
CA VAL L 78 -4.65 -0.21 -29.38
C VAL L 78 -3.23 -0.69 -29.64
N ARG L 79 -2.52 -1.01 -28.58
CA ARG L 79 -1.16 -1.55 -28.71
C ARG L 79 -1.08 -2.94 -28.09
N SER L 80 -1.22 -3.08 -26.77
CA SER L 80 -1.17 -4.39 -26.15
C SER L 80 -2.47 -5.14 -26.37
N ILE L 81 -2.35 -6.44 -26.61
CA ILE L 81 -3.47 -7.34 -26.83
C ILE L 81 -3.56 -8.29 -25.63
N PRO L 82 -4.76 -8.53 -25.07
CA PRO L 82 -6.07 -8.01 -25.48
C PRO L 82 -6.39 -6.60 -24.98
N THR L 83 -7.28 -5.93 -25.70
CA THR L 83 -7.85 -4.65 -25.28
C THR L 83 -9.35 -4.69 -25.53
N ILE L 84 -10.14 -4.22 -24.56
CA ILE L 84 -11.58 -4.11 -24.68
C ILE L 84 -11.97 -2.64 -24.60
N MET L 85 -12.80 -2.19 -25.53
CA MET L 85 -13.24 -0.80 -25.58
C MET L 85 -14.76 -0.73 -25.65
N ILE L 86 -15.33 0.27 -24.97
CA ILE L 86 -16.77 0.49 -24.94
C ILE L 86 -17.06 1.75 -25.73
N PHE L 87 -18.04 1.66 -26.65
CA PHE L 87 -18.43 2.79 -27.47
C PHE L 87 -19.90 3.10 -27.24
N VAL L 88 -20.21 4.40 -27.15
CA VAL L 88 -21.57 4.90 -27.07
C VAL L 88 -21.69 6.09 -28.00
N GLY L 89 -22.68 6.07 -28.89
CA GLY L 89 -22.86 7.15 -29.84
C GLY L 89 -21.64 7.43 -30.68
N GLY L 90 -20.89 6.40 -31.04
CA GLY L 90 -19.71 6.57 -31.86
C GLY L 90 -18.50 7.12 -31.14
N GLU L 91 -18.50 7.13 -29.80
CA GLU L 91 -17.41 7.69 -29.02
C GLU L 91 -16.86 6.67 -28.04
N LYS L 92 -15.54 6.64 -27.90
CA LYS L 92 -14.89 5.75 -26.96
C LYS L 92 -15.16 6.21 -25.53
N LYS L 93 -15.75 5.33 -24.72
CA LYS L 93 -16.12 5.68 -23.35
C LYS L 93 -15.28 4.98 -22.30
N ASP L 94 -14.79 3.78 -22.56
CA ASP L 94 -13.92 3.10 -21.61
C ASP L 94 -12.95 2.19 -22.34
N THR L 95 -11.83 1.91 -21.69
CA THR L 95 -10.78 1.06 -22.23
C THR L 95 -10.24 0.20 -21.10
N ILE L 96 -10.22 -1.12 -21.32
CA ILE L 96 -9.65 -2.06 -20.38
C ILE L 96 -8.56 -2.84 -21.10
N ILE L 97 -7.34 -2.75 -20.60
CA ILE L 97 -6.18 -3.34 -21.25
C ILE L 97 -5.79 -4.59 -20.49
N GLY L 98 -5.72 -5.72 -21.19
CA GLY L 98 -5.27 -6.97 -20.60
C GLY L 98 -6.41 -7.78 -20.01
N ALA L 99 -6.08 -9.01 -19.63
CA ALA L 99 -7.01 -9.90 -18.97
C ALA L 99 -7.39 -9.40 -17.58
N VAL L 100 -8.69 -9.26 -17.33
CA VAL L 100 -9.21 -8.85 -16.03
C VAL L 100 -10.24 -9.89 -15.59
N PRO L 101 -10.48 -10.01 -14.29
CA PRO L 101 -11.43 -11.03 -13.81
C PRO L 101 -12.87 -10.65 -14.14
N LYS L 102 -13.75 -11.65 -14.05
CA LYS L 102 -15.14 -11.49 -14.46
C LYS L 102 -15.86 -10.39 -13.68
N THR L 103 -15.59 -10.27 -12.38
CA THR L 103 -16.32 -9.27 -11.60
C THR L 103 -15.88 -7.86 -11.98
N THR L 104 -14.60 -7.67 -12.28
CA THR L 104 -14.12 -6.37 -12.73
C THR L 104 -14.75 -5.98 -14.07
N LEU L 105 -14.82 -6.93 -15.01
CA LEU L 105 -15.38 -6.61 -16.32
C LEU L 105 -16.88 -6.39 -16.24
N THR L 106 -17.60 -7.28 -15.55
CA THR L 106 -19.01 -7.06 -15.26
C THR L 106 -19.26 -5.67 -14.67
N SER L 107 -18.42 -5.26 -13.72
CA SER L 107 -18.60 -3.95 -13.10
C SER L 107 -18.40 -2.82 -14.10
N SER L 108 -17.45 -2.98 -15.02
CA SER L 108 -17.20 -1.95 -16.02
C SER L 108 -18.34 -1.85 -17.02
N LEU L 109 -18.91 -3.00 -17.40
CA LEU L 109 -20.00 -2.99 -18.37
C LEU L 109 -21.32 -2.57 -17.74
N ASP L 110 -21.51 -2.84 -16.44
CA ASP L 110 -22.76 -2.46 -15.78
C ASP L 110 -22.95 -0.95 -15.78
N LYS L 111 -21.86 -0.19 -15.84
CA LYS L 111 -21.97 1.27 -15.80
C LYS L 111 -22.70 1.83 -17.02
N PHE L 112 -22.85 1.04 -18.08
CA PHE L 112 -23.47 1.50 -19.32
C PHE L 112 -24.92 1.04 -19.46
N LEU L 113 -25.52 0.53 -18.39
CA LEU L 113 -26.93 0.18 -18.40
C LEU L 113 -27.77 1.36 -17.92
N LYS M 2 -28.26 7.08 -52.04
CA LYS M 2 -27.65 5.78 -52.26
C LYS M 2 -28.72 4.70 -52.43
N THR M 3 -28.82 4.18 -53.65
CA THR M 3 -29.85 3.20 -53.98
C THR M 3 -29.52 1.85 -53.36
N GLU M 4 -30.57 1.13 -52.90
CA GLU M 4 -30.32 -0.18 -52.31
C GLU M 4 -30.55 -1.26 -53.37
N PRO M 5 -29.67 -2.24 -53.48
CA PRO M 5 -29.82 -3.26 -54.53
C PRO M 5 -30.92 -4.26 -54.20
N SER M 6 -31.55 -4.77 -55.25
CA SER M 6 -32.56 -5.81 -55.12
C SER M 6 -31.94 -7.12 -54.63
N GLU M 7 -32.73 -7.90 -53.90
CA GLU M 7 -32.23 -9.19 -53.44
C GLU M 7 -32.09 -10.23 -54.57
N LYS M 8 -32.73 -10.03 -55.74
CA LYS M 8 -32.53 -10.89 -56.90
C LYS M 8 -31.06 -10.85 -57.30
N SER M 9 -30.57 -9.62 -57.41
CA SER M 9 -29.26 -9.33 -57.94
C SER M 9 -28.19 -9.64 -56.90
N VAL M 10 -28.49 -9.40 -55.63
CA VAL M 10 -27.54 -9.74 -54.58
C VAL M 10 -27.30 -11.24 -54.57
N GLU M 11 -28.37 -12.04 -54.63
CA GLU M 11 -28.23 -13.48 -54.60
C GLU M 11 -27.57 -14.01 -55.86
N ILE M 12 -27.86 -13.40 -57.02
CA ILE M 12 -27.19 -13.80 -58.26
C ILE M 12 -25.70 -13.54 -58.16
N MET M 13 -25.31 -12.33 -57.73
CA MET M 13 -23.90 -12.01 -57.64
C MET M 13 -23.21 -12.75 -56.51
N ARG M 14 -23.92 -13.00 -55.40
CA ARG M 14 -23.36 -13.83 -54.34
C ARG M 14 -23.08 -15.24 -54.86
N LYS M 15 -24.04 -15.81 -55.59
CA LYS M 15 -23.83 -17.15 -56.09
C LYS M 15 -22.76 -17.15 -57.17
N PHE M 16 -22.71 -16.12 -58.00
CA PHE M 16 -21.67 -16.05 -59.04
C PHE M 16 -20.27 -15.93 -58.42
N SER M 17 -20.13 -15.09 -57.38
CA SER M 17 -18.80 -14.83 -56.82
C SER M 17 -18.26 -16.04 -56.06
N GLU M 18 -19.12 -16.72 -55.31
CA GLU M 18 -18.73 -17.99 -54.72
C GLU M 18 -18.32 -18.97 -55.82
N GLN M 19 -19.06 -18.95 -56.91
CA GLN M 19 -18.95 -19.90 -58.00
C GLN M 19 -17.75 -19.58 -58.90
N TYR M 20 -17.45 -18.29 -59.07
CA TYR M 20 -16.28 -17.86 -59.84
C TYR M 20 -14.99 -17.97 -59.03
N ALA M 21 -15.08 -17.88 -57.70
CA ALA M 21 -13.88 -17.95 -56.89
C ALA M 21 -13.17 -19.30 -57.04
N ARG M 22 -13.93 -20.40 -57.08
CA ARG M 22 -13.27 -21.69 -57.27
C ARG M 22 -12.76 -21.87 -58.71
N ARG M 23 -13.47 -21.35 -59.74
CA ARG M 23 -12.91 -21.15 -61.09
C ARG M 23 -11.46 -20.66 -61.06
N SER M 24 -11.19 -19.54 -60.40
CA SER M 24 -9.90 -18.87 -60.46
C SER M 24 -8.91 -19.37 -59.42
N GLY M 25 -9.33 -20.27 -58.55
CA GLY M 25 -8.47 -20.68 -57.47
C GLY M 25 -8.19 -19.47 -56.61
N THR M 26 -9.19 -18.62 -56.41
CA THR M 26 -9.04 -17.41 -55.62
C THR M 26 -9.98 -17.49 -54.44
N TYR M 27 -9.72 -16.65 -53.45
CA TYR M 27 -10.41 -16.72 -52.17
C TYR M 27 -10.90 -15.33 -51.77
N PHE M 28 -11.94 -15.32 -50.95
CA PHE M 28 -12.49 -14.08 -50.46
C PHE M 28 -11.55 -13.44 -49.45
N CYS M 29 -11.74 -12.13 -49.25
CA CYS M 29 -10.85 -11.37 -48.40
C CYS M 29 -11.07 -11.73 -46.94
N VAL M 30 -10.03 -11.55 -46.13
CA VAL M 30 -10.18 -11.82 -44.70
C VAL M 30 -11.18 -10.86 -44.09
N ASP M 31 -11.29 -9.66 -44.64
CA ASP M 31 -12.33 -8.70 -44.29
C ASP M 31 -13.55 -9.05 -45.11
N LYS M 32 -14.49 -9.80 -44.52
CA LYS M 32 -15.65 -10.22 -45.27
C LYS M 32 -16.69 -9.12 -45.41
N GLY M 33 -16.49 -7.98 -44.75
CA GLY M 33 -17.28 -6.81 -45.11
C GLY M 33 -16.95 -6.30 -46.50
N VAL M 34 -15.67 -6.38 -46.87
CA VAL M 34 -15.25 -5.99 -48.22
C VAL M 34 -15.96 -6.85 -49.26
N THR M 35 -16.00 -8.16 -49.02
CA THR M 35 -16.65 -9.06 -49.96
C THR M 35 -18.13 -8.73 -50.10
N SER M 36 -18.82 -8.54 -48.98
CA SER M 36 -20.25 -8.24 -49.03
C SER M 36 -20.52 -6.89 -49.68
N VAL M 37 -19.73 -5.87 -49.35
CA VAL M 37 -19.94 -4.54 -49.91
C VAL M 37 -19.79 -4.58 -51.43
N VAL M 38 -18.74 -5.25 -51.91
CA VAL M 38 -18.50 -5.30 -53.36
C VAL M 38 -19.61 -6.07 -54.06
N ILE M 39 -20.05 -7.19 -53.47
CA ILE M 39 -21.13 -7.97 -54.07
C ILE M 39 -22.39 -7.13 -54.21
N LYS M 40 -22.74 -6.37 -53.16
CA LYS M 40 -23.91 -5.50 -53.23
C LYS M 40 -23.72 -4.42 -54.27
N GLY M 41 -22.49 -3.92 -54.42
CA GLY M 41 -22.21 -2.92 -55.44
C GLY M 41 -22.33 -3.48 -56.84
N LEU M 42 -21.86 -4.73 -57.04
CA LEU M 42 -22.07 -5.40 -58.31
C LEU M 42 -23.55 -5.58 -58.59
N ALA M 43 -24.32 -5.99 -57.59
CA ALA M 43 -25.76 -6.17 -57.76
C ALA M 43 -26.45 -4.85 -58.10
N GLU M 44 -26.06 -3.76 -57.43
CA GLU M 44 -26.71 -2.48 -57.67
C GLU M 44 -26.47 -2.00 -59.09
N HIS M 45 -25.24 -2.16 -59.60
CA HIS M 45 -24.96 -1.79 -60.98
C HIS M 45 -25.73 -2.67 -61.96
N LYS M 46 -25.92 -3.94 -61.62
CA LYS M 46 -26.67 -4.85 -62.48
C LYS M 46 -28.14 -4.45 -62.55
N ASP M 47 -28.71 -3.97 -61.45
CA ASP M 47 -30.09 -3.51 -61.45
C ASP M 47 -30.27 -2.30 -62.35
N SER M 48 -29.38 -1.32 -62.22
CA SER M 48 -29.57 -0.02 -62.85
C SER M 48 -29.04 0.06 -64.28
N TYR M 49 -28.09 -0.80 -64.65
CA TYR M 49 -27.52 -0.76 -66.00
C TYR M 49 -27.51 -2.09 -66.73
N GLY M 50 -28.00 -3.16 -66.11
CA GLY M 50 -28.11 -4.46 -66.76
C GLY M 50 -26.87 -5.33 -66.74
N ALA M 51 -25.76 -4.85 -66.23
CA ALA M 51 -24.53 -5.63 -66.13
C ALA M 51 -23.82 -5.28 -64.84
N PRO M 52 -23.11 -6.22 -64.23
CA PRO M 52 -22.44 -5.90 -62.96
C PRO M 52 -21.13 -5.15 -63.18
N LEU M 53 -21.26 -3.86 -63.48
CA LEU M 53 -20.09 -2.99 -63.61
C LEU M 53 -19.31 -2.97 -62.30
N CYS M 54 -18.01 -2.84 -62.42
CA CYS M 54 -17.16 -2.88 -61.24
C CYS M 54 -17.52 -1.74 -60.31
N PRO M 55 -17.74 -1.99 -59.02
CA PRO M 55 -18.17 -0.91 -58.11
C PRO M 55 -17.02 -0.09 -57.54
N CYS M 56 -15.77 -0.39 -57.90
CA CYS M 56 -14.62 0.40 -57.45
C CYS M 56 -13.95 1.13 -58.60
N ARG M 57 -14.73 1.49 -59.63
CA ARG M 57 -14.27 2.35 -60.69
C ARG M 57 -15.26 3.49 -60.86
N HIS M 58 -14.76 4.66 -61.23
CA HIS M 58 -15.61 5.78 -61.58
C HIS M 58 -15.68 5.88 -63.11
N TYR M 59 -16.89 5.96 -63.64
CA TYR M 59 -17.13 5.96 -65.07
C TYR M 59 -17.70 7.30 -65.50
N ASP M 60 -17.45 7.65 -66.77
CA ASP M 60 -18.12 8.79 -67.39
C ASP M 60 -19.41 8.40 -68.09
N ASP M 61 -19.46 7.20 -68.67
CA ASP M 61 -20.59 6.75 -69.50
C ASP M 61 -20.84 5.28 -69.15
N LYS M 62 -21.68 5.04 -68.14
CA LYS M 62 -21.89 3.69 -67.66
C LYS M 62 -22.54 2.81 -68.71
N ALA M 63 -23.46 3.37 -69.52
CA ALA M 63 -24.10 2.58 -70.56
C ALA M 63 -23.08 2.07 -71.58
N ALA M 64 -22.16 2.93 -71.99
CA ALA M 64 -21.11 2.49 -72.93
C ALA M 64 -20.20 1.46 -72.29
N GLU M 65 -19.87 1.64 -71.00
CA GLU M 65 -19.03 0.67 -70.30
C GLU M 65 -19.69 -0.70 -70.29
N VAL M 66 -20.98 -0.75 -69.99
CA VAL M 66 -21.71 -2.02 -70.00
C VAL M 66 -21.69 -2.62 -71.40
N GLY M 67 -21.84 -1.78 -72.42
CA GLY M 67 -21.87 -2.28 -73.78
C GLY M 67 -20.54 -2.84 -74.24
N GLN M 68 -19.45 -2.10 -74.00
CA GLN M 68 -18.13 -2.57 -74.38
C GLN M 68 -17.74 -3.80 -73.59
N GLY M 69 -18.02 -3.80 -72.28
CA GLY M 69 -17.89 -4.98 -71.46
C GLY M 69 -16.58 -5.12 -70.70
N PHE M 70 -15.63 -4.22 -70.92
CA PHE M 70 -14.33 -4.32 -70.26
C PHE M 70 -14.47 -4.43 -68.74
N TRP M 71 -15.32 -3.60 -68.16
CA TRP M 71 -15.45 -3.53 -66.71
C TRP M 71 -16.67 -4.27 -66.18
N ASN M 72 -17.30 -5.10 -67.00
CA ASN M 72 -18.35 -5.99 -66.50
C ASN M 72 -17.68 -7.16 -65.79
N CYS M 73 -18.09 -7.41 -64.56
CA CYS M 73 -17.37 -8.38 -63.74
C CYS M 73 -17.70 -9.79 -64.20
N PRO M 74 -16.69 -10.68 -64.30
CA PRO M 74 -15.27 -10.44 -64.03
C PRO M 74 -14.60 -9.54 -65.07
N CYS M 75 -14.06 -8.41 -64.63
CA CYS M 75 -13.32 -7.50 -65.51
C CYS M 75 -12.24 -8.25 -66.29
N VAL M 76 -11.95 -7.74 -67.47
CA VAL M 76 -10.79 -8.13 -68.29
C VAL M 76 -9.55 -8.34 -67.43
N PRO M 77 -9.14 -7.39 -66.58
CA PRO M 77 -7.95 -7.65 -65.75
C PRO M 77 -8.07 -8.87 -64.85
N MET M 78 -9.27 -9.19 -64.36
CA MET M 78 -9.43 -10.39 -63.55
C MET M 78 -9.43 -11.65 -64.41
N ARG M 79 -10.09 -11.61 -65.57
CA ARG M 79 -10.14 -12.77 -66.45
C ARG M 79 -8.75 -13.12 -66.97
N GLU M 80 -7.95 -12.09 -67.30
CA GLU M 80 -6.67 -12.33 -67.94
C GLU M 80 -5.51 -12.41 -66.95
N ARG M 81 -5.45 -11.52 -65.96
CA ARG M 81 -4.32 -11.46 -65.04
C ARG M 81 -4.67 -11.82 -63.62
N LYS M 82 -5.91 -12.23 -63.34
CA LYS M 82 -6.37 -12.49 -61.98
C LYS M 82 -6.18 -11.28 -61.08
N GLU M 83 -6.27 -10.08 -61.64
CA GLU M 83 -6.14 -8.84 -60.89
C GLU M 83 -7.54 -8.31 -60.62
N CYS M 84 -7.91 -8.28 -59.34
CA CYS M 84 -9.20 -7.78 -58.87
C CYS M 84 -8.90 -6.71 -57.83
N HIS M 85 -9.05 -5.45 -58.22
CA HIS M 85 -8.71 -4.36 -57.31
C HIS M 85 -9.83 -4.03 -56.35
N CYS M 86 -10.97 -4.72 -56.44
CA CYS M 86 -12.00 -4.63 -55.42
C CYS M 86 -11.76 -5.59 -54.27
N MET M 87 -10.69 -6.38 -54.34
CA MET M 87 -10.36 -7.36 -53.31
C MET M 87 -11.54 -8.30 -53.06
N LEU M 88 -12.27 -8.61 -54.14
CA LEU M 88 -13.29 -9.65 -54.09
C LEU M 88 -12.68 -11.01 -54.36
N PHE M 89 -11.88 -11.13 -55.42
CA PHE M 89 -11.19 -12.36 -55.79
C PHE M 89 -9.70 -12.16 -55.56
N LEU M 90 -9.14 -12.88 -54.58
CA LEU M 90 -7.74 -12.73 -54.20
C LEU M 90 -7.00 -14.04 -54.38
N THR M 91 -5.81 -13.96 -54.96
CA THR M 91 -4.95 -15.13 -55.08
C THR M 91 -4.42 -15.54 -53.70
N PRO M 92 -4.13 -16.82 -53.49
CA PRO M 92 -3.73 -17.28 -52.15
C PRO M 92 -2.48 -16.61 -51.60
N ASP M 93 -1.59 -16.12 -52.47
CA ASP M 93 -0.37 -15.45 -52.03
C ASP M 93 -0.62 -14.02 -51.57
N ASN M 94 -1.86 -13.54 -51.64
CA ASN M 94 -2.19 -12.20 -51.17
C ASN M 94 -2.36 -12.20 -49.66
N ASP M 95 -1.74 -11.23 -48.99
CA ASP M 95 -1.80 -11.18 -47.53
C ASP M 95 -3.22 -10.99 -47.01
N PHE M 96 -4.13 -10.48 -47.82
CA PHE M 96 -5.52 -10.29 -47.42
C PHE M 96 -6.43 -11.41 -47.89
N ALA M 97 -5.89 -12.41 -48.58
CA ALA M 97 -6.70 -13.55 -48.99
C ALA M 97 -7.01 -14.43 -47.79
N GLY M 98 -8.29 -14.71 -47.59
CA GLY M 98 -8.70 -15.69 -46.60
C GLY M 98 -8.52 -17.09 -47.12
N LYS M 99 -9.24 -18.03 -46.48
CA LYS M 99 -9.21 -19.42 -46.89
C LYS M 99 -10.58 -19.91 -47.34
N ASP M 100 -11.55 -19.02 -47.45
CA ASP M 100 -12.90 -19.39 -47.83
C ASP M 100 -13.18 -19.00 -49.27
N GLN M 101 -13.92 -19.87 -49.97
CA GLN M 101 -14.53 -19.57 -51.26
C GLN M 101 -16.04 -19.54 -51.11
N THR M 102 -16.50 -19.28 -49.90
CA THR M 102 -17.91 -19.29 -49.57
C THR M 102 -18.30 -18.00 -48.89
N ILE M 103 -19.54 -17.57 -49.13
CA ILE M 103 -20.13 -16.47 -48.38
C ILE M 103 -21.64 -16.67 -48.36
N THR M 104 -22.20 -16.83 -47.16
CA THR M 104 -23.63 -17.09 -47.08
C THR M 104 -24.39 -15.78 -47.28
N SER M 105 -25.68 -15.92 -47.60
CA SER M 105 -26.52 -14.74 -47.74
C SER M 105 -26.74 -14.04 -46.41
N ASP M 106 -26.67 -14.79 -45.30
CA ASP M 106 -26.79 -14.17 -43.99
C ASP M 106 -25.56 -13.34 -43.62
N GLU M 107 -24.36 -13.79 -44.02
CA GLU M 107 -23.18 -12.97 -43.74
C GLU M 107 -23.25 -11.63 -44.44
N ILE M 108 -23.76 -11.61 -45.67
CA ILE M 108 -23.89 -10.35 -46.39
C ILE M 108 -24.85 -9.42 -45.68
N LYS M 109 -25.91 -9.97 -45.08
CA LYS M 109 -26.92 -9.11 -44.48
C LYS M 109 -26.48 -8.56 -43.13
N GLU M 110 -25.69 -9.31 -42.36
CA GLU M 110 -25.25 -8.79 -41.07
C GLU M 110 -24.07 -7.84 -41.21
N THR M 111 -23.14 -8.11 -42.14
CA THR M 111 -21.99 -7.22 -42.29
C THR M 111 -22.40 -5.91 -42.94
N THR M 112 -23.33 -5.95 -43.89
CA THR M 112 -23.76 -4.73 -44.57
C THR M 112 -24.90 -4.04 -43.85
N ALA M 113 -25.25 -4.49 -42.64
CA ALA M 113 -26.32 -3.82 -41.92
C ALA M 113 -25.90 -2.41 -41.57
N ASN M 114 -26.88 -1.53 -41.39
CA ASN M 114 -26.69 -0.12 -41.11
C ASN M 114 -25.82 0.60 -42.13
N MET M 115 -25.69 0.06 -43.35
CA MET M 115 -24.95 0.75 -44.40
C MET M 115 -25.90 1.56 -45.27
N THR N 24 -8.31 14.13 -77.56
CA THR N 24 -8.11 12.82 -78.16
C THR N 24 -6.77 12.72 -78.89
N GLU N 25 -5.81 13.56 -78.52
CA GLU N 25 -4.54 13.50 -79.23
C GLU N 25 -3.67 12.38 -78.69
N GLU N 26 -4.05 11.82 -77.54
CA GLU N 26 -3.51 10.54 -77.12
C GLU N 26 -4.31 9.41 -77.75
N ASP N 27 -5.57 9.68 -78.08
CA ASP N 27 -6.40 8.69 -78.74
C ASP N 27 -6.04 8.56 -80.22
N GLU N 28 -5.68 9.65 -80.87
CA GLU N 28 -5.42 9.49 -82.28
C GLU N 28 -4.05 8.84 -82.51
N LYS N 29 -3.07 9.15 -81.66
CA LYS N 29 -1.73 8.57 -81.73
C LYS N 29 -1.83 7.08 -81.42
N ALA N 30 -2.75 6.72 -80.54
CA ALA N 30 -3.01 5.32 -80.21
C ALA N 30 -3.76 4.61 -81.33
N LYS N 31 -4.69 5.29 -82.01
CA LYS N 31 -5.42 4.64 -83.09
C LYS N 31 -4.50 4.24 -84.24
N GLU N 32 -3.43 5.02 -84.49
CA GLU N 32 -2.53 4.71 -85.59
C GLU N 32 -1.84 3.36 -85.40
N LYS N 33 -1.60 2.96 -84.15
CA LYS N 33 -0.85 1.73 -83.87
C LYS N 33 -1.66 0.46 -84.12
N ILE N 34 -2.96 0.57 -84.41
CA ILE N 34 -3.76 -0.62 -84.66
C ILE N 34 -3.22 -1.36 -85.88
N GLY N 35 -3.07 -2.68 -85.73
CA GLY N 35 -2.55 -3.55 -86.77
C GLY N 35 -1.05 -3.74 -86.81
N ALA N 36 -0.27 -2.93 -86.09
CA ALA N 36 1.18 -3.09 -86.08
C ALA N 36 1.57 -4.17 -85.09
N ARG N 37 2.67 -4.89 -85.37
CA ARG N 37 3.06 -5.92 -84.42
C ARG N 37 3.89 -5.30 -83.29
N VAL N 38 3.74 -5.87 -82.10
CA VAL N 38 4.38 -5.39 -80.89
C VAL N 38 5.14 -6.55 -80.25
N ARG N 39 5.97 -6.22 -79.26
CA ARG N 39 6.67 -7.23 -78.47
C ARG N 39 6.59 -6.83 -77.00
N VAL N 40 6.35 -7.81 -76.14
CA VAL N 40 6.09 -7.55 -74.72
C VAL N 40 7.40 -7.24 -74.02
N THR N 41 7.43 -6.15 -73.25
CA THR N 41 8.63 -5.66 -72.60
C THR N 41 8.67 -5.92 -71.10
N VAL N 42 7.60 -6.47 -70.52
CA VAL N 42 7.51 -6.66 -69.08
C VAL N 42 7.14 -8.11 -68.77
N PRO N 43 7.54 -8.65 -67.62
CA PRO N 43 7.08 -10.00 -67.27
C PRO N 43 5.58 -9.98 -67.00
N LEU N 44 4.89 -10.99 -67.50
CA LEU N 44 3.42 -10.96 -67.45
C LEU N 44 2.88 -12.36 -67.69
N LYS N 45 2.03 -12.83 -66.78
CA LYS N 45 1.41 -14.14 -66.88
C LYS N 45 -0.10 -13.96 -67.06
N VAL N 46 -0.69 -14.75 -67.95
CA VAL N 46 -2.11 -14.68 -68.22
C VAL N 46 -2.72 -16.07 -68.00
N TYR N 47 -4.01 -16.08 -67.65
CA TYR N 47 -4.68 -17.28 -67.18
C TYR N 47 -5.96 -17.58 -67.95
N HIS N 48 -6.23 -16.86 -69.03
CA HIS N 48 -7.49 -16.98 -69.77
C HIS N 48 -7.36 -17.78 -71.06
N VAL N 49 -6.14 -18.18 -71.43
CA VAL N 49 -5.92 -18.95 -72.66
C VAL N 49 -6.55 -20.33 -72.55
N VAL N 50 -7.20 -20.77 -73.63
CA VAL N 50 -8.04 -21.96 -73.57
C VAL N 50 -7.20 -23.20 -73.31
N ARG N 51 -7.54 -23.92 -72.22
CA ARG N 51 -6.90 -25.13 -71.66
C ARG N 51 -5.41 -24.93 -71.46
N VAL N 52 -4.96 -23.69 -71.31
CA VAL N 52 -3.60 -23.43 -70.87
C VAL N 52 -3.69 -22.70 -69.54
N PRO N 53 -3.34 -23.35 -68.42
CA PRO N 53 -3.56 -22.71 -67.11
C PRO N 53 -2.72 -21.47 -66.90
N GLU N 54 -1.56 -21.37 -67.54
CA GLU N 54 -0.66 -20.24 -67.31
C GLU N 54 0.23 -20.06 -68.53
N VAL N 55 0.38 -18.81 -68.97
CA VAL N 55 1.25 -18.47 -70.10
C VAL N 55 2.05 -17.23 -69.73
N GLU N 56 3.37 -17.29 -69.88
CA GLU N 56 4.20 -16.12 -69.71
C GLU N 56 4.40 -15.47 -71.08
N LEU N 57 4.12 -14.18 -71.17
CA LEU N 57 4.07 -13.49 -72.45
C LEU N 57 5.28 -12.59 -72.69
N MET N 58 6.22 -12.54 -71.77
CA MET N 58 7.38 -11.66 -71.95
C MET N 58 8.20 -12.11 -73.15
N GLY N 59 8.60 -11.14 -73.97
CA GLY N 59 9.40 -11.43 -75.15
C GLY N 59 8.58 -11.97 -76.30
N MET N 60 7.30 -12.30 -76.07
CA MET N 60 6.43 -12.81 -77.11
C MET N 60 5.98 -11.67 -78.00
N GLU N 61 5.61 -12.00 -79.24
CA GLU N 61 5.25 -10.99 -80.22
C GLU N 61 3.87 -11.28 -80.80
N GLY N 62 3.14 -10.21 -81.06
CA GLY N 62 1.84 -10.28 -81.66
C GLY N 62 1.56 -8.95 -82.32
N PHE N 63 0.28 -8.70 -82.61
CA PHE N 63 -0.10 -7.42 -83.22
C PHE N 63 -1.36 -6.89 -82.58
N ILE N 64 -1.51 -5.57 -82.64
CA ILE N 64 -2.65 -4.86 -82.06
C ILE N 64 -3.87 -5.07 -82.94
N LYS N 65 -4.92 -5.65 -82.38
CA LYS N 65 -6.16 -5.86 -83.12
C LYS N 65 -7.19 -4.77 -82.87
N ASP N 66 -7.06 -4.01 -81.79
CA ASP N 66 -8.03 -2.97 -81.47
C ASP N 66 -7.50 -2.10 -80.36
N TYR N 67 -7.92 -0.84 -80.38
CA TYR N 67 -7.71 0.10 -79.28
C TYR N 67 -9.08 0.29 -78.64
N VAL N 68 -9.38 -0.53 -77.63
CA VAL N 68 -10.75 -0.68 -77.15
C VAL N 68 -11.22 0.50 -76.31
N VAL N 69 -10.37 1.51 -76.11
CA VAL N 69 -10.82 2.74 -75.45
C VAL N 69 -11.93 3.39 -76.26
N LEU N 70 -11.85 3.31 -77.58
CA LEU N 70 -12.86 3.86 -78.47
C LEU N 70 -13.78 2.73 -78.92
N TRP N 71 -15.08 2.93 -78.76
CA TRP N 71 -16.06 1.86 -79.02
C TRP N 71 -17.35 2.50 -79.50
N LYS N 72 -17.65 2.32 -80.79
CA LYS N 72 -18.92 2.76 -81.39
C LYS N 72 -19.17 4.24 -81.10
N GLY N 73 -18.14 5.06 -81.31
CA GLY N 73 -18.25 6.48 -81.08
C GLY N 73 -18.12 6.93 -79.64
N LYS N 74 -18.14 6.00 -78.68
CA LYS N 74 -18.03 6.33 -77.27
C LYS N 74 -16.63 6.02 -76.76
N LYS N 75 -16.33 6.55 -75.58
CA LYS N 75 -15.02 6.38 -74.96
C LYS N 75 -15.17 5.56 -73.68
N ILE N 76 -14.27 4.60 -73.50
CA ILE N 76 -14.33 3.65 -72.39
C ILE N 76 -13.09 3.85 -71.54
N SER N 77 -13.25 3.69 -70.22
CA SER N 77 -12.15 3.89 -69.28
C SER N 77 -11.45 2.56 -68.98
N ALA N 78 -10.94 1.94 -70.04
CA ALA N 78 -10.23 0.67 -69.92
C ALA N 78 -8.77 0.97 -69.59
N ASN N 79 -8.26 0.31 -68.54
CA ASN N 79 -6.88 0.54 -68.13
C ASN N 79 -5.88 -0.26 -68.94
N LEU N 80 -6.33 -1.29 -69.68
CA LEU N 80 -5.48 -2.06 -70.58
C LEU N 80 -6.03 -1.90 -71.99
N PRO N 81 -5.73 -0.78 -72.66
CA PRO N 81 -6.49 -0.41 -73.86
C PRO N 81 -6.11 -1.16 -75.13
N PHE N 82 -4.95 -1.80 -75.20
CA PHE N 82 -4.48 -2.40 -76.44
C PHE N 82 -4.76 -3.90 -76.43
N LYS N 83 -5.73 -4.31 -77.24
CA LYS N 83 -6.06 -5.72 -77.46
C LYS N 83 -5.12 -6.28 -78.52
N VAL N 84 -4.24 -7.19 -78.10
CA VAL N 84 -3.17 -7.71 -78.94
C VAL N 84 -3.41 -9.19 -79.19
N GLN N 85 -3.30 -9.59 -80.44
CA GLN N 85 -3.40 -10.99 -80.82
C GLN N 85 -2.07 -11.72 -80.83
N PHE N 86 -2.05 -12.87 -80.16
CA PHE N 86 -0.89 -13.72 -79.97
C PHE N 86 -1.16 -15.12 -80.51
N VAL N 87 -0.10 -15.76 -81.00
CA VAL N 87 -0.12 -17.18 -81.36
C VAL N 87 1.00 -17.87 -80.59
N LYS N 88 0.66 -18.97 -79.92
CA LYS N 88 1.64 -19.74 -79.15
C LYS N 88 1.47 -21.23 -79.41
N GLU N 89 2.60 -21.94 -79.47
CA GLU N 89 2.62 -23.36 -79.81
C GLU N 89 2.57 -24.22 -78.56
N ILE N 90 1.56 -25.08 -78.45
CA ILE N 90 1.44 -26.06 -77.38
C ILE N 90 1.29 -27.46 -78.01
N GLU N 91 2.01 -28.43 -77.48
CA GLU N 91 2.02 -29.77 -78.05
C GLU N 91 0.65 -30.43 -77.92
N GLY N 92 0.26 -31.18 -78.96
CA GLY N 92 -1.04 -31.84 -79.05
C GLY N 92 -2.09 -31.03 -79.73
N ARG N 93 -1.84 -29.74 -79.95
CA ARG N 93 -2.83 -28.91 -80.58
C ARG N 93 -2.07 -27.91 -81.45
N GLY N 94 -2.74 -27.42 -82.48
CA GLY N 94 -2.15 -26.50 -83.43
C GLY N 94 -1.80 -25.21 -82.72
N PRO N 95 -1.20 -24.25 -83.41
CA PRO N 95 -0.87 -22.98 -82.75
C PRO N 95 -2.16 -22.31 -82.26
N VAL N 96 -2.14 -21.88 -80.98
CA VAL N 96 -3.28 -21.29 -80.28
C VAL N 96 -3.29 -19.79 -80.51
N LYS N 97 -4.41 -19.27 -81.01
CA LYS N 97 -4.59 -17.84 -81.02
C LYS N 97 -5.56 -17.42 -79.91
N PHE N 98 -5.19 -16.34 -79.22
CA PHE N 98 -5.91 -15.78 -78.07
C PHE N 98 -5.62 -14.29 -78.03
N PHE N 99 -6.44 -13.55 -77.30
CA PHE N 99 -6.26 -12.11 -77.13
C PHE N 99 -5.77 -11.81 -75.72
N THR N 100 -4.97 -10.76 -75.59
CA THR N 100 -4.61 -10.25 -74.27
C THR N 100 -4.52 -8.74 -74.35
N HIS N 101 -5.10 -8.06 -73.37
CA HIS N 101 -5.09 -6.60 -73.34
C HIS N 101 -3.85 -6.12 -72.61
N LEU N 102 -3.20 -5.10 -73.18
CA LEU N 102 -1.98 -4.53 -72.63
C LEU N 102 -2.07 -3.02 -72.61
N LYS N 103 -1.32 -2.40 -71.72
CA LYS N 103 -1.09 -0.97 -71.76
C LYS N 103 0.23 -0.70 -72.48
N GLU N 104 0.40 0.54 -72.94
CA GLU N 104 1.50 0.86 -73.84
C GLU N 104 2.87 0.62 -73.21
N ASP N 105 3.01 0.82 -71.90
CA ASP N 105 4.30 0.64 -71.27
C ASP N 105 4.67 -0.82 -71.05
N GLU N 106 3.85 -1.75 -71.54
CA GLU N 106 4.11 -3.18 -71.40
C GLU N 106 4.57 -3.81 -72.71
N PHE N 107 4.66 -3.04 -73.78
CA PHE N 107 5.11 -3.57 -75.07
C PHE N 107 5.85 -2.49 -75.83
N GLU N 108 6.64 -2.92 -76.80
CA GLU N 108 7.33 -2.04 -77.73
C GLU N 108 6.93 -2.41 -79.15
N LEU N 109 6.88 -1.41 -80.02
CA LEU N 109 6.58 -1.63 -81.43
C LEU N 109 7.86 -1.99 -82.17
N ILE N 110 7.72 -2.77 -83.24
CA ILE N 110 8.86 -3.25 -84.03
C ILE N 110 8.98 -2.42 -85.30
N ASP N 111 10.23 -2.23 -85.73
CA ASP N 111 10.64 -1.32 -86.81
C ASP N 111 9.64 -0.23 -87.17
N THR O 7 -14.80 14.31 -31.13
CA THR O 7 -14.26 13.93 -32.43
C THR O 7 -15.25 14.24 -33.55
N THR O 8 -14.77 14.90 -34.60
CA THR O 8 -15.59 15.33 -35.71
C THR O 8 -15.32 14.46 -36.94
N ASP O 9 -16.38 14.12 -37.65
CA ASP O 9 -16.23 13.42 -38.92
C ASP O 9 -15.45 14.28 -39.90
N ILE O 10 -14.79 13.62 -40.86
CA ILE O 10 -14.05 14.36 -41.88
C ILE O 10 -15.03 15.13 -42.76
N GLN O 11 -14.69 16.37 -43.07
CA GLN O 11 -15.60 17.24 -43.81
C GLN O 11 -15.82 16.73 -45.22
N VAL O 12 -17.04 16.89 -45.71
CA VAL O 12 -17.40 16.51 -47.07
C VAL O 12 -17.01 17.63 -48.03
N VAL O 13 -16.55 17.26 -49.21
CA VAL O 13 -16.37 18.21 -50.30
C VAL O 13 -17.16 17.70 -51.49
N ASN O 14 -17.70 18.63 -52.28
CA ASN O 14 -18.57 18.30 -53.39
C ASN O 14 -18.10 19.05 -54.63
N ASP O 15 -18.76 18.75 -55.75
CA ASP O 15 -18.49 19.50 -56.99
C ASP O 15 -18.75 20.99 -56.79
N SER O 16 -19.85 21.33 -56.12
CA SER O 16 -20.18 22.73 -55.91
C SER O 16 -19.13 23.45 -55.06
N THR O 17 -18.52 22.76 -54.11
CA THR O 17 -17.61 23.37 -53.16
C THR O 17 -16.14 23.09 -53.45
N TRP O 18 -15.84 22.40 -54.55
CA TRP O 18 -14.46 22.00 -54.82
C TRP O 18 -13.53 23.20 -54.94
N ASP O 19 -13.95 24.22 -55.71
CA ASP O 19 -13.08 25.36 -55.94
C ASP O 19 -12.79 26.10 -54.64
N SER O 20 -13.83 26.37 -53.84
CA SER O 20 -13.66 27.18 -52.65
C SER O 20 -13.02 26.41 -51.51
N LEU O 21 -13.32 25.12 -51.37
CA LEU O 21 -12.81 24.35 -50.23
C LEU O 21 -11.43 23.75 -50.48
N VAL O 22 -11.10 23.42 -51.73
CA VAL O 22 -9.86 22.72 -52.06
C VAL O 22 -8.91 23.63 -52.85
N LEU O 23 -9.38 24.18 -53.97
CA LEU O 23 -8.50 24.93 -54.85
C LEU O 23 -8.06 26.24 -54.21
N LYS O 24 -8.93 26.89 -53.45
CA LYS O 24 -8.62 28.17 -52.83
C LYS O 24 -8.19 28.04 -51.37
N ALA O 25 -7.87 26.83 -50.91
CA ALA O 25 -7.48 26.62 -49.53
C ALA O 25 -6.03 27.05 -49.30
N THR O 26 -5.71 27.27 -48.03
CA THR O 26 -4.35 27.57 -47.59
C THR O 26 -3.78 26.35 -46.88
N GLY O 27 -2.57 25.94 -47.25
CA GLY O 27 -1.96 24.78 -46.69
C GLY O 27 -2.34 23.52 -47.45
N PRO O 28 -1.74 22.39 -47.08
CA PRO O 28 -2.01 21.13 -47.79
C PRO O 28 -3.42 20.64 -47.55
N VAL O 29 -4.02 20.08 -48.59
CA VAL O 29 -5.37 19.51 -48.53
C VAL O 29 -5.31 18.09 -49.06
N VAL O 30 -5.89 17.16 -48.30
CA VAL O 30 -6.00 15.76 -48.70
C VAL O 30 -7.46 15.48 -49.03
N VAL O 31 -7.70 14.83 -50.16
CA VAL O 31 -9.05 14.47 -50.58
C VAL O 31 -9.11 12.97 -50.74
N ASP O 32 -10.06 12.34 -50.05
CA ASP O 32 -10.28 10.90 -50.14
C ASP O 32 -11.47 10.69 -51.07
N PHE O 33 -11.20 10.15 -52.26
CA PHE O 33 -12.24 9.82 -53.22
C PHE O 33 -12.78 8.43 -52.92
N TRP O 34 -14.05 8.36 -52.55
CA TRP O 34 -14.66 7.11 -52.12
C TRP O 34 -15.97 6.90 -52.85
N ALA O 35 -16.51 5.69 -52.71
CA ALA O 35 -17.78 5.32 -53.32
C ALA O 35 -18.51 4.41 -52.35
N PRO O 36 -19.84 4.51 -52.27
CA PRO O 36 -20.56 3.82 -51.18
C PRO O 36 -20.48 2.30 -51.23
N TRP O 37 -20.32 1.71 -52.42
CA TRP O 37 -20.29 0.26 -52.53
C TRP O 37 -18.91 -0.28 -52.92
N CYS O 38 -17.85 0.47 -52.64
CA CYS O 38 -16.48 0.02 -52.90
C CYS O 38 -15.86 -0.45 -51.59
N GLY O 39 -15.62 -1.75 -51.49
CA GLY O 39 -15.10 -2.36 -50.29
C GLY O 39 -13.79 -1.78 -49.79
N PRO O 40 -12.76 -1.74 -50.63
CA PRO O 40 -11.46 -1.21 -50.17
C PRO O 40 -11.51 0.23 -49.70
N SER O 41 -12.46 1.03 -50.21
CA SER O 41 -12.54 2.41 -49.74
C SER O 41 -13.12 2.48 -48.34
N LYS O 42 -13.98 1.53 -47.97
CA LYS O 42 -14.47 1.50 -46.60
C LYS O 42 -13.43 0.91 -45.65
N MET O 43 -12.54 0.04 -46.16
CA MET O 43 -11.55 -0.57 -45.29
C MET O 43 -10.43 0.39 -44.91
N ILE O 44 -10.21 1.47 -45.67
CA ILE O 44 -9.23 2.48 -45.29
C ILE O 44 -9.86 3.63 -44.51
N ASP O 45 -11.17 3.61 -44.30
CA ASP O 45 -11.84 4.68 -43.55
C ASP O 45 -11.28 4.89 -42.15
N PRO O 46 -11.09 3.86 -41.32
CA PRO O 46 -10.47 4.12 -40.01
C PRO O 46 -9.06 4.68 -40.11
N LEU O 47 -8.32 4.31 -41.16
CA LEU O 47 -6.98 4.86 -41.34
C LEU O 47 -7.03 6.34 -41.72
N VAL O 48 -7.97 6.71 -42.59
CA VAL O 48 -8.06 8.10 -43.00
C VAL O 48 -8.55 8.97 -41.85
N ASN O 49 -9.46 8.43 -41.03
CA ASN O 49 -9.87 9.15 -39.82
C ASN O 49 -8.71 9.26 -38.84
N ASP O 50 -7.87 8.22 -38.77
CA ASP O 50 -6.71 8.26 -37.90
C ASP O 50 -5.74 9.35 -38.34
N LEU O 51 -5.46 9.43 -39.64
CA LEU O 51 -4.50 10.41 -40.12
C LEU O 51 -5.07 11.83 -40.06
N ALA O 52 -6.39 11.97 -40.28
CA ALA O 52 -7.02 13.28 -40.12
C ALA O 52 -6.82 13.80 -38.71
N GLN O 53 -6.95 12.92 -37.71
CA GLN O 53 -6.71 13.33 -36.34
C GLN O 53 -5.24 13.62 -36.09
N HIS O 54 -4.36 12.78 -36.62
CA HIS O 54 -2.92 12.96 -36.40
C HIS O 54 -2.41 14.28 -36.95
N TYR O 55 -3.01 14.78 -38.03
CA TYR O 55 -2.54 16.00 -38.70
C TYR O 55 -3.46 17.19 -38.48
N THR O 56 -4.26 17.18 -37.41
CA THR O 56 -5.18 18.29 -37.18
C THR O 56 -4.40 19.61 -37.08
N GLY O 57 -4.92 20.63 -37.75
CA GLY O 57 -4.30 21.95 -37.79
C GLY O 57 -3.14 22.12 -38.76
N LYS O 58 -2.65 21.04 -39.38
CA LYS O 58 -1.58 21.13 -40.36
C LYS O 58 -1.97 20.67 -41.74
N ILE O 59 -2.82 19.65 -41.86
CA ILE O 59 -3.31 19.16 -43.13
C ILE O 59 -4.81 18.99 -43.00
N LYS O 60 -5.55 19.55 -43.95
CA LYS O 60 -7.01 19.49 -43.94
C LYS O 60 -7.45 18.32 -44.81
N PHE O 61 -8.39 17.53 -44.29
CA PHE O 61 -8.87 16.34 -44.96
C PHE O 61 -10.28 16.57 -45.44
N TYR O 62 -10.58 16.07 -46.65
CA TYR O 62 -11.92 16.08 -47.19
C TYR O 62 -12.23 14.71 -47.78
N LYS O 63 -13.51 14.36 -47.79
CA LYS O 63 -14.01 13.14 -48.41
C LYS O 63 -15.00 13.51 -49.50
N LEU O 64 -14.81 12.95 -50.70
CA LEU O 64 -15.68 13.20 -51.83
C LEU O 64 -16.29 11.88 -52.30
N ASN O 65 -17.61 11.80 -52.25
CA ASN O 65 -18.35 10.65 -52.78
C ASN O 65 -18.41 10.80 -54.30
N THR O 66 -17.66 9.95 -55.01
CA THR O 66 -17.59 10.04 -56.46
C THR O 66 -18.91 9.68 -57.15
N ASP O 67 -19.86 9.06 -56.45
CA ASP O 67 -21.16 8.80 -57.06
C ASP O 67 -22.05 10.02 -57.04
N GLU O 68 -21.98 10.81 -55.97
CA GLU O 68 -22.79 12.01 -55.82
C GLU O 68 -22.13 13.25 -56.40
N SER O 69 -20.81 13.25 -56.56
CA SER O 69 -20.08 14.37 -57.16
C SER O 69 -19.19 13.79 -58.25
N PRO O 70 -19.77 13.51 -59.42
CA PRO O 70 -18.98 12.83 -60.46
C PRO O 70 -18.05 13.73 -61.25
N ASN O 71 -18.26 15.05 -61.21
CA ASN O 71 -17.53 15.92 -62.12
C ASN O 71 -16.09 16.15 -61.67
N THR O 72 -15.84 16.21 -60.35
CA THR O 72 -14.48 16.42 -59.88
C THR O 72 -13.59 15.21 -60.17
N PRO O 73 -13.97 13.97 -59.86
CA PRO O 73 -13.12 12.84 -60.26
C PRO O 73 -12.94 12.75 -61.76
N GLY O 74 -13.97 13.10 -62.53
CA GLY O 74 -13.82 13.17 -63.98
C GLY O 74 -12.77 14.18 -64.40
N GLN O 75 -12.73 15.34 -63.73
CA GLN O 75 -11.77 16.37 -64.11
C GLN O 75 -10.34 15.93 -63.82
N TYR O 76 -10.11 15.17 -62.75
CA TYR O 76 -8.77 14.82 -62.33
C TYR O 76 -8.37 13.39 -62.69
N GLY O 77 -9.18 12.71 -63.49
CA GLY O 77 -8.80 11.37 -63.92
C GLY O 77 -8.87 10.31 -62.85
N VAL O 78 -9.66 10.54 -61.80
CA VAL O 78 -9.86 9.52 -60.77
C VAL O 78 -10.66 8.37 -61.37
N ARG O 79 -10.08 7.17 -61.36
CA ARG O 79 -10.76 6.03 -61.95
C ARG O 79 -10.89 4.90 -60.94
N SER O 80 -9.78 4.44 -60.37
CA SER O 80 -9.83 3.41 -59.35
C SER O 80 -10.18 4.01 -58.00
N ILE O 81 -11.09 3.35 -57.29
CA ILE O 81 -11.50 3.74 -55.95
C ILE O 81 -10.95 2.71 -54.98
N PRO O 82 -10.32 3.12 -53.86
CA PRO O 82 -10.12 4.52 -53.47
C PRO O 82 -8.91 5.18 -54.14
N THR O 83 -8.96 6.51 -54.21
CA THR O 83 -7.84 7.33 -54.63
C THR O 83 -7.72 8.48 -53.64
N ILE O 84 -6.49 8.79 -53.23
CA ILE O 84 -6.20 9.90 -52.35
C ILE O 84 -5.33 10.89 -53.10
N MET O 85 -5.70 12.17 -53.06
CA MET O 85 -4.96 13.22 -53.74
C MET O 85 -4.64 14.34 -52.77
N ILE O 86 -3.45 14.90 -52.88
CA ILE O 86 -2.98 16.00 -52.04
C ILE O 86 -2.86 17.24 -52.91
N PHE O 87 -3.42 18.35 -52.44
CA PHE O 87 -3.40 19.61 -53.16
C PHE O 87 -2.73 20.70 -52.34
N VAL O 88 -1.93 21.54 -53.01
CA VAL O 88 -1.32 22.71 -52.41
C VAL O 88 -1.49 23.88 -53.37
N GLY O 89 -2.05 24.98 -52.89
CA GLY O 89 -2.27 26.14 -53.75
C GLY O 89 -3.07 25.85 -54.99
N GLY O 90 -4.06 24.96 -54.89
CA GLY O 90 -4.88 24.64 -56.04
C GLY O 90 -4.25 23.72 -57.06
N GLU O 91 -3.17 23.03 -56.71
CA GLU O 91 -2.46 22.17 -57.65
C GLU O 91 -2.35 20.77 -57.09
N LYS O 92 -2.55 19.78 -57.96
CA LYS O 92 -2.41 18.38 -57.58
C LYS O 92 -0.93 18.09 -57.36
N LYS O 93 -0.58 17.64 -56.15
CA LYS O 93 0.81 17.40 -55.80
C LYS O 93 1.15 15.94 -55.62
N ASP O 94 0.20 15.11 -55.19
CA ASP O 94 0.46 13.69 -55.05
C ASP O 94 -0.83 12.91 -55.27
N THR O 95 -0.67 11.64 -55.66
CA THR O 95 -1.79 10.76 -55.91
C THR O 95 -1.41 9.38 -55.39
N ILE O 96 -2.26 8.82 -54.52
CA ILE O 96 -2.09 7.46 -54.02
C ILE O 96 -3.35 6.69 -54.37
N ILE O 97 -3.19 5.63 -55.16
CA ILE O 97 -4.30 4.87 -55.70
C ILE O 97 -4.36 3.55 -54.94
N GLY O 98 -5.53 3.25 -54.38
CA GLY O 98 -5.75 1.98 -53.71
C GLY O 98 -5.41 2.03 -52.23
N ALA O 99 -5.77 0.95 -51.55
CA ALA O 99 -5.45 0.80 -50.14
C ALA O 99 -3.95 0.64 -49.92
N VAL O 100 -3.38 1.49 -49.08
CA VAL O 100 -1.96 1.41 -48.71
C VAL O 100 -1.87 1.37 -47.21
N PRO O 101 -0.80 0.82 -46.65
CA PRO O 101 -0.70 0.72 -45.19
C PRO O 101 -0.43 2.06 -44.54
N LYS O 102 -0.64 2.10 -43.22
CA LYS O 102 -0.57 3.35 -42.47
C LYS O 102 0.80 4.01 -42.59
N THR O 103 1.88 3.23 -42.63
CA THR O 103 3.20 3.83 -42.69
C THR O 103 3.46 4.48 -44.04
N THR O 104 2.94 3.90 -45.12
CA THR O 104 3.08 4.52 -46.43
C THR O 104 2.38 5.86 -46.49
N LEU O 105 1.18 5.95 -45.93
CA LEU O 105 0.41 7.18 -46.02
C LEU O 105 1.04 8.29 -45.18
N THR O 106 1.40 7.98 -43.93
CA THR O 106 2.10 8.94 -43.08
C THR O 106 3.32 9.53 -43.79
N SER O 107 4.12 8.69 -44.44
CA SER O 107 5.33 9.18 -45.09
C SER O 107 4.98 10.10 -46.26
N SER O 108 4.02 9.68 -47.10
CA SER O 108 3.56 10.54 -48.19
C SER O 108 3.06 11.88 -47.66
N LEU O 109 2.31 11.85 -46.56
CA LEU O 109 1.73 13.06 -46.02
C LEU O 109 2.75 13.91 -45.27
N ASP O 110 3.75 13.28 -44.65
CA ASP O 110 4.77 14.03 -43.92
C ASP O 110 5.54 14.97 -44.85
N LYS O 111 5.62 14.63 -46.14
CA LYS O 111 6.35 15.46 -47.09
C LYS O 111 5.75 16.85 -47.25
N PHE O 112 4.52 17.07 -46.79
CA PHE O 112 3.84 18.35 -46.95
C PHE O 112 3.77 19.14 -45.65
N LEU O 113 4.46 18.69 -44.61
CA LEU O 113 4.52 19.44 -43.36
C LEU O 113 5.65 20.46 -43.42
N LYS P 2 24.09 3.30 55.96
CA LYS P 2 24.68 4.26 55.03
C LYS P 2 25.32 5.42 55.79
N THR P 3 26.54 5.21 56.27
CA THR P 3 27.26 6.27 56.96
C THR P 3 27.61 7.39 55.96
N GLU P 4 27.60 8.63 56.45
CA GLU P 4 27.88 9.66 55.46
C GLU P 4 29.34 10.07 55.52
N PRO P 5 29.98 10.26 54.37
CA PRO P 5 31.40 10.60 54.36
C PRO P 5 31.64 12.03 54.81
N SER P 6 32.82 12.25 55.39
CA SER P 6 33.19 13.60 55.80
C SER P 6 33.29 14.52 54.59
N GLU P 7 32.98 15.79 54.80
CA GLU P 7 33.10 16.75 53.71
C GLU P 7 34.55 17.05 53.36
N LYS P 8 35.47 16.76 54.27
CA LYS P 8 36.89 16.93 53.96
C LYS P 8 37.40 15.84 53.02
N SER P 9 36.97 14.59 53.24
CA SER P 9 37.41 13.49 52.39
C SER P 9 36.69 13.47 51.04
N VAL P 10 35.42 13.89 51.02
CA VAL P 10 34.70 13.99 49.75
C VAL P 10 35.43 14.96 48.83
N GLU P 11 35.83 16.12 49.37
CA GLU P 11 36.55 17.10 48.58
C GLU P 11 37.92 16.58 48.15
N ILE P 12 38.56 15.79 49.01
CA ILE P 12 39.83 15.16 48.64
C ILE P 12 39.61 14.21 47.47
N MET P 13 38.62 13.31 47.59
CA MET P 13 38.37 12.35 46.52
C MET P 13 37.79 13.03 45.29
N ARG P 14 37.01 14.11 45.47
CA ARG P 14 36.50 14.86 44.33
C ARG P 14 37.64 15.45 43.51
N LYS P 15 38.62 16.08 44.19
CA LYS P 15 39.73 16.69 43.47
C LYS P 15 40.65 15.65 42.86
N PHE P 16 40.82 14.50 43.53
CA PHE P 16 41.63 13.43 42.95
C PHE P 16 41.00 12.89 41.67
N SER P 17 39.68 12.72 41.67
CA SER P 17 39.03 12.12 40.51
C SER P 17 39.08 13.05 39.31
N GLU P 18 38.92 14.35 39.54
CA GLU P 18 39.09 15.31 38.45
C GLU P 18 40.50 15.24 37.89
N GLN P 19 41.49 15.15 38.77
CA GLN P 19 42.88 15.16 38.34
C GLN P 19 43.28 13.80 37.78
N TYR P 20 42.75 12.69 38.34
CA TYR P 20 43.12 11.39 37.79
C TYR P 20 42.44 11.12 36.46
N ALA P 21 41.23 11.65 36.25
CA ALA P 21 40.58 11.48 34.96
C ALA P 21 41.36 12.21 33.87
N ARG P 22 41.87 13.39 34.20
CA ARG P 22 42.65 14.19 33.27
C ARG P 22 43.96 13.52 32.92
N ARG P 23 44.51 12.82 33.89
CA ARG P 23 45.85 12.28 33.84
C ARG P 23 45.89 10.99 33.05
N SER P 24 44.80 10.23 33.12
CA SER P 24 44.57 8.97 32.45
C SER P 24 43.84 9.10 31.12
N GLY P 25 43.43 10.31 30.75
CA GLY P 25 42.64 10.48 29.54
C GLY P 25 41.28 9.82 29.59
N THR P 26 40.61 9.87 30.73
CA THR P 26 39.28 9.29 30.91
C THR P 26 38.30 10.39 31.29
N TYR P 27 37.01 10.07 31.17
CA TYR P 27 35.95 11.05 31.35
C TYR P 27 34.89 10.50 32.29
N PHE P 28 34.19 11.42 32.95
CA PHE P 28 33.13 11.06 33.86
C PHE P 28 31.89 10.60 33.10
N CYS P 29 31.01 9.89 33.81
CA CYS P 29 29.84 9.28 33.20
C CYS P 29 28.82 10.34 32.82
N VAL P 30 28.00 10.02 31.81
CA VAL P 30 26.94 10.93 31.41
C VAL P 30 25.93 11.06 32.54
N ASP P 31 25.75 9.99 33.31
CA ASP P 31 24.97 10.01 34.54
C ASP P 31 25.92 10.49 35.63
N LYS P 32 25.88 11.79 35.93
CA LYS P 32 26.80 12.31 36.93
C LYS P 32 26.36 12.00 38.35
N GLY P 33 25.17 11.43 38.52
CA GLY P 33 24.84 10.84 39.80
C GLY P 33 25.70 9.62 40.09
N VAL P 34 26.01 8.85 39.05
CA VAL P 34 26.93 7.72 39.20
C VAL P 34 28.28 8.22 39.71
N THR P 35 28.78 9.30 39.12
CA THR P 35 30.07 9.86 39.51
C THR P 35 30.05 10.29 40.97
N SER P 36 29.03 11.04 41.37
CA SER P 36 28.97 11.56 42.74
C SER P 36 28.85 10.44 43.76
N VAL P 37 28.00 9.44 43.49
CA VAL P 37 27.80 8.36 44.45
C VAL P 37 29.10 7.59 44.68
N VAL P 38 29.81 7.26 43.60
CA VAL P 38 31.06 6.50 43.72
C VAL P 38 32.10 7.33 44.47
N ILE P 39 32.19 8.62 44.16
CA ILE P 39 33.14 9.50 44.84
C ILE P 39 32.83 9.53 46.33
N LYS P 40 31.56 9.64 46.71
CA LYS P 40 31.20 9.63 48.12
C LYS P 40 31.55 8.30 48.77
N GLY P 41 31.42 7.20 48.04
CA GLY P 41 31.78 5.90 48.58
C GLY P 41 33.27 5.73 48.81
N LEU P 42 34.09 6.25 47.89
CA LEU P 42 35.53 6.25 48.13
C LEU P 42 35.89 7.09 49.36
N ALA P 43 35.27 8.28 49.47
CA ALA P 43 35.53 9.13 50.63
C ALA P 43 35.10 8.44 51.91
N GLU P 44 33.93 7.78 51.89
CA GLU P 44 33.44 7.11 53.09
C GLU P 44 34.35 5.96 53.50
N HIS P 45 34.85 5.19 52.52
CA HIS P 45 35.73 4.07 52.85
C HIS P 45 37.07 4.55 53.41
N LYS P 46 37.62 5.64 52.87
CA LYS P 46 38.89 6.16 53.36
C LYS P 46 38.74 6.75 54.75
N ASP P 47 37.56 7.29 55.05
CA ASP P 47 37.27 7.74 56.42
C ASP P 47 37.31 6.57 57.39
N SER P 48 36.71 5.45 57.01
CA SER P 48 36.54 4.33 57.94
C SER P 48 37.73 3.38 57.94
N TYR P 49 38.50 3.34 56.86
CA TYR P 49 39.63 2.44 56.75
C TYR P 49 40.93 3.12 56.35
N GLY P 50 40.94 4.42 56.12
CA GLY P 50 42.15 5.15 55.80
C GLY P 50 42.57 5.10 54.34
N ALA P 51 41.87 4.36 53.49
CA ALA P 51 42.18 4.27 52.09
C ALA P 51 40.90 4.20 51.27
N PRO P 52 40.91 4.74 50.04
CA PRO P 52 39.66 4.72 49.24
C PRO P 52 39.43 3.36 48.58
N LEU P 53 38.97 2.43 49.40
CA LEU P 53 38.59 1.11 48.92
C LEU P 53 37.44 1.22 47.92
N CYS P 54 37.42 0.32 46.94
CA CYS P 54 36.42 0.39 45.89
C CYS P 54 35.03 0.17 46.47
N PRO P 55 34.05 1.01 46.13
CA PRO P 55 32.70 0.89 46.70
C PRO P 55 31.75 -0.04 45.95
N CYS P 56 32.20 -0.63 44.83
CA CYS P 56 31.37 -1.56 44.06
C CYS P 56 31.94 -2.98 44.09
N ARG P 57 32.61 -3.33 45.18
CA ARG P 57 33.07 -4.69 45.42
C ARG P 57 32.59 -5.14 46.80
N HIS P 58 32.32 -6.44 46.93
CA HIS P 58 32.04 -7.03 48.23
C HIS P 58 33.29 -7.74 48.74
N TYR P 59 33.69 -7.43 49.97
CA TYR P 59 34.92 -7.94 50.55
C TYR P 59 34.62 -8.84 51.74
N ASP P 60 35.56 -9.74 52.00
CA ASP P 60 35.55 -10.52 53.24
C ASP P 60 36.30 -9.82 54.36
N ASP P 61 37.36 -9.09 54.03
CA ASP P 61 38.26 -8.46 55.02
C ASP P 61 38.67 -7.10 54.49
N LYS P 62 37.89 -6.07 54.81
CA LYS P 62 38.17 -4.73 54.28
C LYS P 62 39.52 -4.21 54.77
N ALA P 63 39.88 -4.52 56.02
CA ALA P 63 41.18 -4.10 56.53
C ALA P 63 42.31 -4.76 55.76
N ALA P 64 42.19 -6.05 55.47
CA ALA P 64 43.21 -6.74 54.68
C ALA P 64 43.27 -6.20 53.27
N GLU P 65 42.12 -5.89 52.68
CA GLU P 65 42.09 -5.35 51.33
C GLU P 65 42.85 -4.02 51.24
N VAL P 66 42.62 -3.13 52.20
CA VAL P 66 43.33 -1.85 52.24
C VAL P 66 44.83 -2.09 52.39
N GLY P 67 45.21 -3.09 53.19
CA GLY P 67 46.62 -3.36 53.41
C GLY P 67 47.31 -3.86 52.16
N GLN P 68 46.70 -4.83 51.47
CA GLN P 68 47.28 -5.32 50.24
C GLN P 68 47.25 -4.26 49.14
N GLY P 69 46.14 -3.54 49.01
CA GLY P 69 46.06 -2.37 48.15
C GLY P 69 45.48 -2.60 46.78
N PHE P 70 45.17 -3.86 46.40
CA PHE P 70 44.66 -4.14 45.06
C PHE P 70 43.44 -3.29 44.71
N TRP P 71 42.49 -3.17 45.64
CA TRP P 71 41.24 -2.48 45.35
C TRP P 71 41.17 -1.07 45.95
N ASN P 72 42.30 -0.51 46.39
CA ASN P 72 42.33 0.90 46.75
C ASN P 72 42.38 1.73 45.49
N CYS P 73 41.49 2.71 45.38
CA CYS P 73 41.35 3.41 44.12
C CYS P 73 42.54 4.34 43.92
N PRO P 74 43.10 4.40 42.70
CA PRO P 74 42.75 3.64 41.49
C PRO P 74 43.09 2.15 41.61
N CYS P 75 42.08 1.29 41.48
CA CYS P 75 42.31 -0.15 41.49
C CYS P 75 43.38 -0.54 40.48
N VAL P 76 44.08 -1.63 40.78
CA VAL P 76 44.97 -2.34 39.86
C VAL P 76 44.37 -2.42 38.45
N PRO P 77 43.13 -2.91 38.27
CA PRO P 77 42.59 -2.94 36.90
C PRO P 77 42.53 -1.58 36.23
N MET P 78 42.31 -0.51 36.99
CA MET P 78 42.30 0.83 36.40
C MET P 78 43.71 1.31 36.09
N ARG P 79 44.67 1.04 36.99
CA ARG P 79 46.04 1.47 36.75
C ARG P 79 46.63 0.78 35.53
N GLU P 80 46.34 -0.51 35.37
CA GLU P 80 46.96 -1.29 34.31
C GLU P 80 46.14 -1.34 33.03
N ARG P 81 44.83 -1.52 33.12
CA ARG P 81 44.01 -1.72 31.94
C ARG P 81 43.00 -0.61 31.69
N LYS P 82 43.01 0.46 32.50
CA LYS P 82 42.03 1.53 32.40
C LYS P 82 40.59 1.00 32.50
N GLU P 83 40.40 -0.08 33.25
CA GLU P 83 39.10 -0.67 33.48
C GLU P 83 38.59 -0.23 34.85
N CYS P 84 37.49 0.52 34.85
CA CYS P 84 36.82 1.03 36.05
C CYS P 84 35.37 0.57 36.05
N HIS P 85 35.06 -0.44 36.87
CA HIS P 85 33.71 -1.03 36.86
C HIS P 85 32.71 -0.26 37.72
N CYS P 86 33.14 0.77 38.46
CA CYS P 86 32.19 1.70 39.07
C CYS P 86 31.79 2.80 38.11
N MET P 87 32.32 2.77 36.89
CA MET P 87 32.02 3.78 35.86
C MET P 87 32.33 5.17 36.37
N LEU P 88 33.42 5.27 37.15
CA LEU P 88 33.94 6.57 37.55
C LEU P 88 34.86 7.14 36.47
N PHE P 89 35.81 6.34 36.01
CA PHE P 89 36.73 6.74 34.94
C PHE P 89 36.41 5.92 33.71
N LEU P 90 35.93 6.58 32.66
CA LEU P 90 35.49 5.91 31.45
C LEU P 90 36.34 6.38 30.27
N THR P 91 36.78 5.43 29.46
CA THR P 91 37.51 5.77 28.24
C THR P 91 36.54 6.40 27.24
N PRO P 92 37.04 7.26 26.34
CA PRO P 92 36.13 7.98 25.43
C PRO P 92 35.28 7.08 24.56
N ASP P 93 35.72 5.85 24.30
CA ASP P 93 34.97 4.90 23.49
C ASP P 93 33.81 4.25 24.23
N ASN P 94 33.61 4.58 25.51
CA ASN P 94 32.50 4.03 26.27
C ASN P 94 31.22 4.80 25.96
N ASP P 95 30.13 4.06 25.70
CA ASP P 95 28.87 4.69 25.34
C ASP P 95 28.31 5.58 26.44
N PHE P 96 28.70 5.35 27.69
CA PHE P 96 28.23 6.16 28.82
C PHE P 96 29.23 7.24 29.22
N ALA P 97 30.34 7.35 28.51
CA ALA P 97 31.32 8.39 28.80
C ALA P 97 30.80 9.75 28.33
N GLY P 98 30.81 10.73 29.23
CA GLY P 98 30.51 12.11 28.88
C GLY P 98 31.68 12.85 28.27
N ASP P 100 33.18 15.60 29.91
CA ASP P 100 33.65 16.33 31.08
C ASP P 100 34.68 15.55 31.87
N GLN P 101 35.71 16.26 32.37
CA GLN P 101 36.62 15.71 33.36
C GLN P 101 36.54 16.48 34.68
N THR P 102 35.44 17.17 34.91
CA THR P 102 35.27 18.00 36.10
C THR P 102 33.93 17.68 36.75
N ILE P 103 33.90 17.81 38.08
CA ILE P 103 32.65 17.72 38.82
C ILE P 103 32.76 18.63 40.05
N THR P 104 31.91 19.64 40.11
CA THR P 104 32.00 20.62 41.20
C THR P 104 31.43 20.04 42.48
N SER P 105 31.78 20.70 43.60
CA SER P 105 31.20 20.23 44.83
C SER P 105 29.70 20.45 44.84
N ASP P 106 29.21 21.51 44.22
CA ASP P 106 27.77 21.75 44.17
C ASP P 106 27.04 20.67 43.37
N GLU P 107 27.69 20.16 42.31
CA GLU P 107 27.09 19.07 41.55
C GLU P 107 26.93 17.82 42.41
N ILE P 108 27.90 17.54 43.27
CA ILE P 108 27.83 16.37 44.14
C ILE P 108 26.69 16.51 45.16
N LYS P 109 26.45 17.72 45.62
CA LYS P 109 25.47 17.92 46.69
C LYS P 109 24.04 17.88 46.13
N GLU P 110 23.86 18.31 44.89
CA GLU P 110 22.53 18.31 44.29
C GLU P 110 22.13 16.92 43.80
N THR P 111 23.07 16.17 43.22
CA THR P 111 22.72 14.84 42.74
C THR P 111 22.56 13.85 43.89
N THR P 112 23.37 13.99 44.94
CA THR P 112 23.33 13.08 46.08
C THR P 112 22.35 13.52 47.13
N ALA P 113 21.51 14.52 46.86
CA ALA P 113 20.50 14.88 47.85
C ALA P 113 19.56 13.69 48.01
N ASN P 114 18.76 13.73 49.06
CA ASN P 114 17.84 12.67 49.47
C ASN P 114 18.40 11.25 49.29
N MET P 115 19.72 11.05 49.23
CA MET P 115 20.24 9.69 49.11
C MET P 115 20.58 9.03 50.45
N THR Q 24 42.06 -25.26 51.47
CA THR Q 24 42.05 -24.51 50.20
C THR Q 24 42.91 -25.13 49.07
N GLU Q 25 42.31 -25.93 48.21
CA GLU Q 25 43.02 -26.60 47.13
C GLU Q 25 43.02 -25.84 45.79
N GLU Q 26 42.23 -24.78 45.60
CA GLU Q 26 42.41 -24.13 44.31
C GLU Q 26 43.57 -23.14 44.41
N ASP Q 27 43.81 -22.63 45.62
CA ASP Q 27 44.94 -21.76 45.93
C ASP Q 27 46.25 -22.55 45.98
N GLU Q 28 46.18 -23.80 46.43
CA GLU Q 28 47.38 -24.62 46.50
C GLU Q 28 47.82 -25.04 45.10
N LYS Q 29 46.84 -25.24 44.20
CA LYS Q 29 47.15 -25.46 42.79
C LYS Q 29 47.68 -24.18 42.15
N ALA Q 30 47.12 -23.04 42.55
CA ALA Q 30 47.60 -21.76 42.03
C ALA Q 30 48.97 -21.40 42.62
N LYS Q 31 49.19 -21.72 43.89
CA LYS Q 31 50.50 -21.48 44.49
C LYS Q 31 51.59 -22.27 43.77
N GLU Q 32 51.25 -23.45 43.24
CA GLU Q 32 52.23 -24.25 42.52
C GLU Q 32 52.79 -23.50 41.32
N LYS Q 33 51.97 -22.65 40.70
CA LYS Q 33 52.37 -21.92 39.50
C LYS Q 33 53.27 -20.72 39.79
N ILE Q 34 53.47 -20.36 41.06
CA ILE Q 34 54.33 -19.23 41.38
C ILE Q 34 55.74 -19.54 40.90
N GLY Q 35 56.35 -18.58 40.20
CA GLY Q 35 57.66 -18.77 39.62
C GLY Q 35 57.67 -19.41 38.25
N ALA Q 36 56.53 -19.93 37.79
CA ALA Q 36 56.48 -20.61 36.50
C ALA Q 36 56.40 -19.60 35.36
N ARG Q 37 56.92 -20.00 34.21
CA ARG Q 37 56.92 -19.16 33.02
C ARG Q 37 55.57 -19.21 32.34
N VAL Q 38 55.12 -18.05 31.85
CA VAL Q 38 53.82 -17.93 31.18
C VAL Q 38 53.99 -17.16 29.88
N ARG Q 39 52.97 -17.27 29.03
CA ARG Q 39 52.90 -16.51 27.80
C ARG Q 39 51.48 -16.01 27.62
N VAL Q 40 51.35 -14.76 27.17
CA VAL Q 40 50.04 -14.13 27.06
C VAL Q 40 49.35 -14.64 25.80
N THR Q 41 48.11 -15.10 25.96
CA THR Q 41 47.36 -15.72 24.88
C THR Q 41 46.23 -14.87 24.32
N VAL Q 42 45.95 -13.72 24.92
CA VAL Q 42 44.83 -12.88 24.49
C VAL Q 42 45.31 -11.46 24.26
N PRO Q 43 44.68 -10.70 23.37
CA PRO Q 43 45.09 -9.30 23.18
C PRO Q 43 44.78 -8.51 24.44
N LEU Q 44 45.72 -7.66 24.83
CA LEU Q 44 45.64 -6.97 26.12
C LEU Q 44 46.62 -5.81 26.11
N LYS Q 45 46.12 -4.62 26.45
CA LYS Q 45 46.95 -3.42 26.51
C LYS Q 45 47.04 -2.92 27.94
N VAL Q 46 48.24 -2.52 28.34
CA VAL Q 46 48.49 -1.99 29.68
C VAL Q 46 49.13 -0.61 29.55
N TYR Q 47 48.91 0.23 30.57
CA TYR Q 47 49.27 1.64 30.49
C TYR Q 47 50.15 2.10 31.64
N HIS Q 48 50.64 1.20 32.48
CA HIS Q 48 51.35 1.57 33.70
C HIS Q 48 52.87 1.41 33.60
N VAL Q 49 53.38 0.88 32.48
CA VAL Q 49 54.82 0.71 32.35
C VAL Q 49 55.50 2.08 32.33
N VAL Q 50 56.62 2.19 33.04
CA VAL Q 50 57.23 3.48 33.32
C VAL Q 50 57.74 4.08 32.02
N ARG Q 51 57.26 5.29 31.69
CA ARG Q 51 57.61 6.08 30.50
C ARG Q 51 57.36 5.33 29.21
N VAL Q 52 56.55 4.29 29.28
CA VAL Q 52 56.03 3.70 28.05
C VAL Q 52 54.51 3.83 28.13
N PRO Q 53 53.92 4.73 27.36
CA PRO Q 53 52.49 5.02 27.53
C PRO Q 53 51.57 3.85 27.24
N GLU Q 54 51.99 2.92 26.39
CA GLU Q 54 51.11 1.82 25.99
C GLU Q 54 51.94 0.62 25.61
N VAL Q 55 51.53 -0.56 26.09
CA VAL Q 55 52.21 -1.82 25.82
C VAL Q 55 51.16 -2.86 25.47
N GLU Q 56 51.35 -3.52 24.33
CA GLU Q 56 50.52 -4.65 23.95
C GLU Q 56 51.19 -5.93 24.42
N LEU Q 57 50.45 -6.77 25.14
CA LEU Q 57 51.04 -7.91 25.80
C LEU Q 57 50.81 -9.23 25.07
N MET Q 58 50.12 -9.20 23.93
CA MET Q 58 49.80 -10.42 23.19
C MET Q 58 51.04 -11.12 22.66
N GLY Q 59 51.48 -12.15 23.35
CA GLY Q 59 52.58 -12.98 22.90
C GLY Q 59 53.82 -12.86 23.75
N MET Q 60 53.84 -11.92 24.67
CA MET Q 60 54.99 -11.70 25.52
C MET Q 60 55.07 -12.78 26.59
N GLU Q 61 56.27 -13.02 27.08
CA GLU Q 61 56.51 -14.09 28.03
C GLU Q 61 57.14 -13.53 29.29
N GLY Q 62 56.75 -14.10 30.41
CA GLY Q 62 57.27 -13.71 31.69
C GLY Q 62 57.07 -14.86 32.65
N PHE Q 63 57.13 -14.55 33.94
CA PHE Q 63 56.90 -15.56 34.95
C PHE Q 63 56.08 -14.97 36.09
N ILE Q 64 55.37 -15.84 36.79
CA ILE Q 64 54.54 -15.43 37.91
C ILE Q 64 55.45 -15.14 39.09
N LYS Q 65 55.39 -13.90 39.61
CA LYS Q 65 56.18 -13.52 40.77
C LYS Q 65 55.37 -13.61 42.07
N ASP Q 66 54.06 -13.74 41.98
CA ASP Q 66 53.23 -13.83 43.17
C ASP Q 66 51.82 -14.24 42.80
N TYR Q 67 51.15 -14.88 43.75
CA TYR Q 67 49.72 -15.16 43.71
C TYR Q 67 49.09 -14.28 44.78
N VAL Q 68 48.60 -13.09 44.38
CA VAL Q 68 48.28 -12.03 45.31
C VAL Q 68 46.97 -12.26 46.05
N VAL Q 69 46.28 -13.37 45.76
CA VAL Q 69 45.11 -13.73 46.55
C VAL Q 69 45.50 -13.99 48.00
N LEU Q 70 46.67 -14.56 48.22
CA LEU Q 70 47.18 -14.81 49.56
C LEU Q 70 48.16 -13.70 49.93
N TRP Q 71 47.97 -13.08 51.09
CA TRP Q 71 48.76 -11.92 51.48
C TRP Q 71 48.89 -11.91 52.99
N LYS Q 72 50.11 -12.18 53.48
CA LYS Q 72 50.44 -12.10 54.91
C LYS Q 72 49.47 -12.91 55.77
N GLY Q 73 49.19 -14.13 55.33
CA GLY Q 73 48.32 -15.03 56.05
C GLY Q 73 46.84 -14.78 55.88
N LYS Q 74 46.46 -13.64 55.30
CA LYS Q 74 45.07 -13.28 55.07
C LYS Q 74 44.73 -13.46 53.60
N LYS Q 75 43.44 -13.42 53.27
CA LYS Q 75 42.97 -13.65 51.92
C LYS Q 75 42.38 -12.40 51.29
N ILE Q 76 42.72 -12.18 50.02
CA ILE Q 76 42.36 -10.97 49.29
C ILE Q 76 41.47 -11.36 48.10
N SER Q 77 40.50 -10.51 47.78
CA SER Q 77 39.54 -10.76 46.70
C SER Q 77 39.97 -10.09 45.39
N ALA Q 78 41.14 -10.47 44.89
CA ALA Q 78 41.67 -9.89 43.66
C ALA Q 78 41.14 -10.63 42.44
N ASN Q 79 40.61 -9.89 41.46
CA ASN Q 79 40.09 -10.50 40.25
C ASN Q 79 41.17 -10.81 39.23
N LEU Q 80 42.35 -10.22 39.38
CA LEU Q 80 43.51 -10.51 38.52
C LEU Q 80 44.62 -11.02 39.45
N PRO Q 81 44.56 -12.29 39.85
CA PRO Q 81 45.37 -12.76 40.99
C PRO Q 81 46.83 -13.03 40.67
N PHE Q 82 47.22 -13.20 39.41
CA PHE Q 82 48.57 -13.63 39.05
C PHE Q 82 49.39 -12.40 38.69
N LYS Q 83 50.32 -12.04 39.58
CA LYS Q 83 51.27 -10.96 39.31
C LYS Q 83 52.42 -11.54 38.50
N VAL Q 84 52.55 -11.11 37.25
CA VAL Q 84 53.51 -11.69 36.31
C VAL Q 84 54.57 -10.65 36.00
N GLN Q 85 55.83 -11.04 36.12
CA GLN Q 85 56.95 -10.16 35.78
C GLN Q 85 57.26 -10.27 34.30
N PHE Q 86 57.34 -9.12 33.64
CA PHE Q 86 57.66 -9.04 32.22
C PHE Q 86 58.89 -8.16 32.05
N VAL Q 87 59.68 -8.47 31.03
CA VAL Q 87 60.76 -7.60 30.58
C VAL Q 87 60.51 -7.29 29.12
N LYS Q 88 60.56 -6.01 28.78
CA LYS Q 88 60.35 -5.57 27.41
C LYS Q 88 61.49 -4.65 27.00
N GLU Q 89 61.93 -4.82 25.77
CA GLU Q 89 63.06 -4.09 25.23
C GLU Q 89 62.54 -2.80 24.61
N ILE Q 90 63.11 -1.68 25.02
CA ILE Q 90 62.71 -0.37 24.50
C ILE Q 90 63.89 0.17 23.71
N GLU Q 91 63.63 0.55 22.47
CA GLU Q 91 64.68 0.99 21.57
C GLU Q 91 65.27 2.30 22.04
N GLY Q 92 66.60 2.35 22.16
CA GLY Q 92 67.25 3.53 22.66
C GLY Q 92 67.46 3.57 24.15
N ARG Q 93 66.96 2.59 24.90
CA ARG Q 93 66.97 2.71 26.35
C ARG Q 93 67.37 1.45 27.09
N GLY Q 94 66.91 0.28 26.67
CA GLY Q 94 67.26 -0.94 27.37
C GLY Q 94 66.07 -1.66 27.94
N PRO Q 95 66.31 -2.84 28.52
CA PRO Q 95 65.21 -3.66 29.03
C PRO Q 95 64.48 -2.97 30.18
N VAL Q 96 63.16 -2.82 30.01
CA VAL Q 96 62.28 -2.31 31.05
C VAL Q 96 61.62 -3.48 31.75
N LYS Q 97 61.70 -3.52 33.07
CA LYS Q 97 61.02 -4.53 33.88
C LYS Q 97 59.73 -3.97 34.47
N PHE Q 98 58.67 -4.76 34.43
CA PHE Q 98 57.38 -4.34 34.99
C PHE Q 98 56.57 -5.56 35.39
N PHE Q 99 55.56 -5.32 36.22
CA PHE Q 99 54.61 -6.33 36.65
C PHE Q 99 53.24 -6.04 36.05
N THR Q 100 52.49 -7.10 35.75
CA THR Q 100 51.11 -6.97 35.33
C THR Q 100 50.29 -8.13 35.89
N HIS Q 101 49.10 -7.81 36.40
CA HIS Q 101 48.21 -8.80 36.98
C HIS Q 101 47.34 -9.42 35.89
N LEU Q 102 47.20 -10.74 35.94
CA LEU Q 102 46.44 -11.49 34.95
C LEU Q 102 45.52 -12.50 35.63
N LYS Q 103 44.45 -12.87 34.94
CA LYS Q 103 43.64 -14.02 35.31
C LYS Q 103 44.07 -15.24 34.51
N GLU Q 104 43.69 -16.42 35.00
CA GLU Q 104 44.24 -17.67 34.49
C GLU Q 104 43.91 -17.88 33.00
N ASP Q 105 42.75 -17.43 32.54
CA ASP Q 105 42.36 -17.65 31.16
C ASP Q 105 43.05 -16.69 30.18
N GLU Q 106 43.96 -15.85 30.64
CA GLU Q 106 44.65 -14.90 29.78
C GLU Q 106 46.08 -15.29 29.48
N PHE Q 107 46.56 -16.40 30.03
CA PHE Q 107 47.92 -16.84 29.77
C PHE Q 107 47.96 -18.37 29.75
N GLU Q 108 48.98 -18.89 29.09
CA GLU Q 108 49.27 -20.32 29.10
C GLU Q 108 50.63 -20.55 29.72
N LEU Q 109 50.79 -21.69 30.37
CA LEU Q 109 52.09 -22.07 30.90
C LEU Q 109 52.99 -22.54 29.75
N ILE Q 110 54.29 -22.34 29.94
CA ILE Q 110 55.29 -22.72 28.94
C ILE Q 110 55.95 -24.01 29.41
N ASP Q 111 56.38 -24.83 28.45
CA ASP Q 111 56.82 -26.22 28.64
C ASP Q 111 56.26 -26.90 29.89
N THR R 7 4.58 1.58 41.60
CA THR R 7 4.96 0.21 41.97
C THR R 7 5.25 0.11 43.47
N THR R 8 4.86 -1.01 44.07
CA THR R 8 5.29 -1.29 45.43
C THR R 8 6.77 -1.63 45.43
N ASP R 9 7.52 -1.04 46.37
CA ASP R 9 8.96 -1.17 46.37
C ASP R 9 9.37 -2.63 46.54
N ILE R 10 10.51 -2.98 45.94
CA ILE R 10 10.97 -4.36 45.95
C ILE R 10 11.34 -4.76 47.38
N GLN R 11 10.93 -5.96 47.77
CA GLN R 11 11.11 -6.42 49.14
C GLN R 11 12.58 -6.66 49.46
N VAL R 12 12.96 -6.34 50.70
CA VAL R 12 14.31 -6.56 51.19
C VAL R 12 14.47 -8.02 51.62
N VAL R 13 15.64 -8.59 51.34
CA VAL R 13 16.04 -9.88 51.88
C VAL R 13 17.39 -9.70 52.58
N ASN R 14 17.60 -10.48 53.64
CA ASN R 14 18.79 -10.38 54.47
C ASN R 14 19.36 -11.77 54.70
N ASP R 15 20.49 -11.83 55.40
CA ASP R 15 21.06 -13.12 55.77
C ASP R 15 20.07 -13.93 56.61
N SER R 16 19.43 -13.28 57.59
CA SER R 16 18.50 -13.97 58.49
C SER R 16 17.29 -14.51 57.75
N THR R 17 16.81 -13.82 56.72
CA THR R 17 15.59 -14.19 56.03
C THR R 17 15.85 -14.91 54.71
N TRP R 18 17.12 -15.20 54.42
CA TRP R 18 17.46 -15.82 53.14
C TRP R 18 16.77 -17.17 52.98
N ASP R 19 16.82 -18.00 54.03
CA ASP R 19 16.24 -19.34 53.94
C ASP R 19 14.74 -19.29 53.70
N SER R 20 14.03 -18.47 54.50
CA SER R 20 12.57 -18.47 54.42
C SER R 20 12.05 -17.78 53.16
N LEU R 21 12.72 -16.72 52.71
CA LEU R 21 12.25 -15.95 51.56
C LEU R 21 12.75 -16.49 50.22
N VAL R 22 13.95 -17.07 50.17
CA VAL R 22 14.57 -17.49 48.93
C VAL R 22 14.66 -19.01 48.82
N LEU R 23 15.24 -19.67 49.82
CA LEU R 23 15.48 -21.10 49.73
C LEU R 23 14.18 -21.89 49.72
N LYS R 24 13.18 -21.44 50.49
CA LYS R 24 11.91 -22.13 50.59
C LYS R 24 10.84 -21.52 49.70
N ALA R 25 11.20 -20.64 48.77
CA ALA R 25 10.22 -20.01 47.92
C ALA R 25 9.77 -20.95 46.81
N THR R 26 8.60 -20.66 46.24
CA THR R 26 8.07 -21.40 45.11
C THR R 26 8.20 -20.54 43.86
N GLY R 27 8.71 -21.13 42.79
CA GLY R 27 8.92 -20.42 41.56
C GLY R 27 10.27 -19.73 41.54
N PRO R 28 10.61 -19.13 40.40
CA PRO R 28 11.92 -18.47 40.28
C PRO R 28 11.97 -17.21 41.15
N VAL R 29 13.15 -16.97 41.72
CA VAL R 29 13.40 -15.81 42.57
C VAL R 29 14.62 -15.08 42.04
N VAL R 30 14.50 -13.76 41.87
CA VAL R 30 15.59 -12.91 41.43
C VAL R 30 16.06 -12.07 42.62
N VAL R 31 17.37 -12.01 42.82
CA VAL R 31 17.96 -11.23 43.90
C VAL R 31 18.92 -10.22 43.29
N ASP R 32 18.74 -8.96 43.65
CA ASP R 32 19.60 -7.87 43.20
C ASP R 32 20.58 -7.58 44.34
N PHE R 33 21.85 -7.91 44.13
CA PHE R 33 22.90 -7.64 45.10
C PHE R 33 23.46 -6.25 44.86
N TRP R 34 23.28 -5.35 45.82
CA TRP R 34 23.62 -3.95 45.65
C TRP R 34 24.39 -3.45 46.87
N ALA R 35 24.92 -2.23 46.74
CA ALA R 35 25.69 -1.57 47.80
C ALA R 35 25.34 -0.08 47.80
N PRO R 36 25.30 0.55 48.98
CA PRO R 36 24.70 1.90 49.07
C PRO R 36 25.45 2.98 48.31
N TRP R 37 26.76 2.85 48.15
CA TRP R 37 27.56 3.84 47.44
C TRP R 37 28.06 3.32 46.11
N CYS R 38 27.36 2.36 45.51
CA CYS R 38 27.74 1.81 44.22
C CYS R 38 26.91 2.48 43.14
N GLY R 39 27.55 3.32 42.34
CA GLY R 39 26.90 4.09 41.31
C GLY R 39 26.14 3.22 40.31
N PRO R 40 26.82 2.27 39.67
CA PRO R 40 26.13 1.43 38.68
C PRO R 40 24.98 0.64 39.26
N SER R 41 24.99 0.36 40.56
CA SER R 41 23.87 -0.36 41.16
C SER R 41 22.64 0.53 41.28
N LYS R 42 22.83 1.84 41.42
CA LYS R 42 21.68 2.74 41.45
C LYS R 42 21.12 3.01 40.05
N MET R 43 21.97 2.95 39.03
CA MET R 43 21.50 3.25 37.68
C MET R 43 20.65 2.12 37.08
N ILE R 44 20.77 0.89 37.60
CA ILE R 44 19.92 -0.19 37.12
C ILE R 44 18.67 -0.34 37.96
N ASP R 45 18.50 0.47 39.01
CA ASP R 45 17.31 0.39 39.85
C ASP R 45 16.01 0.58 39.08
N PRO R 46 15.85 1.59 38.21
CA PRO R 46 14.60 1.67 37.44
C PRO R 46 14.37 0.46 36.55
N LEU R 47 15.46 -0.17 36.07
CA LEU R 47 15.30 -1.38 35.27
C LEU R 47 14.83 -2.55 36.13
N VAL R 48 15.35 -2.66 37.35
CA VAL R 48 14.94 -3.76 38.21
C VAL R 48 13.50 -3.57 38.66
N ASN R 49 13.09 -2.31 38.91
CA ASN R 49 11.68 -2.04 39.20
C ASN R 49 10.80 -2.33 37.99
N ASP R 50 11.31 -2.06 36.79
CA ASP R 50 10.56 -2.34 35.57
C ASP R 50 10.30 -3.83 35.43
N LEU R 51 11.33 -4.66 35.61
CA LEU R 51 11.18 -6.09 35.42
C LEU R 51 10.37 -6.72 36.55
N ALA R 52 10.49 -6.20 37.77
CA ALA R 52 9.67 -6.69 38.87
C ALA R 52 8.19 -6.51 38.56
N GLN R 53 7.82 -5.36 37.98
CA GLN R 53 6.44 -5.14 37.57
C GLN R 53 6.06 -6.01 36.38
N HIS R 54 6.94 -6.10 35.38
CA HIS R 54 6.66 -6.87 34.17
C HIS R 54 6.43 -8.35 34.47
N TYR R 55 7.07 -8.89 35.51
CA TYR R 55 6.98 -10.30 35.84
C TYR R 55 6.15 -10.57 37.10
N THR R 56 5.24 -9.66 37.44
CA THR R 56 4.43 -9.82 38.64
C THR R 56 3.67 -11.15 38.61
N GLY R 57 3.70 -11.85 39.74
CA GLY R 57 3.04 -13.15 39.85
C GLY R 57 3.78 -14.30 39.20
N LYS R 58 4.85 -14.03 38.45
CA LYS R 58 5.61 -15.07 37.79
C LYS R 58 7.04 -15.19 38.31
N ILE R 59 7.68 -14.08 38.65
CA ILE R 59 9.01 -14.08 39.25
C ILE R 59 9.03 -13.10 40.40
N LYS R 60 9.55 -13.53 41.55
CA LYS R 60 9.63 -12.69 42.73
C LYS R 60 11.02 -12.06 42.82
N PHE R 61 11.06 -10.77 43.11
CA PHE R 61 12.30 -9.99 43.15
C PHE R 61 12.64 -9.60 44.58
N TYR R 62 13.93 -9.66 44.91
CA TYR R 62 14.42 -9.20 46.21
C TYR R 62 15.68 -8.36 46.00
N LYS R 63 15.95 -7.49 46.97
CA LYS R 63 17.17 -6.68 47.01
C LYS R 63 17.93 -6.99 48.29
N LEU R 64 19.23 -7.23 48.17
CA LEU R 64 20.09 -7.50 49.32
C LEU R 64 21.25 -6.52 49.34
N ASN R 65 21.33 -5.74 50.41
CA ASN R 65 22.45 -4.82 50.63
C ASN R 65 23.65 -5.63 51.11
N THR R 66 24.66 -5.78 50.24
CA THR R 66 25.83 -6.58 50.58
C THR R 66 26.67 -5.96 51.69
N ASP R 67 26.45 -4.69 52.02
CA ASP R 67 27.16 -4.10 53.15
C ASP R 67 26.51 -4.49 54.47
N GLU R 68 25.19 -4.63 54.49
CA GLU R 68 24.45 -4.97 55.70
C GLU R 68 24.31 -6.47 55.93
N SER R 69 24.39 -7.30 54.88
CA SER R 69 24.24 -8.75 54.99
C SER R 69 25.35 -9.44 54.22
N PRO R 70 26.53 -9.60 54.83
CA PRO R 70 27.68 -10.11 54.07
C PRO R 70 27.69 -11.62 53.83
N ASN R 71 26.92 -12.40 54.59
CA ASN R 71 27.10 -13.85 54.53
C ASN R 71 26.49 -14.46 53.28
N THR R 72 25.37 -13.93 52.79
CA THR R 72 24.78 -14.49 51.58
C THR R 72 25.64 -14.24 50.34
N PRO R 73 26.12 -13.03 50.08
CA PRO R 73 27.04 -12.86 48.93
C PRO R 73 28.31 -13.67 49.06
N GLY R 74 28.81 -13.84 50.29
CA GLY R 74 29.94 -14.73 50.51
C GLY R 74 29.66 -16.15 50.10
N GLN R 75 28.44 -16.64 50.39
CA GLN R 75 28.10 -18.01 50.07
C GLN R 75 28.06 -18.26 48.55
N TYR R 76 27.60 -17.28 47.78
CA TYR R 76 27.40 -17.46 46.35
C TYR R 76 28.47 -16.80 45.50
N GLY R 77 29.55 -16.31 46.12
CA GLY R 77 30.64 -15.75 45.36
C GLY R 77 30.39 -14.40 44.74
N VAL R 78 29.46 -13.62 45.29
CA VAL R 78 29.24 -12.27 44.79
C VAL R 78 30.46 -11.42 45.13
N ARG R 79 31.09 -10.84 44.11
CA ARG R 79 32.23 -9.96 44.30
C ARG R 79 31.99 -8.60 43.67
N SER R 80 31.73 -8.54 42.37
CA SER R 80 31.44 -7.28 41.71
C SER R 80 29.99 -6.87 41.95
N ILE R 81 29.79 -5.59 42.22
CA ILE R 81 28.47 -5.01 42.46
C ILE R 81 28.16 -4.08 41.29
N PRO R 82 26.96 -4.16 40.69
CA PRO R 82 25.87 -5.07 41.05
C PRO R 82 26.01 -6.49 40.48
N THR R 83 25.36 -7.43 41.14
CA THR R 83 25.21 -8.80 40.65
C THR R 83 23.76 -9.19 40.81
N ILE R 84 23.19 -9.84 39.79
CA ILE R 84 21.83 -10.35 39.82
C ILE R 84 21.89 -11.86 39.70
N MET R 85 21.19 -12.55 40.60
CA MET R 85 21.16 -14.02 40.61
C MET R 85 19.72 -14.50 40.65
N ILE R 86 19.46 -15.60 39.94
CA ILE R 86 18.14 -16.22 39.90
C ILE R 86 18.23 -17.55 40.63
N PHE R 87 17.28 -17.79 41.53
CA PHE R 87 17.22 -19.03 42.30
C PHE R 87 15.90 -19.74 42.05
N VAL R 88 15.97 -21.06 41.93
CA VAL R 88 14.78 -21.92 41.80
C VAL R 88 14.96 -23.11 42.73
N GLY R 89 13.97 -23.34 43.58
CA GLY R 89 14.04 -24.44 44.53
C GLY R 89 15.27 -24.40 45.41
N GLY R 90 15.71 -23.20 45.80
CA GLY R 90 16.87 -23.07 46.65
C GLY R 90 18.21 -23.25 45.96
N GLU R 91 18.25 -23.19 44.63
CA GLU R 91 19.48 -23.42 43.88
C GLU R 91 19.77 -22.23 42.97
N LYS R 92 21.04 -21.83 42.94
CA LYS R 92 21.47 -20.76 42.04
C LYS R 92 21.47 -21.27 40.62
N LYS R 93 20.71 -20.61 39.74
CA LYS R 93 20.57 -21.05 38.36
C LYS R 93 21.22 -20.12 37.36
N ASP R 94 21.29 -18.82 37.63
CA ASP R 94 21.91 -17.90 36.69
C ASP R 94 22.55 -16.75 37.45
N THR R 95 23.52 -16.12 36.81
CA THR R 95 24.27 -15.00 37.38
C THR R 95 24.51 -13.96 36.30
N ILE R 96 24.12 -12.71 36.57
CA ILE R 96 24.36 -11.59 35.66
C ILE R 96 25.15 -10.53 36.43
N ILE R 97 26.34 -10.20 35.92
CA ILE R 97 27.28 -9.32 36.61
C ILE R 97 27.31 -7.96 35.93
N GLY R 98 27.11 -6.91 36.72
CA GLY R 98 27.27 -5.55 36.25
C GLY R 98 26.00 -4.96 35.68
N ALA R 99 26.06 -3.66 35.40
CA ALA R 99 24.95 -2.97 34.74
C ALA R 99 24.80 -3.52 33.33
N VAL R 100 23.63 -4.06 33.03
CA VAL R 100 23.38 -4.66 31.71
C VAL R 100 22.12 -4.03 31.13
N PRO R 101 21.99 -4.05 29.80
CA PRO R 101 20.81 -3.46 29.18
C PRO R 101 19.58 -4.32 29.40
N LYS R 102 18.42 -3.69 29.20
CA LYS R 102 17.15 -4.36 29.48
C LYS R 102 16.98 -5.64 28.66
N THR R 103 17.49 -5.66 27.43
CA THR R 103 17.30 -6.83 26.58
C THR R 103 18.09 -8.03 27.09
N THR R 104 19.30 -7.78 27.63
CA THR R 104 20.08 -8.86 28.20
C THR R 104 19.38 -9.47 29.41
N LEU R 105 18.82 -8.63 30.28
CA LEU R 105 18.16 -9.13 31.48
C LEU R 105 16.87 -9.83 31.12
N THR R 106 16.06 -9.21 30.25
CA THR R 106 14.87 -9.86 29.70
C THR R 106 15.18 -11.25 29.15
N SER R 107 16.29 -11.37 28.41
CA SER R 107 16.61 -12.65 27.79
C SER R 107 16.87 -13.75 28.83
N SER R 108 17.60 -13.42 29.89
CA SER R 108 17.92 -14.43 30.90
C SER R 108 16.71 -14.74 31.78
N LEU R 109 15.88 -13.74 32.07
CA LEU R 109 14.73 -13.97 32.93
C LEU R 109 13.62 -14.73 32.23
N ASP R 110 13.47 -14.55 30.92
CA ASP R 110 12.44 -15.28 30.19
C ASP R 110 12.68 -16.79 30.22
N LYS R 111 13.94 -17.20 30.31
CA LYS R 111 14.29 -18.61 30.29
C LYS R 111 13.66 -19.39 31.44
N PHE R 112 13.16 -18.70 32.46
CA PHE R 112 12.51 -19.34 33.60
C PHE R 112 11.00 -19.21 33.53
N LEU R 113 10.44 -19.35 32.33
CA LEU R 113 9.00 -19.28 32.09
C LEU R 113 8.41 -17.97 32.60
N LYS S 2 -19.84 -50.17 7.40
CA LYS S 2 -20.10 -51.60 7.45
C LYS S 2 -21.37 -51.90 8.23
N THR S 3 -22.44 -52.22 7.50
CA THR S 3 -23.72 -52.49 8.12
C THR S 3 -23.79 -53.91 8.63
N GLU S 4 -24.47 -54.10 9.77
CA GLU S 4 -24.53 -55.47 10.25
C GLU S 4 -25.85 -56.10 9.83
N PRO S 5 -25.83 -57.35 9.36
CA PRO S 5 -27.06 -57.97 8.89
C PRO S 5 -27.96 -58.38 10.05
N SER S 6 -29.27 -58.35 9.80
CA SER S 6 -30.22 -58.79 10.81
C SER S 6 -30.02 -60.27 11.11
N GLU S 7 -30.29 -60.66 12.36
CA GLU S 7 -30.16 -62.06 12.73
C GLU S 7 -31.26 -62.91 12.11
N LYS S 8 -32.35 -62.29 11.66
CA LYS S 8 -33.38 -63.04 10.96
C LYS S 8 -32.88 -63.49 9.60
N SER S 9 -32.10 -62.64 8.92
CA SER S 9 -31.55 -63.02 7.63
C SER S 9 -30.37 -63.96 7.81
N VAL S 10 -29.60 -63.80 8.89
CA VAL S 10 -28.49 -64.71 9.16
C VAL S 10 -28.98 -66.13 9.37
N GLU S 11 -30.04 -66.29 10.17
CA GLU S 11 -30.56 -67.63 10.41
C GLU S 11 -31.21 -68.21 9.17
N ILE S 12 -31.85 -67.37 8.35
CA ILE S 12 -32.38 -67.84 7.08
C ILE S 12 -31.24 -68.36 6.20
N MET S 13 -30.17 -67.57 6.09
CA MET S 13 -29.04 -67.98 5.26
C MET S 13 -28.26 -69.12 5.90
N ARG S 14 -28.19 -69.15 7.24
CA ARG S 14 -27.54 -70.29 7.90
C ARG S 14 -28.29 -71.58 7.61
N LYS S 15 -29.61 -71.56 7.73
CA LYS S 15 -30.39 -72.76 7.47
C LYS S 15 -30.36 -73.15 6.00
N PHE S 16 -30.34 -72.15 5.11
CA PHE S 16 -30.24 -72.44 3.68
C PHE S 16 -28.93 -73.13 3.34
N SER S 17 -27.82 -72.69 3.93
CA SER S 17 -26.51 -73.23 3.57
C SER S 17 -26.33 -74.66 4.05
N GLU S 18 -26.78 -74.95 5.27
CA GLU S 18 -26.83 -76.34 5.74
C GLU S 18 -27.70 -77.17 4.82
N GLN S 19 -28.75 -76.54 4.31
CA GLN S 19 -29.77 -77.26 3.57
C GLN S 19 -29.27 -77.58 2.16
N TYR S 20 -28.54 -76.63 1.57
CA TYR S 20 -27.95 -76.75 0.24
C TYR S 20 -26.67 -77.60 0.24
N ALA S 21 -25.93 -77.60 1.35
CA ALA S 21 -24.76 -78.44 1.43
C ALA S 21 -25.14 -79.91 1.33
N ARG S 22 -26.27 -80.28 1.95
CA ARG S 22 -26.74 -81.66 1.89
C ARG S 22 -27.21 -82.02 0.48
N ARG S 23 -27.84 -81.08 -0.23
CA ARG S 23 -28.40 -81.40 -1.53
C ARG S 23 -27.35 -81.45 -2.62
N SER S 24 -26.26 -80.70 -2.47
CA SER S 24 -25.18 -80.71 -3.45
C SER S 24 -24.08 -81.68 -3.09
N GLY S 25 -24.14 -82.31 -1.92
CA GLY S 25 -23.04 -83.16 -1.50
C GLY S 25 -21.77 -82.37 -1.29
N THR S 26 -21.88 -81.18 -0.74
CA THR S 26 -20.75 -80.30 -0.50
C THR S 26 -20.61 -80.04 0.99
N TYR S 27 -19.45 -79.55 1.38
CA TYR S 27 -19.11 -79.40 2.80
C TYR S 27 -18.57 -78.00 3.05
N PHE S 28 -18.74 -77.56 4.30
CA PHE S 28 -18.22 -76.27 4.71
C PHE S 28 -16.71 -76.31 4.86
N CYS S 29 -16.10 -75.12 4.81
CA CYS S 29 -14.66 -75.02 4.83
C CYS S 29 -14.12 -75.33 6.22
N VAL S 30 -12.88 -75.82 6.28
CA VAL S 30 -12.27 -76.12 7.56
C VAL S 30 -12.09 -74.84 8.38
N ASP S 31 -11.90 -73.71 7.70
CA ASP S 31 -11.89 -72.40 8.34
C ASP S 31 -13.34 -71.96 8.51
N LYS S 32 -13.87 -72.12 9.73
CA LYS S 32 -15.27 -71.79 9.97
C LYS S 32 -15.52 -70.30 10.06
N GLY S 33 -14.47 -69.48 10.10
CA GLY S 33 -14.65 -68.05 9.92
C GLY S 33 -15.07 -67.70 8.51
N VAL S 34 -14.54 -68.42 7.52
CA VAL S 34 -14.92 -68.21 6.13
C VAL S 34 -16.41 -68.46 5.95
N THR S 35 -16.92 -69.57 6.49
CA THR S 35 -18.33 -69.91 6.35
C THR S 35 -19.21 -68.84 6.99
N SER S 36 -18.88 -68.44 8.22
CA SER S 36 -19.72 -67.47 8.93
C SER S 36 -19.72 -66.12 8.22
N VAL S 37 -18.55 -65.65 7.78
CA VAL S 37 -18.45 -64.35 7.14
C VAL S 37 -19.28 -64.31 5.86
N VAL S 38 -19.18 -65.35 5.04
CA VAL S 38 -19.92 -65.39 3.78
C VAL S 38 -21.42 -65.40 4.04
N ILE S 39 -21.85 -66.18 5.03
CA ILE S 39 -23.27 -66.24 5.37
C ILE S 39 -23.78 -64.86 5.78
N LYS S 40 -23.01 -64.14 6.60
CA LYS S 40 -23.43 -62.79 6.98
C LYS S 40 -23.48 -61.86 5.78
N GLY S 41 -22.55 -62.04 4.84
CA GLY S 41 -22.59 -61.23 3.63
C GLY S 41 -23.78 -61.56 2.76
N LEU S 42 -24.11 -62.85 2.67
CA LEU S 42 -25.34 -63.23 1.99
C LEU S 42 -26.56 -62.67 2.72
N ALA S 43 -26.55 -62.74 4.05
CA ALA S 43 -27.66 -62.20 4.83
C ALA S 43 -27.79 -60.70 4.65
N GLU S 44 -26.66 -59.99 4.61
CA GLU S 44 -26.71 -58.54 4.45
C GLU S 44 -27.29 -58.14 3.11
N HIS S 45 -26.94 -58.87 2.05
CA HIS S 45 -27.51 -58.57 0.73
C HIS S 45 -29.00 -58.89 0.68
N LYS S 46 -29.43 -59.95 1.38
CA LYS S 46 -30.85 -60.26 1.40
C LYS S 46 -31.65 -59.18 2.13
N ASP S 47 -31.05 -58.57 3.16
CA ASP S 47 -31.72 -57.46 3.84
C ASP S 47 -31.95 -56.29 2.89
N SER S 48 -30.95 -55.96 2.08
CA SER S 48 -30.98 -54.75 1.26
C SER S 48 -31.64 -54.94 -0.11
N TYR S 49 -31.63 -56.15 -0.67
CA TYR S 49 -32.21 -56.38 -1.99
C TYR S 49 -33.20 -57.52 -2.09
N GLY S 50 -33.45 -58.25 -1.01
CA GLY S 50 -34.41 -59.34 -1.08
C GLY S 50 -33.84 -60.63 -1.62
N ALA S 51 -32.58 -60.67 -2.01
CA ALA S 51 -31.93 -61.87 -2.52
C ALA S 51 -30.50 -61.93 -2.01
N PRO S 52 -29.98 -63.13 -1.77
CA PRO S 52 -28.60 -63.26 -1.27
C PRO S 52 -27.58 -63.17 -2.39
N LEU S 53 -27.34 -61.93 -2.83
CA LEU S 53 -26.32 -61.67 -3.84
C LEU S 53 -24.96 -62.11 -3.31
N CYS S 54 -24.12 -62.59 -4.20
CA CYS S 54 -22.84 -63.15 -3.79
C CYS S 54 -21.97 -62.07 -3.15
N PRO S 55 -21.39 -62.31 -1.98
CA PRO S 55 -20.59 -61.28 -1.31
C PRO S 55 -19.12 -61.21 -1.74
N CYS S 56 -18.68 -62.08 -2.65
CA CYS S 56 -17.31 -62.07 -3.14
C CYS S 56 -17.24 -61.66 -4.60
N ARG S 57 -18.15 -60.79 -5.02
CA ARG S 57 -18.12 -60.18 -6.33
C ARG S 57 -18.25 -58.67 -6.18
N HIS S 58 -17.62 -57.93 -7.08
CA HIS S 58 -17.84 -56.50 -7.18
C HIS S 58 -18.80 -56.23 -8.33
N TYR S 59 -19.87 -55.48 -8.03
CA TYR S 59 -20.91 -55.21 -9.01
C TYR S 59 -20.97 -53.72 -9.32
N ASP S 60 -21.45 -53.42 -10.53
CA ASP S 60 -21.80 -52.05 -10.90
C ASP S 60 -23.26 -51.73 -10.61
N ASP S 61 -24.15 -52.71 -10.73
CA ASP S 61 -25.60 -52.51 -10.64
C ASP S 61 -26.18 -53.70 -9.87
N LYS S 62 -26.22 -53.58 -8.54
CA LYS S 62 -26.66 -54.70 -7.72
C LYS S 62 -28.12 -55.05 -7.97
N ALA S 63 -28.97 -54.04 -8.18
CA ALA S 63 -30.38 -54.31 -8.45
C ALA S 63 -30.55 -55.11 -9.73
N ALA S 64 -29.79 -54.79 -10.76
CA ALA S 64 -29.85 -55.56 -12.01
C ALA S 64 -29.36 -56.99 -11.79
N GLU S 65 -28.29 -57.16 -11.00
CA GLU S 65 -27.79 -58.49 -10.70
C GLU S 65 -28.85 -59.31 -9.98
N VAL S 66 -29.52 -58.72 -9.00
CA VAL S 66 -30.60 -59.41 -8.29
C VAL S 66 -31.70 -59.78 -9.26
N GLY S 67 -32.02 -58.89 -10.20
CA GLY S 67 -33.09 -59.15 -11.14
C GLY S 67 -32.77 -60.29 -12.10
N GLN S 68 -31.58 -60.25 -12.69
CA GLN S 68 -31.17 -61.33 -13.59
C GLN S 68 -30.98 -62.64 -12.85
N GLY S 69 -30.33 -62.60 -11.68
CA GLY S 69 -30.24 -63.75 -10.79
C GLY S 69 -28.98 -64.56 -10.90
N PHE S 70 -28.09 -64.24 -11.87
CA PHE S 70 -26.88 -65.03 -12.08
C PHE S 70 -26.08 -65.20 -10.79
N TRP S 71 -25.91 -64.13 -10.02
CA TRP S 71 -25.09 -64.16 -8.83
C TRP S 71 -25.91 -64.25 -7.55
N ASN S 72 -27.19 -64.58 -7.65
CA ASN S 72 -27.99 -64.89 -6.46
C ASN S 72 -27.63 -66.30 -5.99
N CYS S 73 -27.29 -66.43 -4.71
CA CYS S 73 -26.81 -67.70 -4.20
C CYS S 73 -27.95 -68.71 -4.14
N PRO S 74 -27.75 -69.95 -4.61
CA PRO S 74 -26.54 -70.47 -5.27
C PRO S 74 -26.33 -69.89 -6.67
N CYS S 75 -25.19 -69.23 -6.88
CA CYS S 75 -24.81 -68.74 -8.20
C CYS S 75 -24.90 -69.83 -9.26
N VAL S 76 -25.15 -69.41 -10.49
CA VAL S 76 -25.05 -70.23 -11.70
C VAL S 76 -23.82 -71.14 -11.65
N PRO S 77 -22.60 -70.62 -11.42
CA PRO S 77 -21.44 -71.53 -11.34
C PRO S 77 -21.56 -72.62 -10.28
N MET S 78 -22.24 -72.34 -9.16
CA MET S 78 -22.44 -73.37 -8.15
C MET S 78 -23.51 -74.36 -8.57
N ARG S 79 -24.62 -73.88 -9.14
CA ARG S 79 -25.69 -74.76 -9.56
C ARG S 79 -25.25 -75.68 -10.68
N GLU S 80 -24.48 -75.15 -11.64
CA GLU S 80 -24.12 -75.91 -12.82
C GLU S 80 -22.78 -76.64 -12.68
N ARG S 81 -21.77 -75.99 -12.12
CA ARG S 81 -20.44 -76.57 -12.05
C ARG S 81 -19.96 -76.86 -10.64
N LYS S 82 -20.82 -76.67 -9.62
CA LYS S 82 -20.44 -76.85 -8.21
C LYS S 82 -19.23 -76.01 -7.83
N GLU S 83 -19.05 -74.86 -8.47
CA GLU S 83 -17.95 -73.95 -8.17
C GLU S 83 -18.48 -72.78 -7.35
N CYS S 84 -17.99 -72.68 -6.11
CA CYS S 84 -18.32 -71.64 -5.15
C CYS S 84 -17.03 -70.95 -4.74
N HIS S 85 -16.80 -69.74 -5.25
CA HIS S 85 -15.53 -69.07 -4.98
C HIS S 85 -15.54 -68.31 -3.66
N CYS S 86 -16.67 -68.32 -2.93
CA CYS S 86 -16.69 -67.84 -1.55
C CYS S 86 -16.28 -68.92 -0.56
N MET S 87 -15.98 -70.12 -1.07
CA MET S 87 -15.60 -71.25 -0.23
C MET S 87 -16.64 -71.51 0.86
N LEU S 88 -17.91 -71.31 0.48
CA LEU S 88 -19.02 -71.69 1.35
C LEU S 88 -19.37 -73.16 1.14
N PHE S 89 -19.53 -73.58 -0.11
CA PHE S 89 -19.83 -74.97 -0.46
C PHE S 89 -18.60 -75.53 -1.16
N LEU S 90 -17.96 -76.52 -0.53
CA LEU S 90 -16.73 -77.11 -1.05
C LEU S 90 -16.93 -78.59 -1.36
N THR S 91 -16.41 -79.01 -2.51
CA THR S 91 -16.44 -80.41 -2.87
C THR S 91 -15.48 -81.20 -1.97
N PRO S 92 -15.75 -82.48 -1.74
CA PRO S 92 -14.93 -83.24 -0.77
C PRO S 92 -13.46 -83.32 -1.15
N ASP S 93 -13.13 -83.22 -2.44
CA ASP S 93 -11.74 -83.26 -2.90
C ASP S 93 -11.01 -81.93 -2.71
N ASN S 94 -11.66 -80.91 -2.17
CA ASN S 94 -11.01 -79.64 -1.92
C ASN S 94 -10.19 -79.70 -0.64
N ASP S 95 -8.95 -79.21 -0.71
CA ASP S 95 -8.04 -79.30 0.43
C ASP S 95 -8.56 -78.57 1.66
N PHE S 96 -9.47 -77.62 1.49
CA PHE S 96 -10.05 -76.89 2.60
C PHE S 96 -11.44 -77.37 2.99
N ALA S 97 -11.95 -78.42 2.34
CA ALA S 97 -13.26 -78.96 2.69
C ALA S 97 -13.19 -79.68 4.02
N GLY S 98 -14.07 -79.30 4.95
CA GLY S 98 -14.24 -80.02 6.19
C GLY S 98 -15.12 -81.23 6.01
N LYS S 99 -15.58 -81.76 7.15
CA LYS S 99 -16.46 -82.93 7.15
C LYS S 99 -17.88 -82.59 7.57
N ASP S 100 -18.17 -81.32 7.84
CA ASP S 100 -19.46 -80.90 8.37
C ASP S 100 -20.28 -80.20 7.29
N GLN S 101 -21.59 -80.45 7.32
CA GLN S 101 -22.57 -79.68 6.57
C GLN S 101 -23.49 -78.92 7.51
N THR S 102 -23.02 -78.66 8.73
CA THR S 102 -23.77 -77.97 9.77
C THR S 102 -22.93 -76.84 10.32
N ILE S 103 -23.60 -75.77 10.74
CA ILE S 103 -22.94 -74.64 11.40
C ILE S 103 -23.89 -74.00 12.40
N THR S 104 -23.46 -73.92 13.66
CA THR S 104 -24.31 -73.38 14.70
C THR S 104 -24.33 -71.85 14.58
N SER S 105 -25.40 -71.24 15.11
CA SER S 105 -25.48 -69.79 15.14
C SER S 105 -24.49 -69.21 16.14
N ASP S 106 -24.18 -69.96 17.20
CA ASP S 106 -23.14 -69.54 18.13
C ASP S 106 -21.78 -69.61 17.48
N GLU S 107 -21.56 -70.59 16.60
CA GLU S 107 -20.31 -70.66 15.85
C GLU S 107 -20.17 -69.44 14.95
N ILE S 108 -21.27 -69.03 14.30
CA ILE S 108 -21.22 -67.81 13.49
C ILE S 108 -20.98 -66.60 14.36
N LYS S 109 -21.51 -66.59 15.58
CA LYS S 109 -21.42 -65.43 16.43
C LYS S 109 -20.05 -65.30 17.10
N GLU S 110 -19.40 -66.41 17.43
CA GLU S 110 -18.10 -66.31 18.07
C GLU S 110 -16.97 -66.06 17.06
N THR S 111 -17.07 -66.64 15.86
CA THR S 111 -16.00 -66.42 14.89
C THR S 111 -16.05 -65.02 14.30
N THR S 112 -17.25 -64.47 14.12
CA THR S 112 -17.37 -63.13 13.56
C THR S 112 -17.39 -62.05 14.64
N ALA S 113 -17.16 -62.42 15.90
CA ALA S 113 -17.11 -61.38 16.92
C ALA S 113 -15.91 -60.50 16.63
N ASN S 114 -15.88 -59.33 17.28
CA ASN S 114 -14.83 -58.33 17.05
C ASN S 114 -14.44 -58.19 15.57
N MET S 115 -15.32 -58.54 14.62
CA MET S 115 -14.99 -58.34 13.21
C MET S 115 -15.53 -57.02 12.68
N THR T 24 -20.01 -51.30 -25.50
CA THR T 24 -21.31 -51.65 -26.05
C THR T 24 -21.16 -52.35 -27.40
N GLU T 25 -19.93 -52.40 -27.92
CA GLU T 25 -19.66 -52.94 -29.26
C GLU T 25 -19.16 -54.39 -29.19
N GLU T 26 -18.91 -54.83 -27.96
CA GLU T 26 -18.56 -56.14 -27.45
C GLU T 26 -19.76 -57.03 -27.50
N ASP T 27 -20.77 -56.47 -26.87
CA ASP T 27 -22.12 -56.98 -26.69
C ASP T 27 -22.87 -57.08 -28.01
N GLU T 28 -22.60 -56.18 -28.94
CA GLU T 28 -23.25 -56.27 -30.25
C GLU T 28 -22.65 -57.43 -31.05
N LYS T 29 -21.36 -57.68 -30.87
CA LYS T 29 -20.75 -58.87 -31.47
C LYS T 29 -21.25 -60.14 -30.78
N ALA T 30 -21.45 -60.09 -29.45
CA ALA T 30 -22.04 -61.22 -28.76
C ALA T 30 -23.52 -61.37 -29.12
N LYS T 31 -24.17 -60.22 -29.35
CA LYS T 31 -25.56 -60.19 -29.80
C LYS T 31 -25.76 -60.95 -31.09
N GLU T 32 -24.71 -60.93 -31.94
CA GLU T 32 -24.74 -61.51 -33.28
C GLU T 32 -25.03 -63.01 -33.21
N LYS T 33 -24.44 -63.67 -32.22
CA LYS T 33 -24.34 -65.10 -32.07
C LYS T 33 -25.57 -65.78 -31.51
N ILE T 34 -26.58 -65.05 -31.02
CA ILE T 34 -27.73 -65.73 -30.45
C ILE T 34 -28.41 -66.55 -31.54
N GLY T 35 -28.73 -67.81 -31.22
CA GLY T 35 -29.31 -68.73 -32.17
C GLY T 35 -28.32 -69.52 -33.01
N ALA T 36 -27.03 -69.17 -32.96
CA ALA T 36 -26.03 -69.84 -33.76
C ALA T 36 -25.59 -71.17 -33.14
N ARG T 37 -25.16 -72.09 -33.99
CA ARG T 37 -24.70 -73.41 -33.54
C ARG T 37 -23.27 -73.34 -33.02
N VAL T 38 -23.03 -73.98 -31.88
CA VAL T 38 -21.72 -74.02 -31.24
C VAL T 38 -21.43 -75.44 -30.75
N ARG T 39 -20.17 -75.70 -30.43
CA ARG T 39 -19.80 -76.97 -29.82
C ARG T 39 -18.74 -76.74 -28.74
N VAL T 40 -18.83 -77.52 -27.65
CA VAL T 40 -17.91 -77.36 -26.52
C VAL T 40 -16.58 -77.98 -26.91
N THR T 41 -15.49 -77.22 -26.69
CA THR T 41 -14.17 -77.65 -27.14
C THR T 41 -13.23 -78.10 -26.02
N VAL T 42 -13.60 -77.92 -24.76
CA VAL T 42 -12.74 -78.25 -23.62
C VAL T 42 -13.57 -79.06 -22.63
N PRO T 43 -12.92 -79.87 -21.78
CA PRO T 43 -13.69 -80.68 -20.83
C PRO T 43 -14.43 -79.85 -19.81
N LEU T 44 -15.66 -80.25 -19.53
CA LEU T 44 -16.56 -79.50 -18.67
C LEU T 44 -17.69 -80.41 -18.24
N LYS T 45 -17.89 -80.57 -16.95
CA LYS T 45 -18.95 -81.40 -16.40
C LYS T 45 -19.94 -80.55 -15.60
N VAL T 46 -21.23 -80.86 -15.76
CA VAL T 46 -22.29 -80.11 -15.08
C VAL T 46 -23.13 -81.07 -14.26
N TYR T 47 -23.75 -80.51 -13.20
CA TYR T 47 -24.43 -81.31 -12.19
C TYR T 47 -25.88 -80.87 -11.96
N HIS T 48 -26.41 -79.96 -12.79
CA HIS T 48 -27.74 -79.40 -12.58
C HIS T 48 -28.78 -80.02 -13.48
N VAL T 49 -28.35 -80.88 -14.39
CA VAL T 49 -29.25 -81.56 -15.30
C VAL T 49 -30.17 -82.48 -14.51
N VAL T 50 -31.44 -82.48 -14.89
CA VAL T 50 -32.46 -83.11 -14.05
C VAL T 50 -32.21 -84.59 -13.95
N ARG T 51 -32.15 -85.11 -12.72
CA ARG T 51 -32.15 -86.54 -12.43
C ARG T 51 -30.93 -87.28 -12.99
N VAL T 52 -29.94 -86.56 -13.52
CA VAL T 52 -28.67 -87.20 -13.91
C VAL T 52 -27.54 -86.48 -13.18
N PRO T 53 -26.87 -87.12 -12.23
CA PRO T 53 -25.92 -86.39 -11.35
C PRO T 53 -24.75 -85.76 -12.08
N GLU T 54 -24.33 -86.28 -13.23
CA GLU T 54 -23.16 -85.72 -13.90
C GLU T 54 -23.23 -85.96 -15.39
N VAL T 55 -22.90 -84.93 -16.17
CA VAL T 55 -22.86 -84.98 -17.63
C VAL T 55 -21.61 -84.24 -18.09
N GLU T 56 -20.77 -84.94 -18.87
CA GLU T 56 -19.59 -84.33 -19.48
C GLU T 56 -19.91 -83.86 -20.89
N LEU T 57 -19.61 -82.58 -21.16
CA LEU T 57 -20.02 -81.88 -22.38
C LEU T 57 -18.90 -81.60 -23.38
N MET T 58 -17.68 -82.15 -23.20
CA MET T 58 -16.54 -81.75 -24.04
C MET T 58 -16.78 -81.98 -25.53
N GLY T 59 -17.78 -82.78 -25.91
CA GLY T 59 -18.05 -82.94 -27.33
C GLY T 59 -19.43 -82.51 -27.78
N MET T 60 -20.28 -82.12 -26.83
CA MET T 60 -21.67 -81.80 -27.15
C MET T 60 -21.82 -80.46 -27.86
N GLU T 61 -22.91 -80.35 -28.63
CA GLU T 61 -23.23 -79.19 -29.44
C GLU T 61 -24.63 -78.70 -29.14
N GLY T 62 -24.82 -77.39 -29.22
CA GLY T 62 -26.10 -76.78 -28.99
C GLY T 62 -26.18 -75.44 -29.68
N PHE T 63 -27.12 -74.59 -29.23
CA PHE T 63 -27.24 -73.27 -29.80
C PHE T 63 -27.44 -72.25 -28.69
N ILE T 64 -27.03 -71.01 -28.98
CA ILE T 64 -27.11 -69.93 -28.01
C ILE T 64 -28.55 -69.44 -27.90
N LYS T 65 -29.11 -69.53 -26.70
CA LYS T 65 -30.47 -69.07 -26.43
C LYS T 65 -30.53 -67.67 -25.85
N ASP T 66 -29.42 -67.16 -25.31
CA ASP T 66 -29.43 -65.84 -24.70
C ASP T 66 -28.01 -65.39 -24.40
N TYR T 67 -27.82 -64.08 -24.40
CA TYR T 67 -26.59 -63.45 -23.90
C TYR T 67 -26.99 -62.76 -22.59
N VAL T 68 -26.79 -63.46 -21.47
CA VAL T 68 -27.40 -63.05 -20.21
C VAL T 68 -26.70 -61.85 -19.60
N VAL T 69 -25.66 -61.34 -20.25
CA VAL T 69 -25.07 -60.10 -19.77
C VAL T 69 -26.11 -58.98 -19.87
N LEU T 70 -27.01 -59.03 -20.87
CA LEU T 70 -27.98 -57.96 -21.01
C LEU T 70 -29.29 -58.40 -20.37
N TRP T 71 -29.90 -57.54 -19.55
CA TRP T 71 -31.12 -57.90 -18.83
C TRP T 71 -31.99 -56.66 -18.68
N LYS T 72 -33.10 -56.64 -19.42
CA LYS T 72 -34.16 -55.64 -19.27
C LYS T 72 -33.62 -54.22 -19.30
N GLY T 73 -32.76 -53.94 -20.27
CA GLY T 73 -32.15 -52.63 -20.40
C GLY T 73 -30.97 -52.38 -19.50
N LYS T 74 -30.73 -53.23 -18.51
CA LYS T 74 -29.60 -53.10 -17.60
C LYS T 74 -28.54 -54.14 -17.97
N LYS T 75 -27.33 -53.93 -17.46
CA LYS T 75 -26.19 -54.76 -17.81
C LYS T 75 -25.69 -55.56 -16.60
N ILE T 76 -25.33 -56.83 -16.85
CA ILE T 76 -24.98 -57.78 -15.80
C ILE T 76 -23.54 -58.24 -15.96
N SER T 77 -22.88 -58.48 -14.83
CA SER T 77 -21.49 -58.95 -14.78
C SER T 77 -21.45 -60.47 -14.65
N ALA T 78 -21.97 -61.14 -15.68
CA ALA T 78 -22.09 -62.59 -15.68
C ALA T 78 -20.77 -63.26 -16.09
N ASN T 79 -20.41 -64.30 -15.34
CA ASN T 79 -19.13 -64.99 -15.54
C ASN T 79 -19.15 -65.94 -16.74
N LEU T 80 -20.31 -66.52 -17.04
CA LEU T 80 -20.50 -67.40 -18.19
C LEU T 80 -21.65 -66.82 -19.01
N PRO T 81 -21.36 -65.85 -19.88
CA PRO T 81 -22.44 -65.01 -20.41
C PRO T 81 -23.32 -65.68 -21.44
N PHE T 82 -22.90 -66.79 -22.03
CA PHE T 82 -23.64 -67.42 -23.12
C PHE T 82 -24.48 -68.57 -22.59
N LYS T 83 -25.80 -68.36 -22.55
CA LYS T 83 -26.75 -69.40 -22.20
C LYS T 83 -27.02 -70.23 -23.45
N VAL T 84 -26.58 -71.48 -23.44
CA VAL T 84 -26.61 -72.34 -24.62
C VAL T 84 -27.62 -73.45 -24.36
N GLN T 85 -28.51 -73.68 -25.33
CA GLN T 85 -29.52 -74.72 -25.23
C GLN T 85 -28.92 -76.06 -25.65
N PHE T 86 -29.09 -77.07 -24.80
CA PHE T 86 -28.60 -78.41 -25.05
C PHE T 86 -29.75 -79.40 -24.98
N VAL T 87 -29.64 -80.48 -25.75
CA VAL T 87 -30.50 -81.64 -25.61
C VAL T 87 -29.58 -82.83 -25.43
N LYS T 88 -29.77 -83.62 -24.39
CA LYS T 88 -28.92 -84.80 -24.37
C LYS T 88 -29.75 -86.03 -24.09
N GLU T 89 -29.44 -87.09 -24.83
CA GLU T 89 -30.17 -88.35 -24.82
C GLU T 89 -29.42 -89.34 -23.94
N ILE T 90 -30.08 -89.81 -22.89
CA ILE T 90 -29.38 -90.80 -22.08
C ILE T 90 -30.22 -92.05 -21.88
N GLU T 91 -29.60 -93.20 -22.21
CA GLU T 91 -29.89 -94.53 -21.65
C GLU T 91 -31.24 -94.66 -20.99
N GLY T 92 -31.40 -94.02 -19.83
CA GLY T 92 -32.50 -94.38 -18.96
C GLY T 92 -33.75 -93.60 -19.17
N ARG T 93 -33.70 -92.50 -19.92
CA ARG T 93 -34.86 -91.65 -20.04
C ARG T 93 -34.96 -91.02 -21.43
N GLY T 94 -36.09 -90.35 -21.67
CA GLY T 94 -36.35 -89.65 -22.91
C GLY T 94 -35.51 -88.39 -22.98
N PRO T 95 -35.54 -87.68 -24.11
CA PRO T 95 -34.65 -86.51 -24.28
C PRO T 95 -34.90 -85.41 -23.26
N VAL T 96 -33.86 -85.07 -22.51
CA VAL T 96 -33.87 -83.94 -21.60
C VAL T 96 -33.15 -82.77 -22.28
N LYS T 97 -33.83 -81.63 -22.36
CA LYS T 97 -33.17 -80.41 -22.80
C LYS T 97 -32.86 -79.55 -21.58
N PHE T 98 -31.70 -78.91 -21.60
CA PHE T 98 -31.23 -78.12 -20.47
C PHE T 98 -30.35 -77.00 -20.97
N PHE T 99 -30.13 -76.03 -20.10
CA PHE T 99 -29.24 -74.92 -20.37
C PHE T 99 -28.00 -75.04 -19.47
N THR T 100 -26.86 -74.63 -20.00
CA THR T 100 -25.65 -74.46 -19.22
C THR T 100 -24.95 -73.23 -19.77
N HIS T 101 -24.47 -72.39 -18.86
CA HIS T 101 -23.85 -71.13 -19.27
C HIS T 101 -22.40 -71.35 -19.62
N LEU T 102 -21.97 -70.71 -20.70
CA LEU T 102 -20.62 -70.89 -21.18
C LEU T 102 -19.89 -69.58 -21.43
N LYS T 103 -18.56 -69.75 -21.40
CA LYS T 103 -17.42 -68.89 -21.65
C LYS T 103 -17.00 -68.98 -23.12
N GLU T 104 -16.54 -67.85 -23.67
CA GLU T 104 -16.18 -67.88 -25.09
C GLU T 104 -15.02 -68.84 -25.30
N ASP T 105 -14.17 -69.00 -24.29
CA ASP T 105 -13.00 -69.86 -24.40
C ASP T 105 -13.34 -71.36 -24.33
N GLU T 106 -14.60 -71.74 -24.15
CA GLU T 106 -14.93 -73.16 -24.11
C GLU T 106 -15.77 -73.62 -25.29
N PHE T 107 -16.04 -72.76 -26.27
CA PHE T 107 -16.82 -73.23 -27.41
C PHE T 107 -16.36 -72.58 -28.72
N LEU T 109 -17.86 -71.60 -33.17
CA LEU T 109 -19.18 -71.95 -33.68
C LEU T 109 -19.10 -72.68 -35.00
N ILE T 110 -20.04 -73.58 -35.20
CA ILE T 110 -20.17 -74.36 -36.43
C ILE T 110 -21.42 -73.89 -37.15
N ASP T 111 -21.38 -73.96 -38.48
CA ASP T 111 -22.47 -73.43 -39.31
C ASP T 111 -23.58 -74.46 -39.43
N THR U 7 5.46 -54.54 13.27
CA THR U 7 4.22 -54.81 12.56
C THR U 7 3.16 -53.75 12.80
N THR U 8 2.74 -53.09 11.73
CA THR U 8 1.53 -52.27 11.72
C THR U 8 0.83 -52.46 10.39
N ASP U 9 -0.45 -52.07 10.36
CA ASP U 9 -1.35 -52.44 9.27
C ASP U 9 -0.79 -52.03 7.91
N ILE U 10 -1.13 -52.85 6.90
CA ILE U 10 -0.90 -52.46 5.52
C ILE U 10 -1.70 -51.20 5.22
N GLN U 11 -1.09 -50.27 4.49
CA GLN U 11 -1.72 -48.98 4.25
C GLN U 11 -2.99 -49.13 3.42
N VAL U 12 -3.99 -48.31 3.75
CA VAL U 12 -5.25 -48.29 3.00
C VAL U 12 -5.10 -47.41 1.78
N VAL U 13 -5.71 -47.82 0.67
CA VAL U 13 -5.83 -46.99 -0.52
C VAL U 13 -7.30 -46.88 -0.88
N ASN U 14 -7.68 -45.73 -1.42
CA ASN U 14 -9.06 -45.42 -1.75
C ASN U 14 -9.14 -44.84 -3.16
N ASP U 15 -10.37 -44.63 -3.63
CA ASP U 15 -10.59 -43.97 -4.92
C ASP U 15 -9.95 -42.58 -4.93
N SER U 16 -10.15 -41.82 -3.85
CA SER U 16 -9.63 -40.46 -3.79
C SER U 16 -8.11 -40.43 -3.84
N THR U 17 -7.44 -41.43 -3.28
CA THR U 17 -6.00 -41.45 -3.15
C THR U 17 -5.31 -42.35 -4.17
N TRP U 18 -6.06 -42.94 -5.10
CA TRP U 18 -5.49 -43.91 -6.03
C TRP U 18 -4.38 -43.28 -6.87
N ASP U 19 -4.63 -42.09 -7.41
CA ASP U 19 -3.66 -41.46 -8.32
C ASP U 19 -2.34 -41.19 -7.62
N SER U 20 -2.39 -40.57 -6.43
CA SER U 20 -1.16 -40.16 -5.77
C SER U 20 -0.42 -41.33 -5.13
N LEU U 21 -1.15 -42.32 -4.61
CA LEU U 21 -0.49 -43.42 -3.91
C LEU U 21 -0.08 -44.57 -4.83
N VAL U 22 -0.80 -44.81 -5.93
CA VAL U 22 -0.56 -45.95 -6.80
C VAL U 22 -0.03 -45.52 -8.16
N LEU U 23 -0.76 -44.62 -8.84
CA LEU U 23 -0.41 -44.27 -10.21
C LEU U 23 0.91 -43.51 -10.28
N LYS U 24 1.17 -42.66 -9.28
CA LYS U 24 2.39 -41.86 -9.25
C LYS U 24 3.47 -42.48 -8.37
N ALA U 25 3.31 -43.75 -7.99
CA ALA U 25 4.27 -44.39 -7.10
C ALA U 25 5.54 -44.78 -7.86
N THR U 26 6.61 -44.96 -7.09
CA THR U 26 7.89 -45.43 -7.61
C THR U 26 8.09 -46.87 -7.18
N GLY U 27 8.46 -47.73 -8.13
CA GLY U 27 8.65 -49.12 -7.84
C GLY U 27 7.35 -49.89 -7.94
N PRO U 28 7.41 -51.21 -7.81
CA PRO U 28 6.19 -52.02 -7.92
C PRO U 28 5.26 -51.79 -6.74
N VAL U 29 3.96 -51.80 -7.03
CA VAL U 29 2.92 -51.63 -6.02
C VAL U 29 1.94 -52.79 -6.13
N VAL U 30 1.65 -53.42 -5.00
CA VAL U 30 0.67 -54.51 -4.92
C VAL U 30 -0.56 -53.99 -4.20
N VAL U 31 -1.73 -54.25 -4.76
CA VAL U 31 -2.99 -53.82 -4.18
C VAL U 31 -3.86 -55.05 -3.95
N ASP U 32 -4.35 -55.21 -2.72
CA ASP U 32 -5.23 -56.30 -2.34
C ASP U 32 -6.66 -55.77 -2.34
N PHE U 33 -7.45 -56.22 -3.31
CA PHE U 33 -8.86 -55.83 -3.39
C PHE U 33 -9.68 -56.78 -2.54
N TRP U 34 -10.30 -56.24 -1.49
CA TRP U 34 -11.00 -57.05 -0.51
C TRP U 34 -12.38 -56.46 -0.24
N ALA U 35 -13.20 -57.23 0.47
CA ALA U 35 -14.54 -56.81 0.85
C ALA U 35 -14.83 -57.36 2.24
N PRO U 36 -15.57 -56.62 3.07
CA PRO U 36 -15.68 -57.01 4.49
C PRO U 36 -16.39 -58.34 4.71
N TRP U 37 -17.27 -58.75 3.80
CA TRP U 37 -18.05 -59.98 3.98
C TRP U 37 -17.65 -61.08 3.00
N CYS U 38 -16.43 -61.03 2.48
CA CYS U 38 -15.89 -62.07 1.62
C CYS U 38 -14.96 -62.95 2.45
N GLY U 39 -15.38 -64.17 2.73
CA GLY U 39 -14.62 -65.08 3.55
C GLY U 39 -13.20 -65.34 3.06
N PRO U 40 -13.04 -65.77 1.81
CA PRO U 40 -11.69 -66.01 1.29
C PRO U 40 -10.80 -64.79 1.33
N SER U 41 -11.38 -63.59 1.34
CA SER U 41 -10.58 -62.39 1.42
C SER U 41 -9.95 -62.20 2.79
N LYS U 42 -10.62 -62.67 3.85
CA LYS U 42 -10.04 -62.61 5.19
C LYS U 42 -9.03 -63.72 5.43
N MET U 43 -9.16 -64.86 4.74
CA MET U 43 -8.26 -65.98 4.98
C MET U 43 -6.87 -65.74 4.39
N ILE U 44 -6.72 -64.82 3.45
CA ILE U 44 -5.40 -64.49 2.91
C ILE U 44 -4.73 -63.33 3.63
N ASP U 45 -5.39 -62.72 4.62
CA ASP U 45 -4.81 -61.60 5.33
C ASP U 45 -3.46 -61.90 5.97
N PRO U 46 -3.26 -63.01 6.70
CA PRO U 46 -1.91 -63.31 7.18
C PRO U 46 -0.91 -63.53 6.06
N LEU U 47 -1.36 -64.04 4.91
CA LEU U 47 -0.46 -64.25 3.80
C LEU U 47 -0.01 -62.92 3.19
N VAL U 48 -0.94 -61.96 3.06
CA VAL U 48 -0.57 -60.67 2.49
C VAL U 48 0.30 -59.89 3.46
N ASN U 49 0.02 -60.00 4.76
CA ASN U 49 0.89 -59.40 5.76
C ASN U 49 2.26 -60.05 5.75
N ASP U 50 2.32 -61.36 5.48
CA ASP U 50 3.59 -62.05 5.39
C ASP U 50 4.43 -61.52 4.24
N LEU U 51 3.80 -61.36 3.07
CA LEU U 51 4.55 -60.90 1.90
C LEU U 51 4.89 -59.42 2.00
N ALA U 52 4.02 -58.62 2.62
CA ALA U 52 4.35 -57.21 2.83
C ALA U 52 5.63 -57.07 3.66
N GLN U 53 5.78 -57.92 4.69
CA GLN U 53 7.01 -57.90 5.48
C GLN U 53 8.19 -58.45 4.69
N HIS U 54 7.97 -59.54 3.95
CA HIS U 54 9.06 -60.16 3.19
C HIS U 54 9.65 -59.21 2.14
N TYR U 55 8.83 -58.32 1.58
CA TYR U 55 9.27 -57.43 0.53
C TYR U 55 9.40 -55.98 1.01
N THR U 56 9.59 -55.79 2.32
CA THR U 56 9.68 -54.43 2.85
C THR U 56 10.80 -53.67 2.16
N GLY U 57 10.50 -52.42 1.79
CA GLY U 57 11.45 -51.59 1.09
C GLY U 57 11.63 -51.90 -0.38
N LYS U 58 11.05 -52.99 -0.88
CA LYS U 58 11.18 -53.37 -2.29
C LYS U 58 9.85 -53.33 -3.04
N ILE U 59 8.75 -53.71 -2.39
CA ILE U 59 7.42 -53.66 -2.98
C ILE U 59 6.47 -53.08 -1.94
N LYS U 60 5.67 -52.10 -2.35
CA LYS U 60 4.72 -51.45 -1.46
C LYS U 60 3.34 -52.10 -1.60
N PHE U 61 2.70 -52.36 -0.46
CA PHE U 61 1.41 -53.03 -0.42
C PHE U 61 0.34 -52.05 0.05
N TYR U 62 -0.84 -52.14 -0.58
CA TYR U 62 -2.03 -51.39 -0.17
C TYR U 62 -3.23 -52.32 -0.14
N LYS U 63 -4.22 -51.97 0.67
CA LYS U 63 -5.50 -52.67 0.69
C LYS U 63 -6.60 -51.70 0.30
N LEU U 64 -7.52 -52.16 -0.55
CA LEU U 64 -8.65 -51.34 -0.99
C LEU U 64 -9.95 -52.09 -0.74
N ASN U 65 -10.81 -51.50 0.09
CA ASN U 65 -12.14 -52.04 0.34
C ASN U 65 -13.03 -51.71 -0.85
N THR U 66 -13.36 -52.73 -1.65
CA THR U 66 -14.13 -52.50 -2.87
C THR U 66 -15.56 -52.05 -2.59
N ASP U 67 -16.04 -52.20 -1.35
CA ASP U 67 -17.36 -51.70 -1.02
C ASP U 67 -17.34 -50.19 -0.75
N GLU U 68 -16.25 -49.70 -0.15
CA GLU U 68 -16.13 -48.28 0.17
C GLU U 68 -15.51 -47.47 -0.96
N SER U 69 -14.77 -48.11 -1.88
CA SER U 69 -14.17 -47.43 -3.02
C SER U 69 -14.49 -48.24 -4.28
N PRO U 70 -15.67 -48.05 -4.86
CA PRO U 70 -16.09 -48.90 -5.98
C PRO U 70 -15.48 -48.53 -7.32
N ASN U 71 -14.96 -47.31 -7.49
CA ASN U 71 -14.59 -46.84 -8.82
C ASN U 71 -13.28 -47.44 -9.31
N THR U 72 -12.32 -47.67 -8.39
CA THR U 72 -11.05 -48.25 -8.82
C THR U 72 -11.20 -49.69 -9.29
N PRO U 73 -11.89 -50.59 -8.57
CA PRO U 73 -12.07 -51.95 -9.12
C PRO U 73 -12.83 -51.94 -10.43
N GLY U 74 -13.79 -51.02 -10.57
CA GLY U 74 -14.48 -50.87 -11.86
C GLY U 74 -13.53 -50.51 -12.98
N GLN U 75 -12.57 -49.61 -12.71
CA GLN U 75 -11.66 -49.18 -13.76
C GLN U 75 -10.77 -50.32 -14.25
N TYR U 76 -10.37 -51.22 -13.35
CA TYR U 76 -9.42 -52.26 -13.68
C TYR U 76 -10.09 -53.62 -13.86
N GLY U 77 -11.42 -53.66 -13.91
CA GLY U 77 -12.11 -54.90 -14.16
C GLY U 77 -12.11 -55.90 -13.03
N VAL U 78 -11.90 -55.46 -11.80
CA VAL U 78 -11.97 -56.38 -10.67
C VAL U 78 -13.40 -56.88 -10.51
N ARG U 79 -13.56 -58.19 -10.45
CA ARG U 79 -14.88 -58.79 -10.31
C ARG U 79 -14.92 -59.73 -9.11
N SER U 80 -14.14 -60.80 -9.17
CA SER U 80 -14.10 -61.75 -8.06
C SER U 80 -13.21 -61.22 -6.94
N ILE U 81 -13.62 -61.49 -5.70
CA ILE U 81 -12.91 -61.06 -4.51
C ILE U 81 -12.39 -62.31 -3.80
N PRO U 82 -11.12 -62.34 -3.37
CA PRO U 82 -10.13 -61.28 -3.52
C PRO U 82 -9.44 -61.26 -4.88
N THR U 83 -8.90 -60.10 -5.24
CA THR U 83 -8.06 -59.95 -6.42
C THR U 83 -6.83 -59.16 -6.02
N ILE U 84 -5.67 -59.60 -6.47
CA ILE U 84 -4.41 -58.92 -6.23
C ILE U 84 -3.85 -58.46 -7.57
N MET U 85 -3.46 -57.19 -7.64
CA MET U 85 -2.93 -56.60 -8.85
C MET U 85 -1.60 -55.94 -8.54
N ILE U 86 -0.66 -56.03 -9.48
CA ILE U 86 0.66 -55.43 -9.35
C ILE U 86 0.74 -54.27 -10.34
N PHE U 87 1.17 -53.12 -9.84
CA PHE U 87 1.29 -51.91 -10.65
C PHE U 87 2.73 -51.43 -10.66
N VAL U 88 3.19 -50.97 -11.82
CA VAL U 88 4.51 -50.36 -11.97
C VAL U 88 4.35 -49.11 -12.83
N GLY U 89 4.86 -47.98 -12.34
CA GLY U 89 4.73 -46.72 -13.06
C GLY U 89 3.29 -46.36 -13.35
N GLY U 90 2.40 -46.66 -12.43
CA GLY U 90 1.00 -46.37 -12.68
C GLY U 90 0.33 -47.27 -13.69
N GLU U 91 0.94 -48.41 -14.06
CA GLU U 91 0.37 -49.28 -15.10
C GLU U 91 0.17 -50.65 -14.49
N LYS U 92 -0.94 -51.31 -14.83
CA LYS U 92 -1.26 -52.67 -14.39
C LYS U 92 -0.36 -53.70 -15.08
N LYS U 93 0.37 -54.49 -14.29
CA LYS U 93 1.30 -55.48 -14.82
C LYS U 93 0.92 -56.94 -14.58
N ASP U 94 0.23 -57.26 -13.47
CA ASP U 94 -0.17 -58.64 -13.22
C ASP U 94 -1.46 -58.66 -12.41
N THR U 95 -2.17 -59.79 -12.50
CA THR U 95 -3.44 -59.97 -11.80
C THR U 95 -3.53 -61.39 -11.27
N ILE U 96 -3.80 -61.52 -9.97
CA ILE U 96 -3.97 -62.81 -9.30
C ILE U 96 -5.35 -62.82 -8.64
N ILE U 97 -6.18 -63.79 -9.03
CA ILE U 97 -7.59 -63.85 -8.63
C ILE U 97 -7.77 -64.95 -7.59
N GLY U 98 -8.39 -64.60 -6.47
CA GLY U 98 -8.80 -65.58 -5.49
C GLY U 98 -7.74 -65.89 -4.45
N ALA U 99 -8.15 -66.65 -3.45
CA ALA U 99 -7.20 -67.14 -2.45
C ALA U 99 -6.24 -68.12 -3.12
N VAL U 100 -4.95 -67.82 -3.06
CA VAL U 100 -3.94 -68.66 -3.69
C VAL U 100 -2.89 -69.00 -2.63
N PRO U 101 -2.17 -70.10 -2.81
CA PRO U 101 -1.16 -70.47 -1.82
C PRO U 101 0.04 -69.54 -1.90
N LYS U 102 0.83 -69.54 -0.82
CA LYS U 102 1.94 -68.61 -0.69
C LYS U 102 2.95 -68.76 -1.83
N THR U 103 3.15 -69.99 -2.31
CA THR U 103 4.15 -70.22 -3.34
C THR U 103 3.71 -69.60 -4.67
N THR U 104 2.41 -69.60 -4.95
CA THR U 104 1.91 -68.95 -6.16
C THR U 104 2.16 -67.45 -6.12
N LEU U 105 1.92 -66.81 -4.98
CA LEU U 105 2.06 -65.37 -4.89
C LEU U 105 3.52 -64.93 -4.93
N THR U 106 4.37 -65.57 -4.13
CA THR U 106 5.81 -65.32 -4.19
C THR U 106 6.35 -65.44 -5.60
N SER U 107 5.92 -66.46 -6.34
CA SER U 107 6.43 -66.67 -7.69
C SER U 107 6.08 -65.51 -8.61
N SER U 108 4.84 -65.03 -8.55
CA SER U 108 4.45 -63.91 -9.39
C SER U 108 5.07 -62.59 -8.92
N LEU U 109 5.28 -62.45 -7.61
CA LEU U 109 5.85 -61.20 -7.08
C LEU U 109 7.34 -61.08 -7.32
N ASP U 110 8.06 -62.22 -7.32
CA ASP U 110 9.51 -62.18 -7.53
C ASP U 110 9.86 -61.65 -8.91
N LYS U 111 8.98 -61.85 -9.90
CA LYS U 111 9.26 -61.45 -11.27
C LYS U 111 9.44 -59.94 -11.41
N PHE U 112 9.09 -59.16 -10.39
CA PHE U 112 9.25 -57.71 -10.42
C PHE U 112 10.46 -57.25 -9.61
N LEU U 113 11.51 -58.07 -9.55
CA LEU U 113 12.71 -57.78 -8.77
C LEU U 113 12.37 -57.50 -7.30
N ILE V 10 14.93 86.49 17.34
CA ILE V 10 15.15 85.22 18.02
C ILE V 10 14.12 84.19 17.58
N GLN V 11 14.59 82.97 17.36
CA GLN V 11 13.74 81.91 16.83
C GLN V 11 12.66 81.51 17.82
N VAL V 12 11.49 81.16 17.28
CA VAL V 12 10.35 80.69 18.07
C VAL V 12 10.54 79.21 18.37
N VAL V 13 10.13 78.80 19.58
CA VAL V 13 10.08 77.40 19.97
C VAL V 13 8.66 77.08 20.43
N ASN V 14 8.21 75.85 20.22
CA ASN V 14 6.84 75.51 20.59
C ASN V 14 6.88 74.23 21.41
N ASP V 15 5.70 73.83 21.85
CA ASP V 15 5.56 72.52 22.47
C ASP V 15 6.04 71.42 21.55
N SER V 16 5.67 71.50 20.27
CA SER V 16 6.06 70.46 19.31
C SER V 16 7.58 70.43 19.12
N THR V 17 8.23 71.59 19.20
CA THR V 17 9.66 71.69 18.94
C THR V 17 10.49 71.78 20.21
N TRP V 18 9.87 71.70 21.38
CA TRP V 18 10.61 71.84 22.62
C TRP V 18 11.67 70.74 22.77
N ASP V 19 11.27 69.50 22.49
CA ASP V 19 12.18 68.36 22.65
C ASP V 19 13.39 68.51 21.73
N SER V 20 13.14 68.82 20.46
CA SER V 20 14.21 68.87 19.47
C SER V 20 15.08 70.12 19.64
N LEU V 21 14.50 71.25 20.03
CA LEU V 21 15.25 72.50 20.10
C LEU V 21 15.96 72.70 21.43
N VAL V 22 15.43 72.17 22.53
CA VAL V 22 15.98 72.40 23.86
C VAL V 22 16.56 71.12 24.47
N LEU V 23 15.76 70.06 24.55
CA LEU V 23 16.19 68.87 25.28
C LEU V 23 17.31 68.13 24.56
N LYS V 24 17.27 68.07 23.23
CA LYS V 24 18.30 67.37 22.47
C LYS V 24 19.35 68.32 21.91
N ALA V 25 19.37 69.57 22.38
CA ALA V 25 20.32 70.57 21.89
C ALA V 25 21.70 70.40 22.52
N THR V 26 22.68 70.97 21.84
CA THR V 26 24.06 71.03 22.32
C THR V 26 24.40 72.47 22.72
N GLY V 27 25.05 72.62 23.86
CA GLY V 27 25.42 73.94 24.30
C GLY V 27 24.32 74.62 25.09
N PRO V 28 24.60 75.83 25.59
CA PRO V 28 23.60 76.54 26.40
C PRO V 28 22.42 76.95 25.55
N VAL V 29 21.23 76.88 26.13
CA VAL V 29 19.99 77.25 25.47
C VAL V 29 19.25 78.25 26.35
N VAL V 30 18.82 79.37 25.74
CA VAL V 30 18.03 80.37 26.44
C VAL V 30 16.61 80.29 25.92
N VAL V 31 15.65 80.27 26.83
CA VAL V 31 14.25 80.28 26.48
C VAL V 31 13.61 81.47 27.17
N ASP V 32 12.98 82.34 26.39
CA ASP V 32 12.27 83.50 26.89
C ASP V 32 10.79 83.14 26.94
N PHE V 33 10.26 83.00 28.15
CA PHE V 33 8.84 82.72 28.31
C PHE V 33 8.10 84.03 28.29
N TRP V 34 7.26 84.22 27.27
CA TRP V 34 6.64 85.50 27.01
C TRP V 34 5.14 85.30 26.80
N ALA V 35 4.42 86.41 26.77
CA ALA V 35 3.01 86.44 26.54
C ALA V 35 2.72 87.68 25.70
N PRO V 36 1.77 87.61 24.77
CA PRO V 36 1.61 88.73 23.83
C PRO V 36 1.13 89.99 24.52
N TRP V 37 0.40 89.85 25.62
CA TRP V 37 -0.14 90.98 26.36
C TRP V 37 0.48 91.14 27.74
N CYS V 38 1.69 90.63 27.95
CA CYS V 38 2.43 90.84 29.20
C CYS V 38 3.53 91.87 28.93
N GLY V 39 3.39 93.06 29.52
CA GLY V 39 4.31 94.16 29.32
C GLY V 39 5.76 93.89 29.63
N PRO V 40 6.06 93.40 30.82
CA PRO V 40 7.44 93.15 31.19
C PRO V 40 8.19 92.26 30.21
N SER V 41 7.49 91.40 29.44
CA SER V 41 8.18 90.60 28.44
C SER V 41 8.61 91.43 27.23
N LYS V 42 7.80 92.42 26.84
CA LYS V 42 8.16 93.36 25.79
C LYS V 42 9.14 94.41 26.30
N MET V 43 9.24 94.60 27.62
CA MET V 43 10.25 95.52 28.14
C MET V 43 11.64 94.94 27.93
N ILE V 44 11.75 93.61 27.90
CA ILE V 44 13.01 92.94 27.63
C ILE V 44 13.13 92.51 26.17
N ASP V 45 12.08 92.71 25.36
CA ASP V 45 12.16 92.31 23.97
C ASP V 45 13.35 92.97 23.27
N PRO V 46 13.58 94.28 23.38
CA PRO V 46 14.85 94.82 22.87
C PRO V 46 16.08 94.28 23.61
N LEU V 47 15.96 93.95 24.89
CA LEU V 47 17.07 93.40 25.66
C LEU V 47 17.46 91.98 25.29
N VAL V 48 16.52 91.06 25.24
CA VAL V 48 16.95 89.69 24.97
C VAL V 48 17.47 89.62 23.54
N ASN V 49 17.00 90.51 22.66
CA ASN V 49 17.50 90.56 21.29
C ASN V 49 19.01 90.90 21.23
N ASP V 50 19.52 91.75 22.13
CA ASP V 50 20.97 91.86 22.27
C ASP V 50 21.61 90.58 22.78
N LEU V 51 21.07 90.02 23.86
CA LEU V 51 21.84 88.99 24.54
C LEU V 51 21.98 87.77 23.65
N ALA V 52 20.97 87.47 22.83
CA ALA V 52 21.14 86.42 21.83
C ALA V 52 22.27 86.77 20.86
N GLN V 53 22.33 88.02 20.42
CA GLN V 53 23.31 88.39 19.40
C GLN V 53 24.71 88.41 20.00
N HIS V 54 24.83 88.97 21.19
CA HIS V 54 26.07 88.98 21.95
C HIS V 54 26.55 87.55 22.30
N TYR V 55 25.66 86.56 22.27
CA TYR V 55 26.08 85.17 22.50
C TYR V 55 26.01 84.32 21.23
N THR V 56 26.10 84.94 20.06
CA THR V 56 26.03 84.21 18.79
C THR V 56 27.12 83.15 18.74
N GLY V 57 26.74 81.93 18.37
CA GLY V 57 27.70 80.85 18.33
C GLY V 57 28.11 80.36 19.70
N LYS V 58 27.70 81.06 20.76
CA LYS V 58 28.05 80.74 22.13
C LYS V 58 26.87 80.30 22.96
N ILE V 59 25.70 80.93 22.79
CA ILE V 59 24.47 80.51 23.44
C ILE V 59 23.32 80.67 22.44
N LYS V 60 22.49 79.65 22.32
CA LYS V 60 21.34 79.68 21.41
C LYS V 60 20.10 80.12 22.17
N PHE V 61 19.35 81.05 21.59
CA PHE V 61 18.19 81.66 22.20
C PHE V 61 16.92 81.25 21.48
N TYR V 62 15.85 81.01 22.23
CA TYR V 62 14.53 80.78 21.66
C TYR V 62 13.46 81.56 22.42
N LEU V 64 9.38 81.08 23.62
CA LEU V 64 8.17 80.30 23.87
C LEU V 64 7.09 81.20 24.48
N ASN V 65 6.00 81.40 23.75
CA ASN V 65 4.84 82.10 24.28
C ASN V 65 4.08 81.12 25.18
N THR V 66 4.10 81.38 26.49
CA THR V 66 3.48 80.44 27.43
C THR V 66 1.98 80.30 27.24
N ASP V 67 1.34 81.24 26.55
CA ASP V 67 -0.07 81.11 26.20
C ASP V 67 -0.30 80.58 24.79
N GLU V 68 0.62 80.85 23.85
CA GLU V 68 0.48 80.27 22.52
C GLU V 68 0.88 78.80 22.54
N SER V 69 1.74 78.42 23.48
CA SER V 69 2.14 77.04 23.71
C SER V 69 2.07 76.90 25.23
N PRO V 70 0.87 76.67 25.77
CA PRO V 70 0.70 76.70 27.22
C PRO V 70 1.24 75.48 27.94
N ASN V 71 1.54 74.43 27.19
CA ASN V 71 1.67 73.13 27.84
C ASN V 71 3.03 72.95 28.49
N THR V 72 4.09 73.50 27.86
CA THR V 72 5.45 73.40 28.40
C THR V 72 5.67 74.22 29.66
N PRO V 73 5.25 75.49 29.75
CA PRO V 73 5.45 76.23 31.01
C PRO V 73 4.81 75.57 32.22
N GLY V 74 3.66 74.90 32.04
CA GLY V 74 3.10 74.14 33.15
C GLY V 74 4.03 73.07 33.68
N GLN V 75 4.72 72.37 32.76
CA GLN V 75 5.63 71.30 33.17
C GLN V 75 6.83 71.85 33.94
N TYR V 76 7.29 73.06 33.60
CA TYR V 76 8.50 73.62 34.18
C TYR V 76 8.24 74.67 35.25
N GLY V 77 6.99 74.83 35.68
CA GLY V 77 6.72 75.74 36.79
C GLY V 77 6.83 77.21 36.47
N VAL V 78 6.64 77.61 35.22
CA VAL V 78 6.65 79.03 34.88
C VAL V 78 5.43 79.72 35.50
N ILE V 81 5.65 85.72 34.69
CA ILE V 81 6.00 86.16 33.35
C ILE V 81 6.49 87.60 33.41
N PRO V 82 7.63 87.89 32.77
CA PRO V 82 8.48 86.97 32.00
C PRO V 82 9.41 86.14 32.87
N THR V 83 9.84 85.01 32.31
CA THR V 83 10.87 84.17 32.89
C THR V 83 11.86 83.78 31.81
N ILE V 84 13.15 83.85 32.14
CA ILE V 84 14.22 83.43 31.25
C ILE V 84 14.85 82.19 31.88
N MET V 85 14.98 81.12 31.10
CA MET V 85 15.49 79.86 31.63
C MET V 85 16.68 79.40 30.80
N ILE V 86 17.69 78.84 31.44
CA ILE V 86 18.83 78.29 30.71
C ILE V 86 18.88 76.77 30.85
N PHE V 87 19.09 76.12 29.72
CA PHE V 87 19.17 74.67 29.63
C PHE V 87 20.52 74.27 29.04
N VAL V 88 21.12 73.22 29.60
CA VAL V 88 22.34 72.64 29.05
C VAL V 88 22.21 71.12 29.11
N GLY V 89 22.51 70.47 27.98
CA GLY V 89 22.40 69.02 27.88
C GLY V 89 21.03 68.49 28.20
N GLY V 90 19.99 69.23 27.83
CA GLY V 90 18.64 68.80 28.06
C GLY V 90 18.12 68.92 29.46
N GLU V 91 18.84 69.58 30.39
CA GLU V 91 18.28 69.79 31.72
C GLU V 91 18.34 71.24 32.14
N LYS V 92 17.33 71.66 32.90
CA LYS V 92 17.21 73.00 33.45
C LYS V 92 18.25 73.25 34.55
N LYS V 93 19.04 74.33 34.37
CA LYS V 93 20.07 74.72 35.32
C LYS V 93 19.83 76.06 36.01
N ASP V 94 19.20 77.03 35.35
CA ASP V 94 19.00 78.31 36.02
C ASP V 94 17.72 79.00 35.55
N THR V 95 17.21 79.88 36.42
CA THR V 95 15.95 80.59 36.20
C THR V 95 16.02 82.03 36.69
N ILE V 96 15.64 82.98 35.83
CA ILE V 96 15.55 84.40 36.18
C ILE V 96 14.12 84.86 35.94
N ILE V 97 13.48 85.41 36.97
CA ILE V 97 12.06 85.73 36.97
C ILE V 97 11.86 87.24 36.81
N GLY V 98 11.01 87.63 35.85
CA GLY V 98 10.57 89.00 35.74
C GLY V 98 11.46 89.86 34.86
N ALA V 99 11.00 91.10 34.64
CA ALA V 99 11.81 92.07 33.92
C ALA V 99 13.05 92.38 34.76
N VAL V 100 14.20 92.12 34.19
CA VAL V 100 15.47 92.22 34.90
C VAL V 100 16.46 93.06 34.10
N PRO V 101 17.45 93.72 34.72
CA PRO V 101 18.38 94.58 33.95
C PRO V 101 19.38 93.80 33.09
N LYS V 102 19.94 94.54 32.11
CA LYS V 102 20.82 93.99 31.07
C LYS V 102 22.13 93.45 31.62
N THR V 103 22.81 94.27 32.41
CA THR V 103 24.05 93.84 33.02
C THR V 103 23.83 92.71 34.00
N THR V 104 22.69 92.67 34.69
CA THR V 104 22.46 91.53 35.58
C THR V 104 22.31 90.23 34.76
N LEU V 105 21.65 90.31 33.58
CA LEU V 105 21.38 89.12 32.76
C LEU V 105 22.63 88.59 32.07
N THR V 106 23.44 89.47 31.48
CA THR V 106 24.82 89.09 31.09
C THR V 106 25.54 88.01 31.88
N SER V 108 24.40 86.58 34.19
CA SER V 108 24.14 85.18 34.49
C SER V 108 24.41 84.29 33.27
N LEU V 109 24.42 84.87 32.07
CA LEU V 109 24.73 84.10 30.88
C LEU V 109 26.23 83.92 30.69
N ASP V 110 27.04 84.89 31.13
CA ASP V 110 28.49 84.80 31.03
C ASP V 110 29.02 83.63 31.85
N PHE V 112 28.22 80.63 32.13
CA PHE V 112 28.20 79.42 31.32
C PHE V 112 29.29 79.45 30.26
N VAL W 10 -13.97 97.79 22.18
CA VAL W 10 -14.00 96.44 22.72
C VAL W 10 -14.16 96.49 24.23
N GLU W 11 -13.07 96.85 24.89
CA GLU W 11 -12.91 96.75 26.32
C GLU W 11 -13.70 97.84 27.04
N ILE W 12 -13.74 97.69 28.36
CA ILE W 12 -14.08 98.76 29.29
C ILE W 12 -12.89 99.04 30.22
N MET W 13 -11.68 98.68 29.76
CA MET W 13 -10.53 98.63 30.67
C MET W 13 -10.19 100.01 31.23
N ARG W 14 -10.16 101.03 30.38
CA ARG W 14 -9.49 102.28 30.75
C ARG W 14 -10.29 103.08 31.78
N LYS W 15 -11.62 102.94 31.78
CA LYS W 15 -12.43 103.85 32.59
C LYS W 15 -12.45 103.44 34.07
N PHE W 16 -12.93 102.23 34.36
CA PHE W 16 -12.96 101.72 35.73
C PHE W 16 -11.62 101.94 36.43
N SER W 17 -10.53 101.83 35.69
CA SER W 17 -9.19 101.87 36.23
C SER W 17 -8.63 103.29 36.33
N GLU W 18 -9.44 104.32 36.07
CA GLU W 18 -8.90 105.68 35.94
C GLU W 18 -8.28 106.19 37.23
N GLN W 19 -8.63 105.61 38.38
CA GLN W 19 -8.08 106.06 39.65
C GLN W 19 -7.59 104.89 40.50
N THR W 26 -1.69 105.36 42.89
CA THR W 26 -0.40 105.59 42.25
C THR W 26 -0.55 105.83 40.76
N TYR W 27 0.57 105.97 40.06
CA TYR W 27 0.57 106.46 38.70
C TYR W 27 1.46 105.59 37.82
N PHE W 28 1.41 105.85 36.51
CA PHE W 28 1.95 104.95 35.50
C PHE W 28 3.47 105.05 35.44
N CYS W 29 4.06 104.44 34.41
CA CYS W 29 5.50 104.35 34.28
C CYS W 29 5.96 105.16 33.06
N VAL W 30 7.29 105.21 32.87
CA VAL W 30 7.87 106.13 31.89
C VAL W 30 7.41 105.79 30.48
N ASP W 31 7.26 104.51 30.18
CA ASP W 31 6.92 104.02 28.85
C ASP W 31 5.53 103.41 28.92
N LYS W 32 4.49 104.23 28.60
CA LYS W 32 3.16 103.62 28.61
C LYS W 32 2.98 102.63 27.47
N GLY W 33 3.97 102.32 26.62
CA GLY W 33 3.84 101.16 25.75
C GLY W 33 3.85 99.92 26.60
N VAL W 34 4.87 99.81 27.46
CA VAL W 34 4.78 98.83 28.53
C VAL W 34 3.56 99.08 29.38
N THR W 35 3.22 100.34 29.62
CA THR W 35 2.14 100.62 30.55
C THR W 35 0.78 100.80 29.83
N SER W 36 0.65 100.31 28.60
CA SER W 36 -0.65 100.14 27.96
C SER W 36 -0.93 98.73 27.49
N VAL W 37 0.08 97.88 27.35
CA VAL W 37 -0.08 96.55 26.78
C VAL W 37 -1.04 95.68 27.60
N VAL W 38 -1.07 95.86 28.93
CA VAL W 38 -1.73 94.89 29.80
C VAL W 38 -3.13 95.32 30.26
N ILE W 39 -3.52 96.59 30.10
CA ILE W 39 -4.94 96.87 30.21
C ILE W 39 -5.65 96.30 28.98
N LYS W 40 -5.13 96.60 27.79
CA LYS W 40 -5.50 95.79 26.63
C LYS W 40 -5.25 94.31 26.85
N GLY W 41 -4.34 93.96 27.75
CA GLY W 41 -4.20 92.56 28.12
C GLY W 41 -5.25 92.12 29.13
N LEU W 42 -5.51 92.98 30.12
CA LEU W 42 -6.66 92.77 30.99
C LEU W 42 -7.96 92.82 30.20
N ALA W 43 -7.95 93.48 29.03
CA ALA W 43 -9.12 93.45 28.15
C ALA W 43 -9.39 92.03 27.66
N GLU W 44 -8.36 91.34 27.19
CA GLU W 44 -8.55 90.05 26.54
C GLU W 44 -9.14 89.01 27.47
N HIS W 45 -8.94 89.17 28.78
CA HIS W 45 -9.40 88.15 29.72
C HIS W 45 -10.84 88.34 30.13
N LYS W 46 -11.28 89.57 30.40
CA LYS W 46 -12.70 89.78 30.68
C LYS W 46 -13.57 89.49 29.46
N ASP W 47 -13.02 89.66 28.26
CA ASP W 47 -13.73 89.28 27.05
C ASP W 47 -13.96 87.77 27.01
N SER W 48 -12.94 87.00 27.40
CA SER W 48 -12.99 85.54 27.32
C SER W 48 -13.47 84.88 28.60
N TYR W 49 -13.00 85.33 29.77
CA TYR W 49 -13.30 84.66 31.02
C TYR W 49 -14.19 85.47 31.95
N GLY W 50 -14.65 86.65 31.54
CA GLY W 50 -15.50 87.47 32.37
C GLY W 50 -14.82 88.17 33.52
N ALA W 51 -13.57 87.85 33.82
CA ALA W 51 -12.82 88.48 34.89
C ALA W 51 -11.46 88.92 34.40
N PRO W 52 -10.93 90.03 34.91
CA PRO W 52 -9.60 90.49 34.49
C PRO W 52 -8.50 89.69 35.18
N LEU W 53 -7.57 89.16 34.39
CA LEU W 53 -6.48 88.35 34.91
C LEU W 53 -5.13 88.90 34.43
N PRO W 55 -2.72 91.57 36.56
CA PRO W 55 -1.63 91.89 35.62
C PRO W 55 -1.10 90.67 34.87
N CYS W 56 -0.42 90.96 33.76
CA CYS W 56 0.10 89.97 32.82
C CYS W 56 -0.76 88.71 32.66
N HIS W 58 0.89 83.43 33.91
CA HIS W 58 0.56 82.19 33.21
C HIS W 58 -0.73 81.58 33.75
N ASP W 60 -2.72 77.62 34.02
CA ASP W 60 -3.33 76.30 34.02
C ASP W 60 -4.85 76.40 34.00
N ASP W 61 -5.46 76.33 35.19
CA ASP W 61 -6.91 76.41 35.32
C ASP W 61 -7.32 77.88 35.36
N LYS W 62 -7.35 78.50 34.18
CA LYS W 62 -7.63 79.92 34.02
C LYS W 62 -9.07 80.30 34.37
N ALA W 63 -9.93 79.32 34.69
CA ALA W 63 -11.33 79.59 34.97
C ALA W 63 -11.71 79.30 36.41
N ALA W 64 -10.72 79.27 37.31
CA ALA W 64 -10.99 79.04 38.73
C ALA W 64 -10.22 80.02 39.60
N VAL W 66 -10.47 83.20 38.94
CA VAL W 66 -11.61 84.11 38.87
C VAL W 66 -12.28 84.25 40.23
N GLY W 67 -12.30 83.16 41.00
CA GLY W 67 -12.92 83.15 42.31
C GLY W 67 -12.20 84.03 43.32
N MET W 87 2.36 95.31 35.40
CA MET W 87 3.34 96.21 36.01
C MET W 87 3.00 97.69 35.68
N LEU W 88 1.76 98.10 35.92
CA LEU W 88 1.32 99.33 35.26
C LEU W 88 1.26 100.54 36.18
N PHE W 89 0.71 100.37 37.39
CA PHE W 89 0.82 101.40 38.40
C PHE W 89 1.63 100.83 39.55
N LEU W 90 2.79 101.44 39.78
CA LEU W 90 3.67 101.06 40.86
C LEU W 90 4.01 102.32 41.67
N THR W 91 4.61 102.11 42.83
CA THR W 91 4.81 103.18 43.80
C THR W 91 5.85 104.18 43.31
N PRO W 92 5.85 105.41 43.84
CA PRO W 92 6.63 106.49 43.22
C PRO W 92 8.13 106.27 43.22
N ASP W 93 8.67 105.48 44.15
CA ASP W 93 10.10 105.22 44.21
C ASP W 93 10.52 104.13 43.22
N ASN W 94 9.74 103.88 42.18
CA ASN W 94 10.13 102.94 41.14
C ASN W 94 10.91 103.69 40.06
N ASP W 95 12.12 103.22 39.75
CA ASP W 95 12.99 103.90 38.80
C ASP W 95 12.24 104.25 37.52
N PHE W 96 11.33 103.38 37.09
CA PHE W 96 10.60 103.58 35.86
C PHE W 96 9.26 104.30 36.06
N ALA W 97 9.01 104.84 37.25
CA ALA W 97 7.73 105.50 37.51
C ALA W 97 7.54 106.73 36.63
N GLY W 98 6.33 106.90 36.12
CA GLY W 98 5.94 108.07 35.37
C GLY W 98 5.05 108.96 36.22
N LYS W 99 5.05 110.26 35.91
CA LYS W 99 4.33 111.21 36.74
C LYS W 99 2.83 111.11 36.56
N ASP W 100 2.35 110.82 35.34
CA ASP W 100 0.93 110.61 35.09
C ASP W 100 0.51 109.29 35.72
N THR W 104 -7.90 110.93 26.66
CA THR W 104 -7.32 110.31 25.48
C THR W 104 -7.08 108.81 25.67
N SER W 105 -7.71 107.99 24.84
CA SER W 105 -7.44 106.55 24.77
C SER W 105 -6.98 106.14 23.37
N ASP W 106 -6.65 107.11 22.52
CA ASP W 106 -5.79 106.91 21.35
C ASP W 106 -4.36 106.62 21.78
N GLU W 107 -3.98 106.96 23.02
CA GLU W 107 -2.70 106.53 23.56
C GLU W 107 -2.44 105.06 23.23
N ILE W 108 -3.45 104.20 23.38
CA ILE W 108 -3.21 102.76 23.31
C ILE W 108 -2.99 102.31 21.87
N LYS W 109 -3.72 102.93 20.93
CA LYS W 109 -3.45 102.64 19.52
C LYS W 109 -2.24 103.43 19.05
N GLU W 110 -1.89 104.50 19.74
CA GLU W 110 -0.55 105.05 19.63
C GLU W 110 0.48 104.04 20.08
N THR W 111 0.19 103.26 21.14
CA THR W 111 1.21 102.33 21.64
C THR W 111 1.45 101.22 20.63
N THR W 112 0.41 100.69 20.02
CA THR W 112 0.52 99.55 19.12
C THR W 112 0.38 99.94 17.65
FE1 SF4 X . -4.09 46.73 16.90
FE2 SF4 X . -5.59 48.14 18.69
FE3 SF4 X . -6.55 47.70 16.17
FE4 SF4 X . -4.45 49.41 16.54
S1 SF4 X . -6.59 49.67 17.31
S2 SF4 X . -4.62 47.80 14.95
S3 SF4 X . -3.35 48.40 18.27
S4 SF4 X . -6.11 46.13 17.76
NA NA Y . -1.97 53.48 9.30
NA NA Z . 19.16 24.59 20.35
FE1 SF4 AA . 10.63 9.52 12.38
FE2 SF4 AA . 9.13 10.92 10.58
FE3 SF4 AA . 8.85 8.20 10.78
FE4 SF4 AA . 11.09 9.25 9.65
S1 SF4 AA . 8.98 9.42 8.86
S2 SF4 AA . 10.97 7.57 11.19
S3 SF4 AA . 11.36 11.13 10.93
S4 SF4 AA . 8.38 9.75 12.40
NA NA BA . 10.39 19.34 8.83
NA NA CA . -3.14 4.07 -0.83
FE1 SF4 DA . -18.24 -27.42 2.10
FE2 SF4 DA . -20.49 -26.78 3.53
FE3 SF4 DA . -18.12 -27.14 4.85
FE4 SF4 DA . -19.41 -29.29 3.72
S1 SF4 DA . -20.16 -27.97 5.45
S2 SF4 DA . -17.20 -28.81 3.59
S3 SF4 DA . -20.32 -28.33 1.85
S4 SF4 DA . -18.62 -25.52 3.33
NA NA EA . -15.53 -36.82 5.44
FE1 SF4 FA . 8.10 -9.62 -24.05
FE2 SF4 FA . 6.11 -10.82 -25.49
FE3 SF4 FA . 6.77 -11.75 -23.00
FE4 SF4 FA . 8.50 -12.14 -25.06
S1 SF4 FA . 6.41 -13.01 -24.85
S2 SF4 FA . 9.02 -11.40 -22.97
S3 SF4 FA . 8.18 -10.21 -26.26
S4 SF4 FA . 5.89 -9.71 -23.51
NA NA GA . 3.50 -19.09 -19.88
NA NA HA . -15.45 1.73 -41.36
FE1 SF4 IA . -12.96 -7.61 -59.05
FE2 SF4 IA . -14.35 -5.38 -59.82
FE3 SF4 IA . -15.25 -7.89 -60.50
FE4 SF4 IA . -13.02 -6.86 -61.69
S1 SF4 IA . -15.13 -6.07 -61.86
S2 SF4 IA . -13.29 -8.97 -60.84
S3 SF4 IA . -12.10 -5.69 -59.95
S4 SF4 IA . -15.05 -7.02 -58.39
NA NA JA . -13.50 -11.06 -51.35
NA NA KA . -17.99 6.52 -58.75
FE1 SF4 LA . 36.97 2.62 39.51
FE2 SF4 LA . 36.44 1.41 41.90
FE3 SF4 LA . 38.38 3.38 41.76
FE4 SF4 LA . 38.83 0.93 40.62
S1 SF4 LA . 38.55 1.38 42.84
S2 SF4 LA . 39.23 2.98 39.70
S3 SF4 LA . 36.73 0.38 39.89
S4 SF4 LA . 36.13 3.61 41.38
NA NA MA . 35.82 -7.98 45.87
FE1 SF4 NA . -20.73 -69.59 -3.35
FE2 SF4 NA . -21.15 -66.91 -3.67
FE3 SF4 NA . -23.28 -68.57 -3.10
FE4 SF4 NA . -22.07 -68.67 -5.56
S1 SF4 NA . -23.21 -66.91 -4.67
S2 SF4 NA . -22.65 -70.44 -4.26
S3 SF4 NA . -19.88 -68.26 -5.01
S4 SF4 NA . -21.48 -68.12 -1.78
#